data_5G47
#
_entry.id   5G47
#
_cell.length_a   147.360
_cell.length_b   152.270
_cell.length_c   160.380
_cell.angle_alpha   90.00
_cell.angle_beta   90.00
_cell.angle_gamma   90.00
#
_symmetry.space_group_name_H-M   'I 21 21 21'
#
loop_
_entity.id
_entity.type
_entity.pdbx_description
1 polymer 'SFTSV GC'
2 non-polymer 2-acetamido-2-deoxy-beta-D-glucopyranose
3 non-polymer 'CHLORIDE ION'
4 water water
#
_entity_poly.entity_id   1
_entity_poly.type   'polypeptide(L)'
_entity_poly.pdbx_seq_one_letter_code
;TGCDEMVHADSKLVSCRQGSGNMKECVTTGRALLPAVNPGQEACLHFTAPGSPDSKCLKIKVKRINLKCKKSSSYFVPDA
RSRCTSVRRCRWAGDCQSGCPPHFTSNSFSDDWAGKMDRAGLGFSGCSDGCGGAACGCFNAAPSCIFWRKWVENPHGIIW
KVSPCAAWVPSAVIELTMPSGEVRTFHPMSGIPTQVFKGVSVTYLGSDMEVSGLTDLCEIEELKSKKLALAPCNQAGMGV
VGKVGEIQCSSEESARTIKKDGCIWNADLVGIELRVDDAVCYSKITSVEAVANYSAIPTTIGGLRFERSHDSQGKISGSP
LDITAIRGSFSVNYRGLRLSLSEITATCTGEVTNVSGCYSCMTGAKVSIKLHSSKNSTAHVRCKGDETAFSVLEGVHSYT
VSLSFDHAVVDEQCQLNCGGHESQVTLKGNLIFLDVGTKHHHHHH
;
_entity_poly.pdbx_strand_id   A,B,C
#
loop_
_chem_comp.id
_chem_comp.type
_chem_comp.name
_chem_comp.formula
CL non-polymer 'CHLORIDE ION' 'Cl -1'
NAG D-saccharide, beta linking 2-acetamido-2-deoxy-beta-D-glucopyranose 'C8 H15 N O6'
#
# COMPACT_ATOMS: atom_id res chain seq x y z
N CYS A 3 -37.31 6.37 6.45
CA CYS A 3 -36.70 5.07 6.23
C CYS A 3 -36.19 4.97 4.79
N ASP A 4 -35.01 4.38 4.62
CA ASP A 4 -34.31 4.40 3.34
C ASP A 4 -34.57 3.14 2.54
N GLU A 5 -34.23 3.22 1.25
CA GLU A 5 -34.47 2.14 0.28
C GLU A 5 -33.26 1.21 0.29
N MET A 6 -33.34 0.15 1.09
CA MET A 6 -32.22 -0.75 1.29
C MET A 6 -32.48 -2.18 0.83
N VAL A 7 -33.72 -2.65 0.84
CA VAL A 7 -34.04 -4.00 0.39
C VAL A 7 -34.11 -3.98 -1.13
N HIS A 8 -33.18 -4.67 -1.79
CA HIS A 8 -33.11 -4.71 -3.24
C HIS A 8 -33.46 -6.07 -3.81
N ALA A 9 -33.84 -7.03 -2.97
CA ALA A 9 -34.32 -8.33 -3.42
C ALA A 9 -35.08 -8.99 -2.29
N ASP A 10 -36.21 -9.61 -2.63
CA ASP A 10 -37.00 -10.38 -1.69
C ASP A 10 -37.44 -11.66 -2.40
N SER A 11 -37.44 -12.77 -1.66
CA SER A 11 -37.65 -14.07 -2.27
C SER A 11 -38.39 -15.00 -1.32
N LYS A 12 -39.12 -15.94 -1.91
CA LYS A 12 -39.75 -17.04 -1.18
C LYS A 12 -39.01 -18.32 -1.54
N LEU A 13 -38.48 -19.01 -0.53
CA LEU A 13 -37.62 -20.16 -0.74
C LEU A 13 -38.21 -21.40 -0.07
N VAL A 14 -37.80 -22.56 -0.55
CA VAL A 14 -38.16 -23.84 0.04
C VAL A 14 -36.87 -24.45 0.59
N SER A 15 -36.71 -24.39 1.91
CA SER A 15 -35.52 -24.88 2.59
C SER A 15 -35.85 -26.17 3.34
N CYS A 16 -35.02 -27.18 3.16
CA CYS A 16 -35.19 -28.49 3.80
C CYS A 16 -33.96 -28.83 4.62
N ARG A 17 -34.11 -29.82 5.48
CA ARG A 17 -33.01 -30.26 6.33
C ARG A 17 -32.70 -31.74 6.14
N LYS A 24 -36.16 -35.14 5.09
CA LYS A 24 -36.46 -33.88 4.42
C LYS A 24 -37.58 -33.12 5.11
N GLU A 25 -37.21 -32.14 5.94
CA GLU A 25 -38.16 -31.27 6.62
C GLU A 25 -38.15 -29.94 5.86
N CYS A 26 -39.06 -29.82 4.90
CA CYS A 26 -39.10 -28.66 4.01
C CYS A 26 -40.09 -27.62 4.51
N VAL A 27 -39.67 -26.36 4.45
CA VAL A 27 -40.47 -25.23 4.91
C VAL A 27 -40.31 -24.09 3.92
N THR A 28 -41.42 -23.41 3.61
CA THR A 28 -41.36 -22.20 2.82
C THR A 28 -40.92 -21.03 3.69
N THR A 29 -39.88 -20.32 3.27
CA THR A 29 -39.30 -19.24 4.04
C THR A 29 -39.07 -18.02 3.16
N GLY A 30 -39.10 -16.85 3.77
CA GLY A 30 -38.80 -15.60 3.09
C GLY A 30 -37.40 -15.13 3.41
N ARG A 31 -36.77 -14.48 2.43
CA ARG A 31 -35.41 -13.99 2.60
C ARG A 31 -35.25 -12.70 1.82
N ALA A 32 -34.87 -11.63 2.52
CA ALA A 32 -34.64 -10.33 1.92
C ALA A 32 -33.15 -10.02 1.92
N LEU A 33 -32.69 -9.37 0.84
CA LEU A 33 -31.28 -9.07 0.65
C LEU A 33 -31.07 -7.57 0.64
N LEU A 34 -30.16 -7.10 1.50
CA LEU A 34 -29.79 -5.69 1.60
C LEU A 34 -28.32 -5.61 1.20
N PRO A 35 -28.02 -5.45 -0.10
CA PRO A 35 -26.63 -5.65 -0.56
C PRO A 35 -25.70 -4.48 -0.29
N ALA A 36 -26.21 -3.28 -0.07
CA ALA A 36 -25.33 -2.10 0.05
C ALA A 36 -25.97 -1.11 1.02
N VAL A 37 -25.49 -1.11 2.26
CA VAL A 37 -25.97 -0.19 3.29
C VAL A 37 -24.78 0.63 3.76
N ASN A 38 -24.83 1.94 3.52
CA ASN A 38 -23.78 2.84 3.98
C ASN A 38 -23.97 3.16 5.46
N PRO A 39 -22.90 3.54 6.15
CA PRO A 39 -23.03 3.95 7.56
C PRO A 39 -23.98 5.15 7.69
N GLY A 40 -24.95 5.01 8.58
CA GLY A 40 -26.00 6.00 8.75
C GLY A 40 -27.31 5.65 8.06
N GLN A 41 -27.25 4.82 7.02
CA GLN A 41 -28.47 4.39 6.33
C GLN A 41 -29.20 3.34 7.15
N GLU A 42 -30.51 3.29 6.96
CA GLU A 42 -31.38 2.49 7.83
C GLU A 42 -32.54 1.93 7.02
N ALA A 43 -32.81 0.65 7.20
CA ALA A 43 -33.95 -0.02 6.60
C ALA A 43 -35.00 -0.30 7.65
N CYS A 44 -36.28 -0.18 7.26
CA CYS A 44 -37.40 -0.43 8.16
C CYS A 44 -38.27 -1.52 7.54
N LEU A 45 -38.32 -2.67 8.20
CA LEU A 45 -39.02 -3.84 7.69
C LEU A 45 -40.22 -4.14 8.57
N HIS A 46 -41.39 -4.25 7.95
CA HIS A 46 -42.63 -4.57 8.64
C HIS A 46 -43.03 -6.00 8.33
N PHE A 47 -43.39 -6.76 9.36
CA PHE A 47 -43.76 -8.16 9.24
C PHE A 47 -45.17 -8.36 9.78
N THR A 48 -46.06 -8.86 8.93
CA THR A 48 -47.44 -9.17 9.31
C THR A 48 -47.66 -10.67 9.28
N ALA A 49 -48.44 -11.17 10.22
CA ALA A 49 -48.82 -12.57 10.27
C ALA A 49 -50.06 -12.82 9.45
N PRO A 50 -50.30 -14.05 9.01
CA PRO A 50 -51.54 -14.34 8.27
C PRO A 50 -52.79 -14.04 9.05
N GLY A 51 -52.75 -14.15 10.38
CA GLY A 51 -53.90 -13.85 11.21
C GLY A 51 -54.02 -12.38 11.56
N SER A 52 -52.99 -11.84 12.22
CA SER A 52 -53.03 -10.45 12.64
C SER A 52 -52.81 -9.53 11.44
N PRO A 53 -53.62 -8.49 11.26
CA PRO A 53 -53.51 -7.62 10.08
C PRO A 53 -52.51 -6.49 10.22
N ASP A 54 -51.83 -6.33 11.35
CA ASP A 54 -50.84 -5.28 11.53
C ASP A 54 -49.44 -5.90 11.63
N SER A 55 -48.44 -5.03 11.69
CA SER A 55 -47.06 -5.41 11.45
C SER A 55 -46.18 -5.19 12.68
N LYS A 56 -45.15 -6.02 12.79
CA LYS A 56 -44.04 -5.79 13.71
C LYS A 56 -42.92 -5.10 12.93
N CYS A 57 -42.35 -4.06 13.52
CA CYS A 57 -41.35 -3.23 12.85
C CYS A 57 -39.95 -3.63 13.31
N LEU A 58 -39.07 -3.87 12.34
CA LEU A 58 -37.67 -4.15 12.60
C LEU A 58 -36.83 -3.18 11.78
N LYS A 59 -35.89 -2.50 12.45
CA LYS A 59 -35.06 -1.49 11.81
C LYS A 59 -33.60 -1.93 11.85
N ILE A 60 -32.95 -1.93 10.69
CA ILE A 60 -31.57 -2.37 10.54
C ILE A 60 -30.74 -1.18 10.08
N LYS A 61 -29.70 -0.86 10.84
CA LYS A 61 -28.87 0.31 10.59
C LYS A 61 -27.40 -0.07 10.71
N VAL A 62 -26.60 0.42 9.76
CA VAL A 62 -25.15 0.37 9.87
C VAL A 62 -24.72 1.65 10.58
N LYS A 63 -24.29 1.52 11.84
CA LYS A 63 -23.87 2.69 12.60
C LYS A 63 -22.50 3.18 12.12
N ARG A 64 -21.53 2.27 12.08
CA ARG A 64 -20.17 2.61 11.69
C ARG A 64 -19.50 1.37 11.11
N ILE A 65 -18.58 1.60 10.17
CA ILE A 65 -17.64 0.58 9.72
C ILE A 65 -16.25 1.14 9.92
N ASN A 66 -15.51 0.58 10.87
CA ASN A 66 -14.19 1.09 11.23
C ASN A 66 -13.10 0.27 10.57
N LEU A 67 -12.07 0.95 10.09
CA LEU A 67 -10.87 0.31 9.60
C LEU A 67 -9.89 0.13 10.75
N LYS A 68 -9.47 -1.11 10.99
CA LYS A 68 -8.60 -1.45 12.11
C LYS A 68 -7.18 -1.69 11.60
N CYS A 69 -6.20 -1.11 12.27
CA CYS A 69 -4.81 -1.31 11.92
C CYS A 69 -4.39 -2.73 12.28
N LYS A 70 -4.06 -3.54 11.27
CA LYS A 70 -3.52 -4.87 11.49
C LYS A 70 -2.01 -4.73 11.62
N LYS A 71 -1.53 -4.78 12.86
CA LYS A 71 -0.16 -4.39 13.17
C LYS A 71 0.83 -5.51 12.86
N SER A 72 2.03 -5.10 12.45
CA SER A 72 3.18 -5.98 12.43
C SER A 72 3.93 -5.83 13.76
N SER A 73 5.19 -6.25 13.81
CA SER A 73 5.95 -6.17 15.04
C SER A 73 6.15 -4.73 15.48
N SER A 74 5.92 -4.47 16.76
CA SER A 74 6.07 -3.14 17.34
C SER A 74 7.50 -2.93 17.86
N TYR A 75 7.84 -1.66 18.05
CA TYR A 75 9.16 -1.30 18.57
C TYR A 75 9.04 0.07 19.22
N PHE A 76 10.17 0.54 19.77
CA PHE A 76 10.22 1.79 20.52
C PHE A 76 11.28 2.70 19.94
N VAL A 77 10.97 4.00 19.86
CA VAL A 77 11.90 4.98 19.33
C VAL A 77 12.16 6.05 20.39
N PRO A 78 13.40 6.47 20.57
CA PRO A 78 13.70 7.54 21.52
C PRO A 78 13.73 8.91 20.86
N ASP A 79 13.54 9.94 21.69
CA ASP A 79 13.71 11.32 21.26
C ASP A 79 15.21 11.59 21.26
N ALA A 80 15.84 11.33 20.12
CA ALA A 80 17.29 11.18 20.05
C ALA A 80 17.97 12.52 19.73
N ARG A 81 19.11 12.75 20.38
CA ARG A 81 19.94 13.93 20.16
C ARG A 81 21.33 13.48 19.74
N SER A 82 21.83 14.05 18.65
CA SER A 82 23.19 13.77 18.22
C SER A 82 24.20 14.33 19.21
N ARG A 83 25.38 13.72 19.25
CA ARG A 83 26.40 14.11 20.20
C ARG A 83 27.70 13.40 19.86
N CYS A 84 28.82 14.11 20.00
CA CYS A 84 30.12 13.46 19.86
C CYS A 84 31.19 14.30 20.55
N THR A 85 32.34 13.66 20.78
CA THR A 85 33.46 14.28 21.47
C THR A 85 34.75 13.66 20.93
N SER A 86 35.87 14.27 21.31
CA SER A 86 37.17 13.80 20.84
C SER A 86 38.27 14.36 21.72
N VAL A 87 39.36 13.61 21.84
CA VAL A 87 40.58 14.06 22.49
C VAL A 87 41.76 13.64 21.64
N ARG A 88 42.83 14.43 21.70
CA ARG A 88 44.03 14.20 20.90
C ARG A 88 45.22 14.03 21.83
N ARG A 89 46.00 12.98 21.61
CA ARG A 89 47.14 12.65 22.46
C ARG A 89 48.36 12.38 21.59
N CYS A 90 49.52 12.90 22.03
CA CYS A 90 50.76 12.67 21.31
C CYS A 90 51.14 11.18 21.38
N ARG A 91 52.12 10.79 20.56
CA ARG A 91 52.44 9.38 20.37
C ARG A 91 53.16 8.75 21.55
N TRP A 92 53.56 9.53 22.56
CA TRP A 92 54.17 8.99 23.76
C TRP A 92 53.44 9.41 25.02
N ALA A 93 52.20 9.86 24.90
CA ALA A 93 51.38 10.27 26.02
C ALA A 93 50.09 9.47 26.04
N GLY A 94 49.59 9.20 27.24
CA GLY A 94 48.28 8.57 27.34
C GLY A 94 48.32 7.15 26.81
N ASP A 95 47.17 6.69 26.31
CA ASP A 95 47.07 5.37 25.69
C ASP A 95 47.69 5.34 24.30
N CYS A 96 47.78 6.47 23.62
CA CYS A 96 48.50 6.57 22.35
C CYS A 96 50.00 6.38 22.53
N GLN A 97 50.48 5.13 22.58
CA GLN A 97 51.91 4.87 22.75
C GLN A 97 52.60 4.43 21.47
N SER A 98 51.86 3.84 20.53
CA SER A 98 52.39 3.40 19.24
C SER A 98 51.30 3.56 18.19
N GLY A 99 50.89 4.81 17.95
CA GLY A 99 49.78 5.04 17.05
C GLY A 99 48.47 4.59 17.68
N CYS A 100 47.48 4.38 16.82
CA CYS A 100 46.16 3.96 17.29
C CYS A 100 46.20 2.49 17.69
N PRO A 101 45.89 2.15 18.93
CA PRO A 101 45.93 0.74 19.36
C PRO A 101 44.83 -0.06 18.67
N PRO A 102 45.14 -1.30 18.27
CA PRO A 102 44.12 -2.10 17.57
C PRO A 102 42.92 -2.46 18.44
N HIS A 103 43.11 -2.55 19.76
CA HIS A 103 41.99 -2.93 20.63
C HIS A 103 40.91 -1.87 20.68
N PHE A 104 41.28 -0.61 20.45
CA PHE A 104 40.33 0.50 20.53
C PHE A 104 39.45 0.45 19.29
N THR A 105 38.24 -0.10 19.43
CA THR A 105 37.31 -0.23 18.31
C THR A 105 36.08 0.64 18.50
N SER A 106 34.98 0.25 17.86
CA SER A 106 33.76 1.07 17.84
C SER A 106 33.06 1.13 19.19
N ASN A 107 33.31 0.17 20.08
CA ASN A 107 32.71 0.16 21.41
C ASN A 107 33.72 0.47 22.51
N SER A 108 34.92 0.92 22.15
CA SER A 108 35.92 1.28 23.15
C SER A 108 35.70 2.71 23.62
N PHE A 109 36.09 2.96 24.87
CA PHE A 109 35.94 4.26 25.50
C PHE A 109 37.28 4.72 26.06
N SER A 110 37.54 6.02 25.94
CA SER A 110 38.75 6.63 26.47
C SER A 110 38.42 7.38 27.75
N ASP A 111 39.23 7.19 28.78
CA ASP A 111 39.02 7.88 30.05
C ASP A 111 39.41 9.35 30.00
N ASP A 112 39.82 9.86 28.84
CA ASP A 112 40.24 11.25 28.69
C ASP A 112 39.17 12.13 28.06
N TRP A 113 38.01 11.57 27.69
CA TRP A 113 36.96 12.35 27.04
C TRP A 113 36.35 13.38 27.96
N ALA A 114 36.51 13.23 29.28
CA ALA A 114 36.15 14.21 30.29
C ALA A 114 34.66 14.53 30.32
N GLY A 115 33.83 13.70 29.71
CA GLY A 115 32.39 13.90 29.71
C GLY A 115 31.70 12.80 30.50
N LYS A 116 30.58 13.15 31.13
CA LYS A 116 29.77 12.17 31.85
C LYS A 116 28.98 11.34 30.84
N MET A 117 29.70 10.45 30.16
CA MET A 117 29.17 9.70 29.04
C MET A 117 28.62 8.35 29.49
N ASP A 118 27.58 7.90 28.79
CA ASP A 118 26.94 6.62 29.08
C ASP A 118 27.70 5.54 28.32
N ARG A 119 28.50 4.77 29.05
CA ARG A 119 29.30 3.70 28.45
C ARG A 119 28.45 2.50 28.02
N ALA A 120 27.16 2.49 28.36
CA ALA A 120 26.23 1.49 27.85
C ALA A 120 25.35 2.04 26.73
N GLY A 121 25.60 3.27 26.28
CA GLY A 121 24.74 3.90 25.31
C GLY A 121 25.11 3.57 23.87
N LEU A 122 24.14 3.78 22.99
CA LEU A 122 24.33 3.48 21.57
C LEU A 122 25.23 4.53 20.93
N GLY A 123 26.25 4.07 20.22
CA GLY A 123 27.16 4.99 19.58
C GLY A 123 28.27 4.26 18.85
N PHE A 124 29.24 5.04 18.39
CA PHE A 124 30.34 4.51 17.58
C PHE A 124 31.60 5.26 17.92
N SER A 125 32.64 4.53 18.32
CA SER A 125 33.94 5.11 18.67
C SER A 125 34.96 4.78 17.60
N GLY A 126 36.14 5.37 17.75
CA GLY A 126 37.22 5.13 16.82
C GLY A 126 38.45 5.94 17.18
N CYS A 127 39.58 5.47 16.67
CA CYS A 127 40.86 6.17 16.80
C CYS A 127 41.40 6.47 15.42
N SER A 128 41.85 7.71 15.22
CA SER A 128 42.43 8.14 13.96
C SER A 128 43.69 8.94 14.24
N ASP A 129 44.47 9.17 13.19
CA ASP A 129 45.75 9.87 13.29
C ASP A 129 45.55 11.37 13.12
N GLY A 130 46.42 12.14 13.78
CA GLY A 130 46.34 13.58 13.70
C GLY A 130 47.68 14.24 13.45
N CYS A 131 47.76 15.55 13.68
CA CYS A 131 49.01 16.28 13.53
C CYS A 131 50.07 15.73 14.49
N GLY A 132 51.33 15.78 14.06
CA GLY A 132 52.38 15.10 14.78
C GLY A 132 53.44 15.99 15.39
N GLY A 133 54.07 16.84 14.58
CA GLY A 133 55.22 17.60 15.01
C GLY A 133 54.98 18.59 16.13
N ALA A 134 56.04 19.32 16.52
CA ALA A 134 55.93 20.33 17.57
C ALA A 134 55.08 21.51 17.16
N ALA A 135 54.75 21.65 15.87
CA ALA A 135 53.88 22.73 15.42
C ALA A 135 52.49 22.62 16.03
N CYS A 136 52.10 21.46 16.53
CA CYS A 136 50.81 21.26 17.18
C CYS A 136 50.96 20.75 18.60
N GLY A 137 52.10 21.04 19.23
CA GLY A 137 52.29 20.76 20.64
C GLY A 137 52.59 19.33 21.01
N CYS A 138 53.50 18.69 20.29
CA CYS A 138 53.95 17.34 20.61
C CYS A 138 55.46 17.26 20.41
N PHE A 139 56.17 16.77 21.43
CA PHE A 139 57.60 16.56 21.30
C PHE A 139 57.91 15.56 20.20
N ASN A 140 57.19 14.44 20.17
CA ASN A 140 57.36 13.45 19.12
C ASN A 140 56.88 14.02 17.79
N ALA A 141 57.56 13.64 16.71
CA ALA A 141 57.24 14.17 15.39
C ALA A 141 56.29 13.28 14.60
N ALA A 142 56.15 12.01 14.98
CA ALA A 142 55.25 11.10 14.30
C ALA A 142 53.79 11.46 14.63
N PRO A 143 52.85 11.11 13.76
CA PRO A 143 51.49 11.65 13.90
C PRO A 143 50.75 11.08 15.10
N SER A 144 50.00 11.95 15.79
CA SER A 144 49.40 11.65 17.06
C SER A 144 48.13 10.82 16.87
N CYS A 145 47.33 10.68 17.94
CA CYS A 145 46.12 9.89 17.94
C CYS A 145 44.93 10.76 18.32
N ILE A 146 43.82 10.58 17.62
CA ILE A 146 42.56 11.25 17.92
C ILE A 146 41.58 10.17 18.37
N PHE A 147 41.20 10.19 19.65
CA PHE A 147 40.21 9.27 20.18
C PHE A 147 38.86 9.97 20.17
N TRP A 148 37.93 9.46 19.36
CA TRP A 148 36.65 10.09 19.13
C TRP A 148 35.52 9.08 19.28
N ARG A 149 34.32 9.60 19.48
CA ARG A 149 33.12 8.77 19.52
C ARG A 149 31.91 9.64 19.18
N LYS A 150 31.13 9.20 18.20
CA LYS A 150 29.84 9.79 17.91
C LYS A 150 28.76 8.87 18.48
N TRP A 151 27.80 9.46 19.20
CA TRP A 151 26.75 8.66 19.81
C TRP A 151 25.48 9.49 19.85
N VAL A 152 24.44 8.91 20.45
CA VAL A 152 23.12 9.53 20.51
C VAL A 152 22.54 9.32 21.90
N GLU A 153 21.78 10.29 22.37
CA GLU A 153 21.25 10.27 23.72
C GLU A 153 19.81 10.74 23.72
N ASN A 154 19.09 10.38 24.78
CA ASN A 154 17.68 10.71 24.94
C ASN A 154 17.49 11.51 26.23
N PRO A 155 17.71 12.83 26.18
CA PRO A 155 17.31 13.67 27.31
C PRO A 155 15.80 13.70 27.42
N HIS A 156 15.32 14.02 28.63
CA HIS A 156 13.90 14.08 28.96
C HIS A 156 13.25 12.70 28.92
N GLY A 157 13.95 11.71 28.37
CA GLY A 157 13.49 10.33 28.39
C GLY A 157 12.15 10.08 27.70
N ILE A 158 11.89 10.80 26.62
CA ILE A 158 10.63 10.62 25.89
C ILE A 158 10.75 9.43 24.95
N ILE A 159 9.75 8.55 24.98
CA ILE A 159 9.73 7.32 24.19
C ILE A 159 8.39 7.22 23.49
N TRP A 160 8.41 6.72 22.25
CA TRP A 160 7.20 6.40 21.49
C TRP A 160 7.16 4.91 21.19
N LYS A 161 5.96 4.34 21.27
CA LYS A 161 5.73 2.99 20.77
C LYS A 161 5.22 3.07 19.34
N VAL A 162 5.91 2.38 18.43
CA VAL A 162 5.61 2.44 17.00
C VAL A 162 5.12 1.07 16.55
N SER A 163 3.95 1.03 15.91
CA SER A 163 3.35 -0.21 15.42
C SER A 163 2.97 -0.03 13.96
N PRO A 164 3.77 -0.53 13.03
CA PRO A 164 3.42 -0.41 11.61
C PRO A 164 2.14 -1.16 11.29
N CYS A 165 1.28 -0.53 10.48
CA CYS A 165 0.03 -1.14 10.05
C CYS A 165 0.30 -1.90 8.75
N ALA A 166 0.43 -3.22 8.85
CA ALA A 166 0.70 -4.03 7.68
C ALA A 166 -0.51 -4.07 6.74
N ALA A 167 -1.71 -3.88 7.28
CA ALA A 167 -2.94 -3.88 6.48
C ALA A 167 -4.05 -3.29 7.35
N TRP A 168 -5.18 -3.03 6.71
CA TRP A 168 -6.36 -2.50 7.37
C TRP A 168 -7.56 -3.38 7.06
N VAL A 169 -8.37 -3.67 8.08
CA VAL A 169 -9.53 -4.54 7.91
C VAL A 169 -10.77 -3.80 8.40
N PRO A 170 -11.92 -3.99 7.76
CA PRO A 170 -13.14 -3.31 8.23
C PRO A 170 -13.75 -4.03 9.42
N SER A 171 -14.28 -3.24 10.35
CA SER A 171 -14.98 -3.75 11.53
C SER A 171 -16.32 -3.05 11.63
N ALA A 172 -17.39 -3.77 11.30
CA ALA A 172 -18.71 -3.15 11.23
C ALA A 172 -19.37 -3.11 12.61
N VAL A 173 -20.06 -2.02 12.89
CA VAL A 173 -20.88 -1.87 14.09
C VAL A 173 -22.31 -1.64 13.60
N ILE A 174 -23.16 -2.65 13.79
CA ILE A 174 -24.54 -2.58 13.33
C ILE A 174 -25.46 -2.31 14.51
N GLU A 175 -26.67 -1.89 14.20
CA GLU A 175 -27.63 -1.42 15.20
C GLU A 175 -29.03 -1.88 14.79
N LEU A 176 -29.62 -2.76 15.60
CA LEU A 176 -30.91 -3.36 15.31
C LEU A 176 -31.95 -2.84 16.29
N THR A 177 -33.06 -2.33 15.77
CA THR A 177 -34.16 -1.82 16.59
C THR A 177 -35.29 -2.83 16.57
N MET A 178 -35.68 -3.30 17.76
CA MET A 178 -36.73 -4.30 17.89
C MET A 178 -38.10 -3.64 17.85
N PRO A 179 -39.15 -4.41 17.56
CA PRO A 179 -40.51 -3.86 17.66
C PRO A 179 -40.85 -3.36 19.06
N SER A 180 -40.17 -3.87 20.09
CA SER A 180 -40.34 -3.35 21.44
C SER A 180 -39.71 -1.99 21.64
N GLY A 181 -38.91 -1.51 20.68
CA GLY A 181 -38.16 -0.29 20.83
C GLY A 181 -36.74 -0.48 21.33
N GLU A 182 -36.41 -1.65 21.84
CA GLU A 182 -35.05 -1.92 22.29
C GLU A 182 -34.09 -1.86 21.11
N VAL A 183 -32.94 -1.24 21.32
CA VAL A 183 -31.90 -1.10 20.31
C VAL A 183 -30.70 -1.96 20.72
N ARG A 184 -30.24 -2.79 19.81
CA ARG A 184 -29.10 -3.68 20.04
C ARG A 184 -27.96 -3.26 19.12
N THR A 185 -26.89 -2.74 19.70
CA THR A 185 -25.70 -2.31 18.98
C THR A 185 -24.58 -3.29 19.27
N PHE A 186 -23.99 -3.87 18.22
CA PHE A 186 -22.95 -4.87 18.40
C PHE A 186 -22.16 -5.01 17.11
N HIS A 187 -20.96 -5.58 17.25
CA HIS A 187 -20.14 -5.94 16.11
C HIS A 187 -20.54 -7.34 15.65
N PRO A 188 -21.15 -7.49 14.49
CA PRO A 188 -21.66 -8.80 14.09
C PRO A 188 -20.55 -9.72 13.58
N MET A 189 -20.83 -11.02 13.66
CA MET A 189 -19.99 -12.04 13.05
C MET A 189 -20.54 -12.34 11.66
N SER A 190 -19.69 -12.21 10.65
CA SER A 190 -20.13 -12.40 9.27
C SER A 190 -20.58 -13.85 9.05
N GLY A 191 -21.79 -14.01 8.51
CA GLY A 191 -22.33 -15.32 8.24
C GLY A 191 -23.08 -15.97 9.38
N ILE A 192 -23.08 -15.36 10.56
CA ILE A 192 -23.75 -15.92 11.74
C ILE A 192 -25.12 -15.25 11.87
N PRO A 193 -26.21 -16.01 11.88
CA PRO A 193 -27.54 -15.39 12.03
C PRO A 193 -27.74 -14.88 13.44
N THR A 194 -28.37 -13.71 13.55
CA THR A 194 -28.72 -13.11 14.83
C THR A 194 -30.24 -13.12 14.97
N GLN A 195 -30.74 -13.91 15.91
CA GLN A 195 -32.17 -13.98 16.15
C GLN A 195 -32.64 -12.68 16.79
N VAL A 196 -33.62 -12.03 16.16
CA VAL A 196 -34.14 -10.76 16.64
C VAL A 196 -35.48 -10.94 17.37
N PHE A 197 -36.42 -11.63 16.74
CA PHE A 197 -37.67 -11.99 17.40
C PHE A 197 -38.25 -13.21 16.70
N LYS A 198 -39.48 -13.58 17.10
CA LYS A 198 -40.11 -14.82 16.66
C LYS A 198 -40.20 -14.93 15.14
N GLY A 199 -39.41 -15.85 14.57
CA GLY A 199 -39.47 -16.15 13.16
C GLY A 199 -38.55 -15.34 12.27
N VAL A 200 -37.81 -14.38 12.83
CA VAL A 200 -36.95 -13.50 12.04
C VAL A 200 -35.54 -13.55 12.58
N SER A 201 -34.57 -13.59 11.67
CA SER A 201 -33.15 -13.47 12.00
C SER A 201 -32.48 -12.63 10.92
N VAL A 202 -31.47 -11.88 11.31
CA VAL A 202 -30.68 -11.06 10.39
C VAL A 202 -29.25 -11.56 10.41
N THR A 203 -28.61 -11.55 9.24
CA THR A 203 -27.25 -12.02 9.08
C THR A 203 -26.44 -10.94 8.37
N TYR A 204 -25.29 -10.59 8.93
CA TYR A 204 -24.37 -9.66 8.29
C TYR A 204 -23.47 -10.43 7.33
N LEU A 205 -23.43 -10.00 6.08
CA LEU A 205 -22.75 -10.75 5.03
C LEU A 205 -21.33 -10.26 4.75
N GLY A 206 -20.93 -9.12 5.31
CA GLY A 206 -19.60 -8.60 5.13
C GLY A 206 -19.61 -7.13 4.79
N SER A 207 -18.42 -6.57 4.63
CA SER A 207 -18.22 -5.16 4.35
C SER A 207 -17.48 -4.98 3.04
N ASP A 208 -17.76 -3.87 2.36
CA ASP A 208 -17.05 -3.47 1.16
C ASP A 208 -16.49 -2.07 1.35
N MET A 209 -15.28 -1.84 0.87
CA MET A 209 -14.66 -0.53 0.93
C MET A 209 -13.95 -0.24 -0.38
N GLU A 210 -14.17 0.97 -0.91
CA GLU A 210 -13.67 1.31 -2.24
C GLU A 210 -12.28 1.92 -2.22
N VAL A 211 -11.88 2.56 -1.11
CA VAL A 211 -10.55 3.15 -1.03
C VAL A 211 -9.51 2.03 -1.01
N SER A 212 -8.57 2.09 -1.95
CA SER A 212 -7.58 1.04 -2.13
C SER A 212 -6.19 1.65 -2.29
N GLY A 213 -5.18 0.81 -2.09
CA GLY A 213 -3.80 1.24 -2.20
C GLY A 213 -3.36 2.26 -1.18
N LEU A 214 -3.91 2.21 0.03
CA LEU A 214 -3.54 3.16 1.07
C LEU A 214 -2.05 3.11 1.37
N THR A 215 -1.44 4.28 1.51
CA THR A 215 -0.02 4.37 1.76
C THR A 215 0.33 3.78 3.13
N ASP A 216 1.59 3.36 3.26
CA ASP A 216 2.04 2.71 4.48
C ASP A 216 2.01 3.68 5.65
N LEU A 217 1.34 3.27 6.74
CA LEU A 217 1.17 4.09 7.92
C LEU A 217 1.52 3.27 9.16
N CYS A 218 1.80 3.98 10.25
CA CYS A 218 2.22 3.36 11.50
C CYS A 218 1.54 4.05 12.67
N GLU A 219 1.07 3.25 13.62
CA GLU A 219 0.52 3.78 14.87
C GLU A 219 1.67 4.20 15.78
N ILE A 220 1.67 5.47 16.20
CA ILE A 220 2.73 6.03 17.03
C ILE A 220 2.09 6.56 18.31
N GLU A 221 2.60 6.11 19.45
CA GLU A 221 2.02 6.44 20.75
C GLU A 221 3.10 6.91 21.69
N GLU A 222 2.98 8.14 22.19
CA GLU A 222 3.84 8.62 23.26
C GLU A 222 3.47 7.90 24.55
N LEU A 223 4.47 7.44 25.29
CA LEU A 223 4.22 6.44 26.32
C LEU A 223 3.59 7.01 27.59
N LYS A 224 3.87 8.28 27.92
CA LYS A 224 3.32 8.86 29.14
C LYS A 224 2.51 10.13 28.88
N SER A 225 2.29 10.49 27.62
CA SER A 225 1.24 11.44 27.26
C SER A 225 0.08 10.78 26.53
N LYS A 226 0.29 9.58 25.98
CA LYS A 226 -0.75 8.77 25.37
C LYS A 226 -1.32 9.38 24.08
N LYS A 227 -0.78 10.50 23.63
CA LYS A 227 -1.25 11.10 22.38
C LYS A 227 -0.80 10.24 21.20
N LEU A 228 -1.69 10.11 20.21
CA LEU A 228 -1.51 9.21 19.10
C LEU A 228 -1.16 9.96 17.83
N ALA A 229 -0.49 9.27 16.92
CA ALA A 229 -0.15 9.80 15.60
C ALA A 229 -0.12 8.65 14.60
N LEU A 230 -0.20 9.01 13.32
CA LEU A 230 -0.26 8.04 12.23
C LEU A 230 0.58 8.58 11.08
N ALA A 231 1.71 7.95 10.82
CA ALA A 231 2.70 8.49 9.90
C ALA A 231 3.53 7.34 9.34
N PRO A 232 4.25 7.57 8.24
CA PRO A 232 5.14 6.51 7.73
C PRO A 232 6.28 6.24 8.69
N CYS A 233 6.78 5.00 8.64
CA CYS A 233 7.84 4.57 9.54
C CYS A 233 8.53 3.34 8.95
N ASN A 234 9.69 3.02 9.51
CA ASN A 234 10.37 1.79 9.19
C ASN A 234 9.63 0.59 9.79
N GLN A 235 9.73 -0.55 9.11
CA GLN A 235 9.33 -1.79 9.76
C GLN A 235 10.31 -2.13 10.88
N ALA A 236 9.92 -3.07 11.72
CA ALA A 236 10.81 -3.53 12.79
C ALA A 236 12.07 -4.12 12.19
N GLY A 237 13.21 -3.71 12.74
CA GLY A 237 14.50 -4.18 12.26
C GLY A 237 15.06 -3.43 11.07
N MET A 238 14.28 -2.57 10.44
CA MET A 238 14.74 -1.76 9.32
C MET A 238 15.15 -0.38 9.79
N GLY A 239 16.20 0.17 9.16
CA GLY A 239 16.71 1.47 9.54
C GLY A 239 16.98 2.40 8.37
N VAL A 240 15.96 2.61 7.53
CA VAL A 240 16.08 3.57 6.43
C VAL A 240 16.18 4.98 7.01
N VAL A 241 17.18 5.74 6.55
CA VAL A 241 17.41 7.08 7.05
C VAL A 241 16.37 8.04 6.46
N GLY A 242 15.72 8.81 7.31
CA GLY A 242 14.68 9.74 6.89
C GLY A 242 13.29 9.41 7.37
N LYS A 243 13.06 8.30 8.08
CA LYS A 243 11.74 7.94 8.57
C LYS A 243 11.84 7.55 10.04
N VAL A 244 10.67 7.57 10.70
CA VAL A 244 10.61 7.12 12.10
C VAL A 244 11.04 5.66 12.16
N GLY A 245 11.93 5.36 13.11
CA GLY A 245 12.50 4.03 13.21
C GLY A 245 13.92 3.92 12.71
N GLU A 246 14.49 4.99 12.18
CA GLU A 246 15.92 5.00 11.89
C GLU A 246 16.74 4.63 13.12
N ILE A 247 16.26 5.05 14.30
CA ILE A 247 16.73 4.54 15.58
C ILE A 247 15.54 3.85 16.24
N GLN A 248 15.70 2.57 16.57
CA GLN A 248 14.61 1.84 17.20
C GLN A 248 15.17 0.86 18.22
N CYS A 249 14.34 0.55 19.21
CA CYS A 249 14.75 -0.28 20.34
C CYS A 249 13.70 -1.33 20.60
N SER A 250 14.13 -2.45 21.18
CA SER A 250 13.26 -3.60 21.42
C SER A 250 12.52 -3.53 22.76
N SER A 251 12.74 -2.51 23.55
CA SER A 251 12.06 -2.39 24.84
C SER A 251 11.95 -0.91 25.22
N GLU A 252 10.99 -0.62 26.09
CA GLU A 252 10.83 0.75 26.58
C GLU A 252 12.05 1.19 27.39
N GLU A 253 12.62 0.27 28.17
CA GLU A 253 13.76 0.63 29.02
C GLU A 253 14.99 0.93 28.19
N SER A 254 15.27 0.12 27.17
CA SER A 254 16.45 0.36 26.34
C SER A 254 16.36 1.67 25.58
N ALA A 255 15.14 2.12 25.24
CA ALA A 255 14.97 3.38 24.52
C ALA A 255 15.02 4.59 25.44
N ARG A 256 14.85 4.40 26.75
CA ARG A 256 14.86 5.52 27.68
C ARG A 256 16.24 6.19 27.69
N THR A 257 17.31 5.41 27.56
CA THR A 257 18.66 5.95 27.50
C THR A 257 19.38 5.53 26.22
N ILE A 258 18.66 4.93 25.27
CA ILE A 258 19.22 4.44 24.01
C ILE A 258 20.38 3.50 24.30
N LYS A 259 20.08 2.34 24.88
CA LYS A 259 21.11 1.38 25.23
C LYS A 259 21.51 0.57 24.01
N LYS A 260 22.82 0.33 23.87
CA LYS A 260 23.30 -0.51 22.78
C LYS A 260 22.76 -1.93 22.91
N ASP A 261 22.44 -2.35 24.14
CA ASP A 261 21.99 -3.72 24.37
C ASP A 261 20.66 -4.02 23.68
N GLY A 262 19.86 -3.01 23.37
CA GLY A 262 18.55 -3.25 22.80
C GLY A 262 18.12 -2.32 21.68
N CYS A 263 19.01 -1.45 21.22
CA CYS A 263 18.71 -0.50 20.18
C CYS A 263 19.62 -0.71 18.98
N ILE A 264 19.10 -0.35 17.80
CA ILE A 264 19.85 -0.42 16.55
C ILE A 264 19.72 0.90 15.83
N TRP A 265 20.68 1.20 14.97
CA TRP A 265 20.69 2.46 14.23
C TRP A 265 21.67 2.36 13.07
N ASN A 266 21.70 3.41 12.26
CA ASN A 266 22.73 3.62 11.26
C ASN A 266 23.64 4.72 11.76
N ALA A 267 24.93 4.38 11.96
CA ALA A 267 25.86 5.35 12.54
C ALA A 267 26.05 6.58 11.65
N ASP A 268 25.65 6.51 10.39
CA ASP A 268 25.73 7.69 9.52
C ASP A 268 24.65 8.72 9.82
N LEU A 269 23.73 8.42 10.73
CA LEU A 269 22.79 9.44 11.20
C LEU A 269 23.51 10.60 11.89
N VAL A 270 24.72 10.36 12.40
CA VAL A 270 25.54 11.39 13.00
C VAL A 270 26.84 11.46 12.21
N GLY A 271 27.14 12.64 11.67
CA GLY A 271 28.38 12.87 10.96
C GLY A 271 29.39 13.58 11.85
N ILE A 272 30.62 13.08 11.84
CA ILE A 272 31.70 13.65 12.64
C ILE A 272 32.92 13.82 11.74
N GLU A 273 33.42 15.04 11.66
CA GLU A 273 34.64 15.34 10.91
C GLU A 273 35.75 15.67 11.91
N LEU A 274 36.88 14.99 11.78
CA LEU A 274 38.00 15.16 12.68
C LEU A 274 38.90 16.29 12.19
N ARG A 275 39.03 17.33 12.99
CA ARG A 275 40.04 18.37 12.82
C ARG A 275 40.95 18.37 14.04
N VAL A 276 42.02 19.16 13.96
CA VAL A 276 42.94 19.24 15.09
C VAL A 276 42.29 20.02 16.23
N ASP A 277 42.36 19.46 17.43
CA ASP A 277 41.94 20.03 18.72
C ASP A 277 40.44 19.93 18.98
N ASP A 278 39.63 19.46 18.02
CA ASP A 278 38.20 19.25 18.28
C ASP A 278 37.58 18.51 17.10
N ALA A 279 36.31 18.19 17.24
CA ALA A 279 35.53 17.58 16.19
C ALA A 279 34.16 18.22 16.14
N VAL A 280 33.60 18.30 14.93
CA VAL A 280 32.30 18.91 14.68
C VAL A 280 31.29 17.80 14.40
N CYS A 281 30.09 17.95 14.95
CA CYS A 281 29.06 16.93 14.85
C CYS A 281 27.94 17.39 13.91
N TYR A 282 27.65 16.58 12.90
CA TYR A 282 26.58 16.84 11.94
C TYR A 282 25.42 15.93 12.28
N SER A 283 24.32 16.52 12.75
CA SER A 283 23.12 15.78 13.07
C SER A 283 22.27 15.60 11.82
N LYS A 284 21.99 14.35 11.47
CA LYS A 284 21.09 14.02 10.36
C LYS A 284 19.87 13.25 10.85
N ILE A 285 19.53 13.39 12.13
CA ILE A 285 18.44 12.62 12.73
C ILE A 285 17.11 13.27 12.42
N THR A 286 16.11 12.45 12.08
CA THR A 286 14.76 12.94 11.86
C THR A 286 14.05 13.11 13.21
N SER A 287 13.44 14.27 13.41
CA SER A 287 12.74 14.55 14.66
C SER A 287 11.43 13.77 14.71
N VAL A 288 11.35 12.81 15.62
CA VAL A 288 10.11 12.06 15.79
C VAL A 288 9.03 12.94 16.39
N GLU A 289 9.40 13.88 17.26
CA GLU A 289 8.41 14.78 17.84
C GLU A 289 7.79 15.67 16.77
N ALA A 290 8.56 16.03 15.75
CA ALA A 290 8.02 16.85 14.66
C ALA A 290 7.04 16.04 13.81
N VAL A 291 7.31 14.76 13.61
CA VAL A 291 6.42 13.92 12.81
C VAL A 291 5.13 13.63 13.58
N ALA A 292 5.25 13.34 14.88
CA ALA A 292 4.05 13.02 15.66
C ALA A 292 3.15 14.24 15.84
N ASN A 293 3.73 15.44 15.84
CA ASN A 293 2.91 16.64 15.96
C ASN A 293 2.13 16.92 14.67
N TYR A 294 2.78 16.72 13.53
CA TYR A 294 2.11 16.97 12.24
C TYR A 294 1.08 15.91 11.95
N SER A 295 1.36 14.66 12.31
CA SER A 295 0.47 13.53 12.02
C SER A 295 -0.40 13.16 13.22
N ALA A 296 -0.72 14.13 14.07
CA ALA A 296 -1.43 13.84 15.31
C ALA A 296 -2.87 13.42 15.04
N ILE A 297 -3.34 12.43 15.80
CA ILE A 297 -4.72 11.97 15.74
C ILE A 297 -5.60 12.98 16.46
N PRO A 298 -6.76 13.38 15.89
CA PRO A 298 -7.31 12.93 14.61
C PRO A 298 -6.62 13.56 13.41
N THR A 299 -6.50 12.78 12.33
CA THR A 299 -5.88 13.25 11.10
C THR A 299 -6.59 12.60 9.91
N THR A 300 -6.48 13.24 8.76
CA THR A 300 -7.13 12.80 7.54
C THR A 300 -6.08 12.49 6.48
N ILE A 301 -6.08 11.25 5.99
CA ILE A 301 -5.12 10.77 5.01
C ILE A 301 -5.85 10.01 3.92
N GLY A 302 -5.62 10.40 2.67
CA GLY A 302 -6.19 9.72 1.51
C GLY A 302 -7.69 9.53 1.54
N GLY A 303 -8.44 10.55 1.93
CA GLY A 303 -9.88 10.44 2.02
C GLY A 303 -10.41 9.74 3.25
N LEU A 304 -9.52 9.29 4.14
CA LEU A 304 -9.91 8.59 5.36
C LEU A 304 -9.60 9.46 6.56
N ARG A 305 -10.54 9.52 7.51
CA ARG A 305 -10.31 10.20 8.77
C ARG A 305 -10.01 9.16 9.84
N PHE A 306 -8.87 9.32 10.51
CA PHE A 306 -8.41 8.41 11.55
C PHE A 306 -8.55 9.10 12.90
N GLU A 307 -9.31 8.49 13.80
CA GLU A 307 -9.60 9.04 15.12
C GLU A 307 -9.36 7.97 16.17
N ARG A 308 -9.34 8.41 17.43
CA ARG A 308 -9.18 7.48 18.54
C ARG A 308 -10.38 6.53 18.60
N SER A 309 -10.09 5.26 18.89
CA SER A 309 -11.09 4.21 18.78
C SER A 309 -11.93 4.11 20.05
N HIS A 310 -13.18 3.66 19.87
CA HIS A 310 -14.09 3.43 20.97
C HIS A 310 -14.08 1.99 21.46
N ASP A 311 -13.40 1.08 20.77
CA ASP A 311 -13.35 -0.32 21.15
C ASP A 311 -11.95 -0.69 21.64
N SER A 312 -11.69 -2.00 21.73
CA SER A 312 -10.44 -2.51 22.28
C SER A 312 -9.54 -3.14 21.23
N GLN A 313 -9.92 -3.10 19.96
CA GLN A 313 -9.13 -3.72 18.88
C GLN A 313 -8.20 -2.70 18.22
N GLY A 314 -7.37 -2.04 19.03
CA GLY A 314 -6.48 -1.02 18.52
C GLY A 314 -7.03 0.36 18.82
N LYS A 315 -6.13 1.30 19.12
CA LYS A 315 -6.54 2.63 19.55
C LYS A 315 -6.95 3.54 18.40
N ILE A 316 -6.66 3.15 17.15
CA ILE A 316 -6.95 3.97 15.99
C ILE A 316 -7.92 3.23 15.09
N SER A 317 -8.97 3.92 14.65
CA SER A 317 -9.94 3.40 13.69
C SER A 317 -10.15 4.41 12.59
N GLY A 318 -10.16 3.94 11.34
CA GLY A 318 -10.34 4.81 10.20
C GLY A 318 -11.68 4.61 9.51
N SER A 319 -12.12 5.64 8.78
CA SER A 319 -13.39 5.57 8.06
C SER A 319 -13.35 6.61 6.95
N PRO A 320 -13.95 6.33 5.79
CA PRO A 320 -13.93 7.30 4.70
C PRO A 320 -14.75 8.53 5.04
N LEU A 321 -14.23 9.69 4.61
CA LEU A 321 -15.00 10.92 4.73
C LEU A 321 -16.26 10.87 3.87
N ASP A 322 -16.13 10.37 2.65
CA ASP A 322 -17.28 10.07 1.80
C ASP A 322 -17.88 8.74 2.30
N ILE A 323 -19.04 8.82 2.95
CA ILE A 323 -19.59 7.64 3.62
C ILE A 323 -20.10 6.60 2.63
N THR A 324 -20.31 6.96 1.37
CA THR A 324 -20.73 6.00 0.35
C THR A 324 -19.57 5.19 -0.20
N ALA A 325 -18.35 5.41 0.29
CA ALA A 325 -17.19 4.64 -0.11
C ALA A 325 -17.01 3.38 0.73
N ILE A 326 -17.91 3.12 1.68
CA ILE A 326 -17.86 1.92 2.51
C ILE A 326 -19.30 1.48 2.77
N ARG A 327 -19.51 0.17 2.82
CA ARG A 327 -20.87 -0.35 2.89
C ARG A 327 -20.87 -1.74 3.50
N GLY A 328 -22.02 -2.11 4.08
CA GLY A 328 -22.25 -3.45 4.58
C GLY A 328 -23.43 -4.08 3.85
N SER A 329 -23.60 -5.38 4.10
CA SER A 329 -24.67 -6.14 3.45
C SER A 329 -25.31 -7.07 4.46
N PHE A 330 -26.63 -7.22 4.36
CA PHE A 330 -27.39 -8.02 5.29
C PHE A 330 -28.26 -9.02 4.54
N SER A 331 -28.65 -10.07 5.25
CA SER A 331 -29.68 -11.00 4.80
C SER A 331 -30.67 -11.20 5.93
N VAL A 332 -31.96 -11.08 5.62
CA VAL A 332 -33.03 -11.19 6.61
C VAL A 332 -33.86 -12.40 6.26
N ASN A 333 -33.92 -13.36 7.17
CA ASN A 333 -34.71 -14.58 7.00
C ASN A 333 -35.94 -14.49 7.90
N TYR A 334 -37.12 -14.62 7.31
CA TYR A 334 -38.37 -14.53 8.05
C TYR A 334 -39.29 -15.66 7.66
N ARG A 335 -39.92 -16.28 8.65
CA ARG A 335 -40.79 -17.44 8.47
C ARG A 335 -42.19 -17.14 8.98
N GLY A 336 -43.18 -17.53 8.18
CA GLY A 336 -44.57 -17.33 8.55
C GLY A 336 -44.98 -15.87 8.64
N LEU A 337 -44.33 -15.00 7.89
CA LEU A 337 -44.60 -13.58 7.94
C LEU A 337 -44.54 -13.00 6.53
N ARG A 338 -45.24 -11.89 6.34
CA ARG A 338 -45.26 -11.17 5.08
C ARG A 338 -44.50 -9.87 5.23
N LEU A 339 -43.53 -9.64 4.34
CA LEU A 339 -42.65 -8.48 4.43
C LEU A 339 -43.23 -7.29 3.69
N SER A 340 -43.20 -6.13 4.35
CA SER A 340 -43.48 -4.85 3.72
C SER A 340 -42.43 -3.85 4.17
N LEU A 341 -42.14 -2.89 3.31
CA LEU A 341 -41.04 -1.95 3.51
C LEU A 341 -41.56 -0.55 3.74
N SER A 342 -40.89 0.18 4.63
CA SER A 342 -41.10 1.62 4.80
C SER A 342 -39.99 2.33 4.04
N GLU A 343 -40.37 3.13 3.05
CA GLU A 343 -39.40 3.80 2.18
C GLU A 343 -39.91 5.18 1.85
N ILE A 344 -39.11 6.20 2.17
CA ILE A 344 -39.42 7.59 1.85
C ILE A 344 -38.11 8.30 1.52
N THR A 345 -38.17 9.18 0.52
CA THR A 345 -37.01 9.93 0.06
C THR A 345 -36.85 11.21 0.86
N ALA A 346 -35.60 11.60 1.09
CA ALA A 346 -35.26 12.79 1.84
C ALA A 346 -35.05 13.98 0.92
N THR A 347 -35.31 15.17 1.47
CA THR A 347 -35.04 16.44 0.81
C THR A 347 -34.25 17.31 1.77
N CYS A 348 -33.37 18.15 1.21
CA CYS A 348 -32.57 19.03 2.04
C CYS A 348 -32.22 20.30 1.27
N THR A 349 -32.13 21.40 2.01
CA THR A 349 -31.58 22.66 1.53
C THR A 349 -30.49 23.10 2.50
N GLY A 350 -29.55 23.91 2.01
CA GLY A 350 -28.43 24.29 2.83
C GLY A 350 -27.77 25.58 2.36
N GLU A 351 -27.03 26.19 3.29
CA GLU A 351 -26.19 27.34 3.02
C GLU A 351 -24.82 27.10 3.66
N VAL A 352 -23.78 27.56 2.98
CA VAL A 352 -22.41 27.39 3.45
C VAL A 352 -22.00 28.64 4.21
N THR A 353 -21.47 28.43 5.42
CA THR A 353 -21.15 29.54 6.31
C THR A 353 -19.69 29.96 6.24
N ASN A 354 -18.76 29.01 6.16
CA ASN A 354 -17.34 29.34 6.15
C ASN A 354 -16.58 28.32 5.32
N VAL A 355 -15.52 28.78 4.66
CA VAL A 355 -14.60 27.94 3.92
C VAL A 355 -13.19 28.37 4.31
N SER A 356 -12.50 27.52 5.06
CA SER A 356 -11.17 27.85 5.57
C SER A 356 -10.30 26.59 5.53
N GLY A 357 -9.00 26.80 5.76
CA GLY A 357 -8.04 25.71 5.82
C GLY A 357 -6.94 25.87 4.79
N CYS A 358 -6.54 24.75 4.21
CA CYS A 358 -5.44 24.70 3.26
C CYS A 358 -5.92 24.14 1.93
N TYR A 359 -5.08 24.32 0.91
CA TYR A 359 -5.30 23.74 -0.41
C TYR A 359 -4.08 22.92 -0.81
N SER A 360 -4.32 21.93 -1.67
CA SER A 360 -3.29 20.99 -2.11
C SER A 360 -2.59 20.35 -0.91
N CYS A 361 -3.36 20.02 0.10
CA CYS A 361 -2.83 19.48 1.35
C CYS A 361 -3.44 18.12 1.65
N MET A 362 -2.85 17.45 2.63
CA MET A 362 -3.28 16.09 2.98
C MET A 362 -4.67 16.09 3.61
N THR A 363 -4.95 17.06 4.47
CA THR A 363 -6.23 17.08 5.18
C THR A 363 -7.36 17.62 4.30
N GLY A 364 -7.08 18.62 3.49
CA GLY A 364 -8.11 19.26 2.68
C GLY A 364 -8.79 20.40 3.42
N ALA A 365 -9.43 21.27 2.65
CA ALA A 365 -10.12 22.41 3.22
C ALA A 365 -11.32 21.96 4.03
N LYS A 366 -11.80 22.87 4.89
CA LYS A 366 -12.95 22.61 5.76
C LYS A 366 -14.10 23.49 5.33
N VAL A 367 -15.20 22.87 4.92
CA VAL A 367 -16.40 23.57 4.47
C VAL A 367 -17.46 23.42 5.56
N SER A 368 -17.93 24.54 6.09
CA SER A 368 -18.97 24.56 7.10
C SER A 368 -20.29 24.91 6.43
N ILE A 369 -21.33 24.12 6.72
CA ILE A 369 -22.61 24.25 6.03
C ILE A 369 -23.74 24.00 7.01
N LYS A 370 -24.71 24.91 7.04
CA LYS A 370 -25.97 24.70 7.74
C LYS A 370 -26.93 24.00 6.81
N LEU A 371 -27.58 22.93 7.30
CA LEU A 371 -28.40 22.09 6.44
C LEU A 371 -29.68 21.70 7.18
N HIS A 372 -30.80 21.82 6.49
CA HIS A 372 -32.09 21.34 6.99
C HIS A 372 -32.46 20.08 6.21
N SER A 373 -32.68 18.98 6.93
CA SER A 373 -33.03 17.71 6.33
C SER A 373 -34.39 17.26 6.83
N SER A 374 -35.19 16.66 5.93
CA SER A 374 -36.51 16.20 6.31
C SER A 374 -36.45 14.90 7.11
N LYS A 375 -35.31 14.23 7.12
CA LYS A 375 -35.15 12.96 7.83
C LYS A 375 -33.67 12.64 7.88
N ASN A 376 -33.32 11.62 8.69
CA ASN A 376 -31.98 11.05 8.66
C ASN A 376 -31.68 10.53 7.26
N SER A 377 -30.60 11.01 6.66
CA SER A 377 -30.29 10.62 5.29
C SER A 377 -28.83 10.93 4.99
N THR A 378 -28.47 10.79 3.72
CA THR A 378 -27.13 11.09 3.23
C THR A 378 -27.20 12.31 2.32
N ALA A 379 -26.38 13.31 2.62
CA ALA A 379 -26.28 14.50 1.78
C ALA A 379 -25.05 14.38 0.88
N HIS A 380 -25.22 14.81 -0.38
CA HIS A 380 -24.14 14.81 -1.35
C HIS A 380 -23.82 16.25 -1.73
N VAL A 381 -22.53 16.57 -1.75
CA VAL A 381 -22.02 17.86 -2.20
C VAL A 381 -21.02 17.60 -3.32
N ARG A 382 -21.31 18.11 -4.51
CA ARG A 382 -20.46 17.90 -5.68
C ARG A 382 -20.00 19.25 -6.19
N CYS A 383 -18.70 19.48 -6.16
CA CYS A 383 -18.06 20.64 -6.77
C CYS A 383 -17.36 20.22 -8.05
N LYS A 384 -16.90 21.22 -8.81
CA LYS A 384 -16.19 20.93 -10.04
C LYS A 384 -14.79 20.40 -9.78
N GLY A 385 -14.26 20.55 -8.56
CA GLY A 385 -12.95 20.07 -8.23
C GLY A 385 -12.96 18.80 -7.38
N ASP A 386 -14.00 18.63 -6.57
CA ASP A 386 -14.05 17.50 -5.65
C ASP A 386 -15.51 17.20 -5.31
N GLU A 387 -15.70 16.08 -4.61
CA GLU A 387 -17.03 15.59 -4.26
C GLU A 387 -16.93 14.83 -2.94
N THR A 388 -18.01 14.88 -2.16
CA THR A 388 -18.08 14.13 -0.91
C THR A 388 -19.54 13.86 -0.58
N ALA A 389 -19.74 12.97 0.39
CA ALA A 389 -21.05 12.64 0.91
C ALA A 389 -20.93 12.39 2.41
N PHE A 390 -21.93 12.84 3.17
CA PHE A 390 -21.88 12.77 4.62
C PHE A 390 -23.28 12.55 5.17
N SER A 391 -23.34 11.94 6.35
CA SER A 391 -24.63 11.66 6.99
C SER A 391 -25.20 12.92 7.62
N VAL A 392 -26.51 13.10 7.49
CA VAL A 392 -27.22 14.22 8.07
C VAL A 392 -28.39 13.70 8.91
N LEU A 393 -28.81 14.52 9.85
CA LEU A 393 -29.89 14.18 10.77
C LEU A 393 -31.12 15.03 10.46
N GLU A 394 -32.27 14.55 10.93
CA GLU A 394 -33.52 15.26 10.72
C GLU A 394 -33.50 16.61 11.44
N GLY A 395 -33.98 17.64 10.77
CA GLY A 395 -33.99 18.98 11.32
C GLY A 395 -32.87 19.85 10.78
N VAL A 396 -32.68 20.98 11.46
CA VAL A 396 -31.64 21.95 11.09
C VAL A 396 -30.42 21.68 11.96
N HIS A 397 -29.30 21.36 11.32
CA HIS A 397 -28.04 21.15 12.02
C HIS A 397 -26.90 21.65 11.14
N SER A 398 -25.77 21.90 11.78
CA SER A 398 -24.57 22.38 11.11
C SER A 398 -23.55 21.25 10.99
N TYR A 399 -22.78 21.28 9.90
CA TYR A 399 -21.85 20.22 9.58
C TYR A 399 -20.54 20.81 9.09
N THR A 400 -19.46 20.06 9.28
CA THR A 400 -18.13 20.43 8.79
C THR A 400 -17.62 19.29 7.91
N VAL A 401 -17.51 19.56 6.60
CA VAL A 401 -17.10 18.54 5.64
C VAL A 401 -15.77 18.93 5.04
N SER A 402 -15.04 17.92 4.54
CA SER A 402 -13.72 18.11 3.96
C SER A 402 -13.83 18.05 2.45
N LEU A 403 -13.41 19.13 1.78
CA LEU A 403 -13.34 19.19 0.33
C LEU A 403 -11.97 19.68 -0.09
N SER A 404 -11.44 19.12 -1.18
CA SER A 404 -10.10 19.42 -1.63
C SER A 404 -10.12 20.48 -2.71
N PHE A 405 -9.17 21.41 -2.63
CA PHE A 405 -8.99 22.45 -3.64
C PHE A 405 -7.50 22.56 -3.95
N ASP A 406 -7.21 23.07 -5.14
CA ASP A 406 -5.83 23.22 -5.60
C ASP A 406 -5.42 24.68 -5.79
N HIS A 407 -6.28 25.62 -5.42
CA HIS A 407 -5.99 27.04 -5.53
C HIS A 407 -6.35 27.73 -4.22
N ALA A 408 -5.77 28.93 -4.03
CA ALA A 408 -5.91 29.62 -2.76
C ALA A 408 -7.30 30.21 -2.58
N VAL A 409 -7.77 30.97 -3.56
CA VAL A 409 -9.04 31.69 -3.46
C VAL A 409 -10.16 30.79 -3.98
N VAL A 410 -11.16 30.55 -3.13
CA VAL A 410 -12.32 29.74 -3.48
C VAL A 410 -13.54 30.64 -3.54
N ASP A 411 -14.19 30.70 -4.71
CA ASP A 411 -15.41 31.48 -4.91
C ASP A 411 -16.17 30.81 -6.06
N GLU A 412 -16.84 29.72 -5.74
CA GLU A 412 -17.53 28.91 -6.72
C GLU A 412 -18.85 28.39 -6.14
N GLN A 413 -19.68 27.84 -7.02
CA GLN A 413 -20.93 27.21 -6.66
C GLN A 413 -20.81 25.69 -6.79
N CYS A 414 -21.49 24.98 -5.91
CA CYS A 414 -21.51 23.52 -5.92
C CYS A 414 -22.94 23.05 -5.77
N GLN A 415 -23.15 21.76 -6.04
CA GLN A 415 -24.47 21.16 -6.00
C GLN A 415 -24.67 20.39 -4.70
N LEU A 416 -25.83 20.57 -4.10
CA LEU A 416 -26.26 19.81 -2.93
C LEU A 416 -27.40 18.89 -3.33
N ASN A 417 -27.41 17.67 -2.79
CA ASN A 417 -28.42 16.69 -3.20
C ASN A 417 -28.71 15.73 -2.05
N CYS A 418 -29.99 15.62 -1.69
CA CYS A 418 -30.50 14.58 -0.82
C CYS A 418 -31.60 13.83 -1.58
N GLY A 419 -31.41 12.54 -1.79
CA GLY A 419 -32.41 11.70 -2.41
C GLY A 419 -32.89 12.15 -3.77
N GLY A 420 -32.01 12.75 -4.56
CA GLY A 420 -32.36 13.20 -5.89
C GLY A 420 -32.97 14.58 -5.98
N HIS A 421 -33.10 15.29 -4.86
CA HIS A 421 -33.57 16.67 -4.86
C HIS A 421 -32.34 17.57 -4.72
N GLU A 422 -31.97 18.23 -5.81
CA GLU A 422 -30.73 18.99 -5.85
C GLU A 422 -30.99 20.48 -5.67
N SER A 423 -30.12 21.13 -4.89
CA SER A 423 -30.09 22.58 -4.76
C SER A 423 -28.65 23.04 -4.95
N GLN A 424 -28.37 24.30 -4.65
CA GLN A 424 -27.03 24.85 -4.83
C GLN A 424 -26.56 25.59 -3.59
N VAL A 425 -25.25 25.58 -3.39
CA VAL A 425 -24.59 26.28 -2.30
C VAL A 425 -23.39 27.03 -2.87
N THR A 426 -22.98 28.09 -2.18
CA THR A 426 -21.88 28.94 -2.60
C THR A 426 -20.73 28.84 -1.62
N LEU A 427 -19.54 28.55 -2.13
CA LEU A 427 -18.34 28.44 -1.31
C LEU A 427 -17.49 29.70 -1.47
N LYS A 428 -17.20 30.37 -0.36
CA LYS A 428 -16.35 31.55 -0.37
C LYS A 428 -15.36 31.45 0.79
N GLY A 429 -14.09 31.69 0.50
CA GLY A 429 -13.08 31.61 1.51
C GLY A 429 -11.70 31.66 0.89
N ASN A 430 -10.70 31.62 1.76
CA ASN A 430 -9.30 31.67 1.36
C ASN A 430 -8.54 30.53 2.00
N LEU A 431 -7.60 29.93 1.26
CA LEU A 431 -6.84 28.80 1.71
C LEU A 431 -5.35 29.10 1.61
N ILE A 432 -4.56 28.39 2.43
CA ILE A 432 -3.13 28.57 2.49
C ILE A 432 -2.46 27.29 2.00
N PHE A 433 -1.20 27.41 1.59
CA PHE A 433 -0.39 26.27 1.18
C PHE A 433 0.52 25.85 2.33
N LEU A 434 0.56 24.56 2.61
CA LEU A 434 1.35 24.04 3.71
C LEU A 434 2.82 23.94 3.34
N ASP A 435 3.69 24.20 4.31
CA ASP A 435 5.12 24.08 4.12
C ASP A 435 5.57 22.66 4.43
N VAL A 436 6.65 22.24 3.79
CA VAL A 436 7.12 20.86 3.92
C VAL A 436 8.08 20.71 5.09
N CYS B 3 -24.19 -28.25 4.04
CA CYS B 3 -25.16 -27.46 3.30
C CYS B 3 -25.53 -26.19 4.08
N ASP B 4 -24.94 -25.07 3.70
CA ASP B 4 -25.11 -23.81 4.41
C ASP B 4 -26.15 -22.94 3.71
N GLU B 5 -26.50 -21.83 4.38
CA GLU B 5 -27.47 -20.88 3.89
C GLU B 5 -26.76 -19.87 2.99
N MET B 6 -26.62 -20.21 1.71
CA MET B 6 -25.87 -19.39 0.77
C MET B 6 -26.75 -18.65 -0.23
N VAL B 7 -27.93 -19.19 -0.56
CA VAL B 7 -28.82 -18.55 -1.52
C VAL B 7 -29.61 -17.47 -0.80
N HIS B 8 -29.45 -16.21 -1.24
CA HIS B 8 -30.12 -15.08 -0.62
C HIS B 8 -31.07 -14.39 -1.59
N ALA B 9 -31.28 -14.95 -2.77
CA ALA B 9 -32.23 -14.40 -3.74
C ALA B 9 -32.53 -15.47 -4.78
N ASP B 10 -33.82 -15.65 -5.06
CA ASP B 10 -34.29 -16.52 -6.13
C ASP B 10 -35.40 -15.81 -6.87
N SER B 11 -35.36 -15.88 -8.20
CA SER B 11 -36.25 -15.09 -9.04
C SER B 11 -36.68 -15.89 -10.27
N LYS B 12 -37.86 -15.55 -10.78
CA LYS B 12 -38.38 -16.05 -12.04
C LYS B 12 -38.33 -14.92 -13.05
N LEU B 13 -37.62 -15.14 -14.15
CA LEU B 13 -37.34 -14.09 -15.13
C LEU B 13 -37.84 -14.50 -16.50
N VAL B 14 -38.18 -13.49 -17.30
CA VAL B 14 -38.51 -13.67 -18.71
C VAL B 14 -37.30 -13.23 -19.50
N SER B 15 -36.63 -14.18 -20.14
CA SER B 15 -35.41 -13.92 -20.90
C SER B 15 -35.70 -14.09 -22.39
N CYS B 16 -35.27 -13.10 -23.18
CA CYS B 16 -35.55 -13.06 -24.61
C CYS B 16 -34.25 -12.89 -25.37
N ARG B 17 -34.32 -13.11 -26.68
CA ARG B 17 -33.17 -12.92 -27.57
C ARG B 17 -33.52 -11.94 -28.69
N LYS B 24 -38.02 -13.23 -31.77
CA LYS B 24 -38.90 -12.54 -30.84
C LYS B 24 -39.26 -13.46 -29.68
N GLU B 25 -38.71 -14.67 -29.70
CA GLU B 25 -39.07 -15.67 -28.71
C GLU B 25 -38.53 -15.32 -27.33
N CYS B 26 -39.24 -15.79 -26.31
CA CYS B 26 -38.85 -15.59 -24.92
C CYS B 26 -39.06 -16.89 -24.16
N VAL B 27 -38.49 -16.96 -22.95
CA VAL B 27 -38.58 -18.15 -22.11
C VAL B 27 -38.52 -17.71 -20.66
N THR B 28 -39.26 -18.42 -19.81
CA THR B 28 -39.24 -18.18 -18.37
C THR B 28 -38.12 -19.00 -17.75
N THR B 29 -37.23 -18.34 -17.00
CA THR B 29 -36.08 -18.98 -16.40
C THR B 29 -35.96 -18.60 -14.94
N GLY B 30 -35.41 -19.51 -14.14
CA GLY B 30 -35.12 -19.24 -12.75
C GLY B 30 -33.66 -18.85 -12.58
N ARG B 31 -33.42 -17.96 -11.61
CA ARG B 31 -32.08 -17.46 -11.36
C ARG B 31 -31.89 -17.24 -9.88
N ALA B 32 -30.83 -17.84 -9.33
CA ALA B 32 -30.54 -17.77 -7.90
C ALA B 32 -29.21 -17.06 -7.68
N LEU B 33 -29.19 -16.17 -6.68
CA LEU B 33 -28.02 -15.35 -6.38
C LEU B 33 -27.38 -15.82 -5.08
N LEU B 34 -26.09 -16.13 -5.13
CA LEU B 34 -25.28 -16.49 -3.96
C LEU B 34 -24.27 -15.37 -3.75
N PRO B 35 -24.60 -14.32 -3.00
CA PRO B 35 -23.77 -13.11 -3.03
C PRO B 35 -22.49 -13.15 -2.21
N ALA B 36 -22.40 -14.01 -1.20
CA ALA B 36 -21.24 -13.99 -0.30
C ALA B 36 -20.96 -15.42 0.16
N VAL B 37 -19.95 -16.05 -0.44
CA VAL B 37 -19.55 -17.41 -0.10
C VAL B 37 -18.11 -17.39 0.37
N ASN B 38 -17.90 -17.67 1.64
CA ASN B 38 -16.56 -17.79 2.20
C ASN B 38 -15.94 -19.12 1.81
N PRO B 39 -14.61 -19.22 1.82
CA PRO B 39 -13.96 -20.51 1.58
C PRO B 39 -14.44 -21.54 2.58
N GLY B 40 -14.73 -22.74 2.07
CA GLY B 40 -15.24 -23.83 2.87
C GLY B 40 -16.76 -23.91 2.92
N GLN B 41 -17.45 -22.81 2.66
CA GLN B 41 -18.91 -22.81 2.68
C GLN B 41 -19.46 -23.43 1.41
N GLU B 42 -20.61 -24.09 1.55
CA GLU B 42 -21.15 -24.92 0.47
C GLU B 42 -22.66 -24.76 0.43
N ALA B 43 -23.19 -24.57 -0.78
CA ALA B 43 -24.63 -24.51 -1.00
C ALA B 43 -25.09 -25.81 -1.64
N CYS B 44 -26.27 -26.28 -1.22
CA CYS B 44 -26.87 -27.50 -1.75
C CYS B 44 -28.20 -27.15 -2.40
N LEU B 45 -28.26 -27.24 -3.72
CA LEU B 45 -29.43 -26.87 -4.49
C LEU B 45 -30.06 -28.12 -5.10
N HIS B 46 -31.38 -28.22 -4.99
CA HIS B 46 -32.12 -29.35 -5.52
C HIS B 46 -33.08 -28.86 -6.60
N PHE B 47 -33.09 -29.56 -7.72
CA PHE B 47 -33.92 -29.20 -8.87
C PHE B 47 -34.85 -30.35 -9.20
N THR B 48 -36.15 -30.08 -9.23
CA THR B 48 -37.17 -31.07 -9.57
C THR B 48 -37.97 -30.57 -10.77
N ALA B 49 -38.33 -31.51 -11.65
CA ALA B 49 -39.18 -31.18 -12.78
C ALA B 49 -40.64 -31.13 -12.35
N PRO B 50 -41.47 -30.37 -13.08
CA PRO B 50 -42.89 -30.28 -12.67
C PRO B 50 -43.61 -31.61 -12.61
N GLY B 51 -43.53 -32.41 -13.68
CA GLY B 51 -44.21 -33.69 -13.71
C GLY B 51 -43.37 -34.88 -13.31
N SER B 52 -42.23 -34.66 -12.65
CA SER B 52 -41.34 -35.76 -12.33
C SER B 52 -40.94 -35.69 -10.86
N PRO B 53 -40.87 -36.85 -10.18
CA PRO B 53 -40.30 -36.88 -8.83
C PRO B 53 -38.78 -36.86 -8.81
N ASP B 54 -38.13 -37.01 -9.97
CA ASP B 54 -36.68 -37.02 -10.02
C ASP B 54 -36.11 -35.68 -9.58
N SER B 55 -35.23 -35.72 -8.58
CA SER B 55 -34.54 -34.53 -8.08
C SER B 55 -33.07 -34.61 -8.43
N LYS B 56 -32.52 -33.49 -8.89
CA LYS B 56 -31.10 -33.37 -9.18
C LYS B 56 -30.45 -32.47 -8.14
N CYS B 57 -29.38 -32.97 -7.52
CA CYS B 57 -28.69 -32.24 -6.45
C CYS B 57 -27.44 -31.59 -7.01
N LEU B 58 -27.26 -30.31 -6.71
CA LEU B 58 -26.09 -29.55 -7.13
C LEU B 58 -25.45 -28.89 -5.91
N LYS B 59 -24.17 -29.14 -5.72
CA LYS B 59 -23.40 -28.54 -4.63
C LYS B 59 -22.41 -27.53 -5.19
N ILE B 60 -22.41 -26.34 -4.62
CA ILE B 60 -21.51 -25.26 -5.02
C ILE B 60 -20.65 -24.91 -3.81
N LYS B 61 -19.33 -24.99 -3.98
CA LYS B 61 -18.41 -24.76 -2.88
C LYS B 61 -17.23 -23.94 -3.36
N VAL B 62 -16.84 -22.95 -2.56
CA VAL B 62 -15.60 -22.21 -2.78
C VAL B 62 -14.49 -22.96 -2.06
N LYS B 63 -13.63 -23.63 -2.82
CA LYS B 63 -12.51 -24.36 -2.21
C LYS B 63 -11.55 -23.40 -1.53
N ARG B 64 -11.13 -22.36 -2.23
CA ARG B 64 -10.27 -21.32 -1.67
C ARG B 64 -10.16 -20.18 -2.67
N ILE B 65 -9.84 -19.00 -2.15
CA ILE B 65 -9.54 -17.83 -2.96
C ILE B 65 -8.13 -17.39 -2.63
N ASN B 66 -7.26 -17.39 -3.63
CA ASN B 66 -5.84 -17.11 -3.47
C ASN B 66 -5.51 -15.71 -3.98
N LEU B 67 -4.68 -15.00 -3.23
CA LEU B 67 -4.12 -13.73 -3.69
C LEU B 67 -2.85 -14.01 -4.48
N LYS B 68 -2.73 -13.38 -5.64
CA LYS B 68 -1.60 -13.60 -6.53
C LYS B 68 -0.78 -12.32 -6.65
N CYS B 69 0.53 -12.45 -6.52
CA CYS B 69 1.43 -11.32 -6.65
C CYS B 69 1.45 -10.83 -8.10
N LYS B 70 1.02 -9.58 -8.31
CA LYS B 70 1.10 -8.95 -9.62
C LYS B 70 2.44 -8.24 -9.71
N LYS B 71 3.39 -8.86 -10.40
CA LYS B 71 4.79 -8.52 -10.27
C LYS B 71 5.17 -7.28 -11.08
N SER B 72 6.12 -6.53 -10.55
CA SER B 72 6.76 -5.44 -11.26
C SER B 72 8.05 -5.95 -11.92
N SER B 73 8.92 -5.05 -12.33
CA SER B 73 10.15 -5.44 -13.00
C SER B 73 11.08 -6.15 -12.02
N SER B 74 11.62 -7.29 -12.44
CA SER B 74 12.49 -8.10 -11.60
C SER B 74 13.94 -7.65 -11.73
N TYR B 75 14.72 -7.97 -10.69
CA TYR B 75 16.16 -7.74 -10.71
C TYR B 75 16.83 -8.81 -9.87
N PHE B 76 18.15 -8.80 -9.89
CA PHE B 76 18.97 -9.79 -9.18
C PHE B 76 19.83 -9.11 -8.13
N VAL B 77 19.99 -9.76 -6.99
CA VAL B 77 20.71 -9.22 -5.86
C VAL B 77 21.81 -10.21 -5.48
N PRO B 78 23.06 -9.79 -5.39
CA PRO B 78 24.13 -10.68 -4.91
C PRO B 78 24.35 -10.57 -3.42
N ASP B 79 24.95 -11.62 -2.86
CA ASP B 79 25.35 -11.62 -1.45
C ASP B 79 26.70 -10.93 -1.36
N ALA B 80 26.66 -9.61 -1.21
CA ALA B 80 27.86 -8.78 -1.28
C ALA B 80 28.52 -8.64 0.07
N ARG B 81 29.85 -8.56 0.06
CA ARG B 81 30.65 -8.28 1.24
C ARG B 81 31.62 -7.14 0.92
N SER B 82 31.88 -6.31 1.92
CA SER B 82 32.70 -5.12 1.73
C SER B 82 34.17 -5.48 1.58
N ARG B 83 34.89 -4.66 0.82
CA ARG B 83 36.32 -4.85 0.58
C ARG B 83 36.91 -3.51 0.17
N CYS B 84 38.11 -3.22 0.70
CA CYS B 84 38.87 -2.07 0.23
C CYS B 84 40.35 -2.27 0.52
N THR B 85 41.15 -1.44 -0.13
CA THR B 85 42.61 -1.50 -0.04
C THR B 85 43.16 -0.09 -0.19
N SER B 86 44.46 0.06 0.06
CA SER B 86 45.09 1.36 -0.05
C SER B 86 46.60 1.18 -0.16
N VAL B 87 47.22 2.08 -0.94
CA VAL B 87 48.68 2.19 -1.03
C VAL B 87 49.03 3.66 -0.95
N ARG B 88 50.23 3.94 -0.46
CA ARG B 88 50.72 5.31 -0.33
C ARG B 88 52.07 5.44 -1.01
N ARG B 89 52.22 6.51 -1.79
CA ARG B 89 53.45 6.80 -2.52
C ARG B 89 53.91 8.21 -2.18
N CYS B 90 55.21 8.38 -1.99
CA CYS B 90 55.75 9.70 -1.71
C CYS B 90 55.54 10.64 -2.90
N ARG B 91 55.82 11.92 -2.68
CA ARG B 91 55.41 12.96 -3.62
C ARG B 91 56.09 12.82 -4.98
N TRP B 92 57.16 12.05 -5.09
CA TRP B 92 57.85 11.87 -6.36
C TRP B 92 58.02 10.40 -6.71
N ALA B 93 57.13 9.53 -6.23
CA ALA B 93 57.18 8.12 -6.52
C ALA B 93 55.88 7.66 -7.15
N GLY B 94 56.01 6.72 -8.09
CA GLY B 94 54.81 6.13 -8.68
C GLY B 94 54.06 7.14 -9.52
N ASP B 95 52.73 7.02 -9.55
CA ASP B 95 51.90 7.97 -10.26
C ASP B 95 51.83 9.31 -9.54
N CYS B 96 52.19 9.35 -8.26
CA CYS B 96 52.18 10.56 -7.45
C CYS B 96 53.43 11.37 -7.77
N GLN B 97 53.34 12.21 -8.78
CA GLN B 97 54.45 13.06 -9.20
C GLN B 97 54.23 14.52 -8.84
N SER B 98 53.05 15.07 -9.15
CA SER B 98 52.69 16.44 -8.79
C SER B 98 51.37 16.41 -8.02
N GLY B 99 51.40 15.76 -6.86
CA GLY B 99 50.19 15.53 -6.10
C GLY B 99 49.38 14.39 -6.71
N CYS B 100 48.11 14.36 -6.33
CA CYS B 100 47.20 13.36 -6.88
C CYS B 100 46.94 13.65 -8.35
N PRO B 101 47.20 12.72 -9.26
CA PRO B 101 46.98 12.99 -10.69
C PRO B 101 45.49 13.12 -10.98
N PRO B 102 45.11 14.10 -11.80
CA PRO B 102 43.67 14.27 -12.11
C PRO B 102 43.07 13.10 -12.86
N HIS B 103 43.87 12.33 -13.59
CA HIS B 103 43.36 11.20 -14.37
C HIS B 103 43.01 10.00 -13.52
N PHE B 104 43.12 10.09 -12.20
CA PHE B 104 42.83 8.99 -11.28
C PHE B 104 41.48 9.30 -10.62
N THR B 105 40.40 8.80 -11.21
CA THR B 105 39.06 9.05 -10.73
C THR B 105 38.52 7.82 -10.00
N SER B 106 37.19 7.69 -9.93
CA SER B 106 36.56 6.63 -9.15
C SER B 106 36.66 5.26 -9.82
N ASN B 107 36.90 5.21 -11.12
CA ASN B 107 37.01 3.95 -11.85
C ASN B 107 38.45 3.59 -12.20
N SER B 108 39.41 4.27 -11.60
CA SER B 108 40.82 4.03 -11.88
C SER B 108 41.36 2.93 -10.96
N PHE B 109 42.45 2.31 -11.41
CA PHE B 109 43.12 1.27 -10.66
C PHE B 109 44.61 1.56 -10.59
N SER B 110 45.19 1.39 -9.41
CA SER B 110 46.62 1.57 -9.21
C SER B 110 47.33 0.22 -9.36
N ASP B 111 48.44 0.23 -10.10
CA ASP B 111 49.17 -1.01 -10.37
C ASP B 111 49.98 -1.50 -9.17
N ASP B 112 49.93 -0.81 -8.03
CA ASP B 112 50.70 -1.20 -6.86
C ASP B 112 49.84 -1.79 -5.76
N TRP B 113 48.60 -2.18 -6.07
CA TRP B 113 47.75 -2.86 -5.11
C TRP B 113 48.11 -4.34 -5.08
N ALA B 114 48.37 -4.86 -3.88
CA ALA B 114 48.92 -6.20 -3.75
C ALA B 114 47.91 -7.26 -4.17
N GLY B 115 46.78 -7.34 -3.47
CA GLY B 115 45.75 -8.29 -3.85
C GLY B 115 45.20 -8.00 -5.23
N LYS B 116 44.82 -9.07 -5.92
CA LYS B 116 44.30 -8.94 -7.28
C LYS B 116 42.88 -8.43 -7.24
N MET B 117 42.64 -7.33 -7.96
CA MET B 117 41.32 -6.70 -8.02
C MET B 117 40.65 -7.02 -9.34
N ASP B 118 39.33 -7.18 -9.29
CA ASP B 118 38.53 -7.41 -10.48
C ASP B 118 38.27 -6.07 -11.14
N ARG B 119 39.02 -5.77 -12.19
CA ARG B 119 38.94 -4.47 -12.86
C ARG B 119 37.60 -4.25 -13.56
N ALA B 120 36.78 -5.30 -13.72
CA ALA B 120 35.43 -5.15 -14.23
C ALA B 120 34.39 -5.15 -13.12
N GLY B 121 34.81 -5.22 -11.85
CA GLY B 121 33.86 -5.27 -10.76
C GLY B 121 33.33 -3.92 -10.36
N LEU B 122 32.31 -3.96 -9.52
CA LEU B 122 31.66 -2.74 -9.04
C LEU B 122 32.41 -2.20 -7.83
N GLY B 123 32.83 -0.94 -7.91
CA GLY B 123 33.57 -0.34 -6.82
C GLY B 123 33.71 1.15 -6.98
N PHE B 124 34.59 1.73 -6.17
CA PHE B 124 34.79 3.18 -6.15
C PHE B 124 36.22 3.46 -5.69
N SER B 125 36.98 4.16 -6.52
CA SER B 125 38.37 4.47 -6.25
C SER B 125 38.54 5.97 -6.00
N GLY B 126 39.78 6.35 -5.69
CA GLY B 126 40.09 7.75 -5.46
C GLY B 126 41.52 7.90 -4.98
N CYS B 127 42.01 9.14 -5.09
CA CYS B 127 43.33 9.52 -4.63
C CYS B 127 43.19 10.58 -3.55
N SER B 128 43.92 10.42 -2.45
CA SER B 128 43.85 11.34 -1.34
C SER B 128 45.25 11.62 -0.80
N ASP B 129 45.43 12.82 -0.28
CA ASP B 129 46.70 13.20 0.31
C ASP B 129 46.90 12.50 1.66
N GLY B 130 48.15 12.45 2.10
CA GLY B 130 48.47 11.85 3.38
C GLY B 130 49.60 12.55 4.10
N CYS B 131 50.20 11.87 5.08
CA CYS B 131 51.35 12.43 5.77
C CYS B 131 52.51 12.64 4.80
N GLY B 132 53.26 13.71 5.01
CA GLY B 132 54.26 14.10 4.04
C GLY B 132 55.71 13.96 4.48
N GLY B 133 56.06 14.55 5.62
CA GLY B 133 57.44 14.64 6.04
C GLY B 133 58.16 13.32 6.28
N ALA B 134 59.43 13.41 6.66
CA ALA B 134 60.24 12.22 6.92
C ALA B 134 59.77 11.44 8.15
N ALA B 135 58.91 12.03 8.99
CA ALA B 135 58.34 11.32 10.12
C ALA B 135 57.46 10.14 9.71
N CYS B 136 57.04 10.08 8.44
CA CYS B 136 56.27 8.95 7.92
C CYS B 136 56.94 8.29 6.73
N GLY B 137 58.26 8.47 6.58
CA GLY B 137 59.01 7.73 5.58
C GLY B 137 58.98 8.28 4.18
N CYS B 138 59.17 9.59 4.03
CA CYS B 138 59.27 10.21 2.71
C CYS B 138 60.31 11.33 2.78
N PHE B 139 61.24 11.33 1.82
CA PHE B 139 62.25 12.38 1.76
C PHE B 139 61.62 13.75 1.62
N ASN B 140 60.67 13.88 0.69
CA ASN B 140 59.98 15.15 0.50
C ASN B 140 59.01 15.40 1.65
N ALA B 141 58.82 16.68 1.98
CA ALA B 141 57.96 17.08 3.08
C ALA B 141 56.53 17.39 2.68
N ALA B 142 56.27 17.62 1.39
CA ALA B 142 54.90 17.86 0.95
C ALA B 142 54.07 16.58 1.09
N PRO B 143 52.75 16.71 1.26
CA PRO B 143 51.92 15.51 1.51
C PRO B 143 51.98 14.52 0.35
N SER B 144 51.91 13.25 0.70
CA SER B 144 52.00 12.16 -0.26
C SER B 144 50.64 11.88 -0.88
N CYS B 145 50.53 10.80 -1.64
CA CYS B 145 49.27 10.40 -2.27
C CYS B 145 48.87 9.02 -1.76
N ILE B 146 47.58 8.85 -1.52
CA ILE B 146 47.02 7.56 -1.09
C ILE B 146 46.05 7.10 -2.18
N PHE B 147 46.38 5.98 -2.81
CA PHE B 147 45.52 5.36 -3.81
C PHE B 147 44.70 4.27 -3.15
N TRP B 148 43.39 4.38 -3.23
CA TRP B 148 42.48 3.49 -2.52
C TRP B 148 41.29 3.14 -3.41
N ARG B 149 40.61 2.07 -3.06
CA ARG B 149 39.38 1.66 -3.73
C ARG B 149 38.55 0.81 -2.78
N LYS B 150 37.29 1.18 -2.60
CA LYS B 150 36.34 0.39 -1.84
C LYS B 150 35.35 -0.24 -2.82
N TRP B 151 35.08 -1.54 -2.63
CA TRP B 151 34.24 -2.28 -3.55
C TRP B 151 33.55 -3.40 -2.81
N VAL B 152 32.67 -4.10 -3.52
CA VAL B 152 31.96 -5.27 -3.01
C VAL B 152 32.19 -6.42 -3.98
N GLU B 153 32.18 -7.64 -3.44
CA GLU B 153 32.32 -8.84 -4.25
C GLU B 153 31.41 -9.91 -3.68
N ASN B 154 31.18 -10.95 -4.49
CA ASN B 154 30.24 -12.02 -4.14
C ASN B 154 30.99 -13.34 -4.05
N PRO B 155 31.56 -13.67 -2.89
CA PRO B 155 32.03 -15.05 -2.67
C PRO B 155 30.85 -15.98 -2.53
N HIS B 156 31.14 -17.27 -2.72
CA HIS B 156 30.13 -18.33 -2.69
C HIS B 156 29.14 -18.23 -3.84
N GLY B 157 29.06 -17.05 -4.47
CA GLY B 157 28.24 -16.89 -5.67
C GLY B 157 26.75 -17.01 -5.42
N ILE B 158 26.28 -16.53 -4.27
CA ILE B 158 24.86 -16.62 -3.94
C ILE B 158 24.12 -15.45 -4.57
N ILE B 159 23.02 -15.75 -5.25
CA ILE B 159 22.23 -14.76 -5.96
C ILE B 159 20.75 -14.96 -5.64
N TRP B 160 20.03 -13.87 -5.43
CA TRP B 160 18.59 -13.88 -5.28
C TRP B 160 17.94 -13.13 -6.43
N LYS B 161 16.78 -13.62 -6.87
CA LYS B 161 15.93 -12.90 -7.82
C LYS B 161 14.79 -12.25 -7.06
N VAL B 162 14.65 -10.94 -7.22
CA VAL B 162 13.67 -10.15 -6.49
C VAL B 162 12.63 -9.63 -7.47
N SER B 163 11.35 -9.82 -7.11
CA SER B 163 10.24 -9.35 -7.93
C SER B 163 9.26 -8.62 -7.02
N PRO B 164 9.27 -7.28 -7.03
CA PRO B 164 8.33 -6.53 -6.20
C PRO B 164 6.90 -6.81 -6.63
N CYS B 165 6.01 -6.97 -5.64
CA CYS B 165 4.59 -7.19 -5.90
C CYS B 165 3.91 -5.82 -5.94
N ALA B 166 3.69 -5.32 -7.16
CA ALA B 166 3.05 -4.03 -7.31
C ALA B 166 1.61 -4.04 -6.80
N ALA B 167 0.94 -5.19 -6.83
CA ALA B 167 -0.41 -5.33 -6.34
C ALA B 167 -0.71 -6.81 -6.17
N TRP B 168 -1.89 -7.11 -5.63
CA TRP B 168 -2.35 -8.47 -5.42
C TRP B 168 -3.74 -8.65 -6.00
N VAL B 169 -3.99 -9.80 -6.61
CA VAL B 169 -5.25 -10.08 -7.28
C VAL B 169 -5.79 -11.41 -6.79
N PRO B 170 -7.07 -11.49 -6.39
CA PRO B 170 -7.62 -12.77 -5.95
C PRO B 170 -7.84 -13.73 -7.11
N SER B 171 -7.65 -15.01 -6.83
CA SER B 171 -7.84 -16.07 -7.81
C SER B 171 -8.60 -17.22 -7.13
N ALA B 172 -9.87 -17.36 -7.46
CA ALA B 172 -10.75 -18.30 -6.78
C ALA B 172 -10.65 -19.69 -7.38
N VAL B 173 -10.83 -20.70 -6.52
CA VAL B 173 -10.95 -22.08 -6.93
C VAL B 173 -12.25 -22.62 -6.36
N ILE B 174 -13.16 -23.03 -7.24
CA ILE B 174 -14.47 -23.53 -6.84
C ILE B 174 -14.57 -25.01 -7.22
N GLU B 175 -15.45 -25.72 -6.54
CA GLU B 175 -15.74 -27.10 -6.87
C GLU B 175 -17.24 -27.31 -6.92
N LEU B 176 -17.71 -27.95 -7.98
CA LEU B 176 -19.12 -28.22 -8.20
C LEU B 176 -19.35 -29.72 -8.17
N THR B 177 -20.26 -30.17 -7.31
CA THR B 177 -20.61 -31.58 -7.19
C THR B 177 -21.87 -31.85 -7.98
N MET B 178 -21.78 -32.77 -8.94
CA MET B 178 -22.89 -33.10 -9.81
C MET B 178 -23.85 -34.05 -9.12
N PRO B 179 -25.09 -34.15 -9.62
CA PRO B 179 -26.00 -35.18 -9.09
C PRO B 179 -25.46 -36.59 -9.22
N SER B 180 -24.59 -36.83 -10.21
CA SER B 180 -23.93 -38.12 -10.36
C SER B 180 -22.85 -38.36 -9.31
N GLY B 181 -22.56 -37.36 -8.47
CA GLY B 181 -21.49 -37.45 -7.50
C GLY B 181 -20.15 -36.95 -7.99
N GLU B 182 -20.03 -36.67 -9.29
CA GLU B 182 -18.78 -36.15 -9.83
C GLU B 182 -18.47 -34.78 -9.26
N VAL B 183 -17.21 -34.56 -8.92
CA VAL B 183 -16.73 -33.29 -8.38
C VAL B 183 -15.86 -32.63 -9.44
N ARG B 184 -16.22 -31.41 -9.84
CA ARG B 184 -15.48 -30.65 -10.83
C ARG B 184 -14.82 -29.46 -10.14
N THR B 185 -13.49 -29.42 -10.16
CA THR B 185 -12.72 -28.38 -9.49
C THR B 185 -11.92 -27.59 -10.53
N PHE B 186 -12.08 -26.27 -10.50
CA PHE B 186 -11.45 -25.41 -11.49
C PHE B 186 -11.47 -23.97 -11.01
N HIS B 187 -10.57 -23.16 -11.57
CA HIS B 187 -10.59 -21.72 -11.36
C HIS B 187 -11.54 -21.09 -12.37
N PRO B 188 -12.65 -20.51 -11.95
CA PRO B 188 -13.63 -20.01 -12.90
C PRO B 188 -13.23 -18.66 -13.50
N MET B 189 -13.74 -18.41 -14.70
CA MET B 189 -13.65 -17.09 -15.31
C MET B 189 -14.87 -16.28 -14.88
N SER B 190 -14.61 -15.07 -14.40
CA SER B 190 -15.69 -14.22 -13.89
C SER B 190 -16.64 -13.84 -15.02
N GLY B 191 -17.92 -14.16 -14.84
CA GLY B 191 -18.95 -13.82 -15.80
C GLY B 191 -19.24 -14.87 -16.85
N ILE B 192 -18.44 -15.93 -16.93
CA ILE B 192 -18.61 -16.98 -17.94
C ILE B 192 -19.44 -18.09 -17.32
N PRO B 193 -20.58 -18.46 -17.92
CA PRO B 193 -21.41 -19.52 -17.33
C PRO B 193 -20.79 -20.89 -17.56
N THR B 194 -20.87 -21.74 -16.54
CA THR B 194 -20.42 -23.12 -16.60
C THR B 194 -21.65 -24.02 -16.64
N GLN B 195 -21.85 -24.71 -17.76
CA GLN B 195 -22.95 -25.66 -17.87
C GLN B 195 -22.65 -26.88 -17.02
N VAL B 196 -23.55 -27.21 -16.10
CA VAL B 196 -23.40 -28.37 -15.23
C VAL B 196 -24.23 -29.54 -15.73
N PHE B 197 -25.52 -29.34 -15.95
CA PHE B 197 -26.37 -30.37 -16.55
C PHE B 197 -27.56 -29.68 -17.22
N LYS B 198 -28.49 -30.48 -17.73
CA LYS B 198 -29.57 -29.97 -18.57
C LYS B 198 -30.36 -28.89 -17.84
N GLY B 199 -30.31 -27.67 -18.40
CA GLY B 199 -31.12 -26.58 -17.91
C GLY B 199 -30.51 -25.73 -16.82
N VAL B 200 -29.34 -26.12 -16.30
CA VAL B 200 -28.73 -25.42 -15.17
C VAL B 200 -27.31 -25.00 -15.56
N SER B 201 -26.97 -23.75 -15.23
CA SER B 201 -25.62 -23.22 -15.41
C SER B 201 -25.22 -22.46 -14.16
N VAL B 202 -23.91 -22.37 -13.93
CA VAL B 202 -23.36 -21.68 -12.76
C VAL B 202 -22.35 -20.65 -13.25
N THR B 203 -22.48 -19.42 -12.77
CA THR B 203 -21.61 -18.33 -13.16
C THR B 203 -20.96 -17.74 -11.92
N TYR B 204 -19.63 -17.60 -11.96
CA TYR B 204 -18.89 -16.95 -10.89
C TYR B 204 -18.83 -15.46 -11.18
N LEU B 205 -19.29 -14.64 -10.24
CA LEU B 205 -19.45 -13.21 -10.45
C LEU B 205 -18.27 -12.39 -9.95
N GLY B 206 -17.36 -12.96 -9.17
CA GLY B 206 -16.20 -12.23 -8.70
C GLY B 206 -15.85 -12.49 -7.24
N SER B 207 -14.73 -11.92 -6.80
CA SER B 207 -14.23 -12.11 -5.45
C SER B 207 -14.11 -10.78 -4.73
N ASP B 208 -14.43 -10.78 -3.44
CA ASP B 208 -14.26 -9.63 -2.57
C ASP B 208 -13.36 -10.00 -1.41
N MET B 209 -12.35 -9.16 -1.14
CA MET B 209 -11.49 -9.34 0.02
C MET B 209 -11.47 -8.04 0.82
N GLU B 210 -11.75 -8.16 2.12
CA GLU B 210 -11.86 -6.99 2.97
C GLU B 210 -10.51 -6.41 3.39
N VAL B 211 -9.43 -7.18 3.30
CA VAL B 211 -8.12 -6.68 3.67
C VAL B 211 -7.66 -5.66 2.63
N SER B 212 -7.21 -4.50 3.10
CA SER B 212 -6.84 -3.41 2.22
C SER B 212 -5.58 -2.73 2.72
N GLY B 213 -4.92 -2.00 1.81
CA GLY B 213 -3.74 -1.25 2.17
C GLY B 213 -2.54 -2.10 2.55
N LEU B 214 -2.43 -3.30 2.00
CA LEU B 214 -1.35 -4.20 2.36
C LEU B 214 0.01 -3.55 2.10
N THR B 215 0.94 -3.72 3.05
CA THR B 215 2.25 -3.12 2.92
C THR B 215 2.98 -3.69 1.70
N ASP B 216 3.92 -2.92 1.17
CA ASP B 216 4.62 -3.32 -0.03
C ASP B 216 5.57 -4.48 0.25
N LEU B 217 5.43 -5.55 -0.54
CA LEU B 217 6.22 -6.75 -0.37
C LEU B 217 6.83 -7.17 -1.70
N CYS B 218 7.85 -8.02 -1.63
CA CYS B 218 8.56 -8.48 -2.82
C CYS B 218 8.85 -9.96 -2.70
N GLU B 219 8.74 -10.66 -3.84
CA GLU B 219 9.09 -12.07 -3.91
C GLU B 219 10.61 -12.21 -4.07
N ILE B 220 11.23 -12.94 -3.15
CA ILE B 220 12.68 -13.12 -3.13
C ILE B 220 12.96 -14.61 -3.24
N GLU B 221 13.71 -15.00 -4.27
CA GLU B 221 14.00 -16.40 -4.55
C GLU B 221 15.49 -16.57 -4.76
N GLU B 222 16.11 -17.46 -3.97
CA GLU B 222 17.48 -17.86 -4.20
C GLU B 222 17.52 -18.82 -5.39
N LEU B 223 18.41 -18.53 -6.34
CA LEU B 223 18.35 -19.19 -7.64
C LEU B 223 18.73 -20.66 -7.60
N LYS B 224 19.60 -21.05 -6.66
CA LYS B 224 20.09 -22.43 -6.61
C LYS B 224 19.53 -23.24 -5.46
N SER B 225 18.90 -22.60 -4.46
CA SER B 225 18.22 -23.32 -3.40
C SER B 225 16.70 -23.32 -3.57
N LYS B 226 16.16 -22.45 -4.43
CA LYS B 226 14.74 -22.31 -4.73
C LYS B 226 13.90 -21.91 -3.51
N LYS B 227 14.54 -21.58 -2.39
CA LYS B 227 13.79 -21.13 -1.22
C LYS B 227 13.22 -19.74 -1.46
N LEU B 228 12.01 -19.51 -0.97
CA LEU B 228 11.28 -18.27 -1.22
C LEU B 228 11.10 -17.48 0.05
N ALA B 229 11.07 -16.15 -0.11
CA ALA B 229 10.79 -15.23 0.99
C ALA B 229 9.92 -14.09 0.46
N LEU B 230 9.29 -13.38 1.38
CA LEU B 230 8.41 -12.27 1.03
C LEU B 230 8.70 -11.14 2.00
N ALA B 231 9.28 -10.05 1.50
CA ALA B 231 9.79 -8.99 2.35
C ALA B 231 9.80 -7.69 1.56
N PRO B 232 9.89 -6.54 2.23
CA PRO B 232 10.02 -5.27 1.50
C PRO B 232 11.34 -5.20 0.76
N CYS B 233 11.36 -4.40 -0.30
CA CYS B 233 12.55 -4.26 -1.14
C CYS B 233 12.47 -2.96 -1.90
N ASN B 234 13.55 -2.68 -2.64
CA ASN B 234 13.58 -1.56 -3.56
C ASN B 234 12.91 -1.93 -4.87
N GLN B 235 12.29 -0.94 -5.51
CA GLN B 235 11.84 -1.13 -6.88
C GLN B 235 13.06 -1.34 -7.78
N ALA B 236 12.80 -1.86 -8.98
CA ALA B 236 13.87 -2.02 -9.95
C ALA B 236 14.47 -0.68 -10.31
N GLY B 237 15.80 -0.57 -10.23
CA GLY B 237 16.49 0.66 -10.50
C GLY B 237 16.62 1.60 -9.32
N MET B 238 15.96 1.31 -8.20
CA MET B 238 16.06 2.13 -7.00
C MET B 238 17.06 1.53 -6.03
N GLY B 239 17.78 2.41 -5.32
CA GLY B 239 18.80 1.98 -4.39
C GLY B 239 18.75 2.64 -3.03
N VAL B 240 17.57 2.63 -2.40
CA VAL B 240 17.45 3.17 -1.05
C VAL B 240 18.26 2.30 -0.09
N VAL B 241 19.14 2.93 0.68
CA VAL B 241 20.01 2.20 1.59
C VAL B 241 19.21 1.70 2.78
N GLY B 242 19.36 0.41 3.09
CA GLY B 242 18.65 -0.21 4.20
C GLY B 242 17.61 -1.23 3.80
N LYS B 243 17.40 -1.46 2.50
CA LYS B 243 16.42 -2.41 2.02
C LYS B 243 17.07 -3.33 0.99
N VAL B 244 16.42 -4.48 0.76
CA VAL B 244 16.83 -5.37 -0.31
C VAL B 244 16.75 -4.61 -1.63
N GLY B 245 17.81 -4.70 -2.42
CA GLY B 245 17.91 -3.95 -3.66
C GLY B 245 18.83 -2.77 -3.61
N GLU B 246 19.38 -2.43 -2.44
CA GLU B 246 20.42 -1.40 -2.38
C GLU B 246 21.57 -1.72 -3.31
N ILE B 247 21.86 -3.01 -3.50
CA ILE B 247 22.73 -3.48 -4.57
C ILE B 247 21.89 -4.40 -5.44
N GLN B 248 21.82 -4.10 -6.73
CA GLN B 248 21.00 -4.90 -7.63
C GLN B 248 21.63 -4.93 -9.02
N CYS B 249 21.44 -6.06 -9.69
CA CYS B 249 22.02 -6.30 -11.01
C CYS B 249 20.91 -6.71 -11.97
N SER B 250 21.10 -6.36 -13.24
CA SER B 250 20.10 -6.63 -14.27
C SER B 250 20.18 -8.05 -14.84
N SER B 251 21.11 -8.88 -14.36
CA SER B 251 21.22 -10.24 -14.85
C SER B 251 21.89 -11.10 -13.78
N GLU B 252 21.61 -12.40 -13.84
CA GLU B 252 22.25 -13.34 -12.92
C GLU B 252 23.77 -13.35 -13.12
N GLU B 253 24.23 -13.18 -14.37
CA GLU B 253 25.65 -13.17 -14.63
C GLU B 253 26.32 -11.94 -14.01
N SER B 254 25.68 -10.78 -14.11
CA SER B 254 26.22 -9.59 -13.47
C SER B 254 26.25 -9.72 -11.96
N ALA B 255 25.26 -10.43 -11.37
CA ALA B 255 25.22 -10.61 -9.93
C ALA B 255 26.17 -11.67 -9.44
N ARG B 256 26.66 -12.55 -10.33
CA ARG B 256 27.54 -13.63 -9.90
C ARG B 256 28.84 -13.09 -9.34
N THR B 257 29.36 -12.02 -9.94
CA THR B 257 30.60 -11.40 -9.47
C THR B 257 30.45 -9.90 -9.19
N ILE B 258 29.22 -9.38 -9.23
CA ILE B 258 28.94 -7.96 -9.04
C ILE B 258 29.76 -7.13 -10.02
N LYS B 259 29.50 -7.32 -11.31
CA LYS B 259 30.15 -6.53 -12.33
C LYS B 259 29.54 -5.13 -12.37
N LYS B 260 30.27 -4.19 -12.98
CA LYS B 260 29.77 -2.83 -13.09
C LYS B 260 28.85 -2.64 -14.29
N ASP B 261 29.07 -3.41 -15.36
CA ASP B 261 28.27 -3.24 -16.57
C ASP B 261 26.79 -3.55 -16.35
N GLY B 262 26.44 -4.25 -15.27
CA GLY B 262 25.06 -4.64 -15.06
C GLY B 262 24.51 -4.37 -13.68
N CYS B 263 25.34 -3.91 -12.75
CA CYS B 263 24.91 -3.66 -11.39
C CYS B 263 25.03 -2.18 -11.05
N ILE B 264 24.26 -1.78 -10.04
CA ILE B 264 24.25 -0.41 -9.52
C ILE B 264 24.25 -0.50 -7.99
N TRP B 265 24.70 0.57 -7.35
CA TRP B 265 24.76 0.60 -5.89
C TRP B 265 24.98 2.05 -5.44
N ASN B 266 24.94 2.25 -4.13
CA ASN B 266 25.37 3.47 -3.47
C ASN B 266 26.73 3.20 -2.85
N ALA B 267 27.75 3.96 -3.29
CA ALA B 267 29.11 3.73 -2.82
C ALA B 267 29.25 3.91 -1.32
N ASP B 268 28.33 4.61 -0.68
CA ASP B 268 28.36 4.79 0.77
C ASP B 268 27.89 3.55 1.53
N LEU B 269 27.59 2.46 0.84
CA LEU B 269 27.35 1.18 1.52
C LEU B 269 28.64 0.60 2.09
N VAL B 270 29.79 1.07 1.62
CA VAL B 270 31.09 0.67 2.15
C VAL B 270 31.78 1.92 2.66
N GLY B 271 32.19 1.90 3.93
CA GLY B 271 32.92 3.00 4.53
C GLY B 271 34.40 2.68 4.58
N ILE B 272 35.22 3.68 4.26
CA ILE B 272 36.67 3.53 4.24
C ILE B 272 37.29 4.69 5.03
N GLU B 273 38.15 4.35 5.99
CA GLU B 273 38.87 5.33 6.80
C GLU B 273 40.35 5.20 6.48
N LEU B 274 40.90 6.24 5.85
CA LEU B 274 42.31 6.22 5.46
C LEU B 274 43.17 6.75 6.60
N ARG B 275 44.05 5.89 7.10
CA ARG B 275 45.00 6.28 8.15
C ARG B 275 46.42 6.25 7.57
N VAL B 276 47.39 6.55 8.44
CA VAL B 276 48.78 6.82 8.07
C VAL B 276 49.30 5.83 7.03
N ASP B 277 49.12 4.53 7.27
CA ASP B 277 49.64 3.52 6.37
C ASP B 277 48.65 2.41 6.00
N ASP B 278 47.51 2.32 6.66
CA ASP B 278 46.56 1.25 6.44
C ASP B 278 45.20 1.82 6.04
N ALA B 279 44.26 0.91 5.76
CA ALA B 279 42.88 1.25 5.48
C ALA B 279 41.98 0.24 6.15
N VAL B 280 40.93 0.72 6.80
CA VAL B 280 39.95 -0.11 7.48
C VAL B 280 38.63 0.02 6.75
N CYS B 281 37.97 -1.12 6.52
CA CYS B 281 36.72 -1.15 5.76
C CYS B 281 35.54 -1.37 6.70
N TYR B 282 34.54 -0.52 6.58
CA TYR B 282 33.33 -0.59 7.38
C TYR B 282 32.17 -0.96 6.47
N SER B 283 31.46 -2.03 6.82
CA SER B 283 30.36 -2.55 6.01
C SER B 283 29.03 -2.16 6.63
N LYS B 284 28.25 -1.37 5.89
CA LYS B 284 26.86 -1.09 6.25
C LYS B 284 25.90 -1.70 5.23
N ILE B 285 26.26 -2.85 4.67
CA ILE B 285 25.42 -3.53 3.70
C ILE B 285 24.37 -4.35 4.45
N THR B 286 23.11 -4.24 4.03
CA THR B 286 22.03 -4.99 4.64
C THR B 286 22.07 -6.43 4.17
N SER B 287 22.06 -7.37 5.13
CA SER B 287 22.17 -8.79 4.82
C SER B 287 20.88 -9.28 4.17
N VAL B 288 20.97 -9.70 2.91
CA VAL B 288 19.80 -10.26 2.24
C VAL B 288 19.47 -11.63 2.80
N GLU B 289 20.50 -12.42 3.12
CA GLU B 289 20.28 -13.75 3.68
C GLU B 289 19.52 -13.68 5.01
N ALA B 290 19.82 -12.65 5.81
CA ALA B 290 19.09 -12.48 7.07
C ALA B 290 17.63 -12.13 6.80
N VAL B 291 17.37 -11.31 5.78
CA VAL B 291 16.00 -10.95 5.44
C VAL B 291 15.26 -12.15 4.86
N ALA B 292 15.90 -12.87 3.94
CA ALA B 292 15.27 -14.05 3.36
C ALA B 292 15.03 -15.13 4.39
N ASN B 293 15.90 -15.23 5.39
CA ASN B 293 15.70 -16.19 6.47
C ASN B 293 14.52 -15.79 7.35
N TYR B 294 14.45 -14.51 7.72
CA TYR B 294 13.39 -14.05 8.61
C TYR B 294 12.04 -14.01 7.90
N SER B 295 12.03 -13.69 6.61
CA SER B 295 10.80 -13.55 5.85
C SER B 295 10.50 -14.78 4.98
N ALA B 296 11.10 -15.92 5.29
CA ALA B 296 10.91 -17.12 4.48
C ALA B 296 9.46 -17.57 4.52
N ILE B 297 8.97 -18.04 3.37
CA ILE B 297 7.60 -18.54 3.28
C ILE B 297 7.60 -19.99 3.76
N PRO B 298 6.51 -20.48 4.39
CA PRO B 298 5.28 -19.74 4.68
C PRO B 298 5.43 -18.69 5.78
N THR B 299 4.81 -17.53 5.58
CA THR B 299 4.87 -16.45 6.55
C THR B 299 3.50 -15.79 6.65
N THR B 300 3.29 -15.06 7.74
CA THR B 300 2.03 -14.39 8.02
C THR B 300 2.28 -12.88 8.11
N ILE B 301 1.58 -12.11 7.27
CA ILE B 301 1.74 -10.66 7.22
C ILE B 301 0.36 -10.04 7.12
N GLY B 302 0.06 -9.11 8.02
CA GLY B 302 -1.18 -8.35 7.96
C GLY B 302 -2.44 -9.18 7.99
N GLY B 303 -2.43 -10.31 8.68
CA GLY B 303 -3.58 -11.19 8.71
C GLY B 303 -3.70 -12.12 7.52
N LEU B 304 -2.73 -12.09 6.60
CA LEU B 304 -2.70 -12.97 5.44
C LEU B 304 -1.56 -13.96 5.57
N ARG B 305 -1.85 -15.24 5.33
CA ARG B 305 -0.81 -16.25 5.30
C ARG B 305 -0.36 -16.46 3.86
N PHE B 306 0.94 -16.35 3.63
CA PHE B 306 1.54 -16.52 2.31
C PHE B 306 2.32 -17.83 2.30
N GLU B 307 1.94 -18.73 1.41
CA GLU B 307 2.55 -20.05 1.31
C GLU B 307 2.96 -20.31 -0.13
N ARG B 308 3.71 -21.40 -0.33
CA ARG B 308 4.08 -21.81 -1.67
C ARG B 308 2.84 -22.13 -2.49
N SER B 309 2.79 -21.58 -3.71
CA SER B 309 1.61 -21.70 -4.54
C SER B 309 1.52 -23.10 -5.16
N HIS B 310 0.29 -23.58 -5.28
CA HIS B 310 0.01 -24.86 -5.92
C HIS B 310 -0.38 -24.72 -7.38
N ASP B 311 -0.48 -23.50 -7.89
CA ASP B 311 -0.82 -23.23 -9.27
C ASP B 311 0.42 -22.76 -10.02
N SER B 312 0.23 -22.29 -11.26
CA SER B 312 1.33 -21.89 -12.13
C SER B 312 1.63 -20.40 -12.09
N GLN B 313 0.62 -19.56 -11.83
CA GLN B 313 0.85 -18.11 -11.75
C GLN B 313 1.45 -17.78 -10.40
N GLY B 314 2.72 -17.39 -10.39
CA GLY B 314 3.38 -16.99 -9.15
C GLY B 314 3.71 -18.15 -8.23
N LYS B 315 4.86 -18.07 -7.56
CA LYS B 315 5.26 -19.09 -6.61
C LYS B 315 4.57 -18.94 -5.26
N ILE B 316 3.92 -17.81 -5.01
CA ILE B 316 3.38 -17.49 -3.70
C ILE B 316 1.89 -17.21 -3.81
N SER B 317 1.12 -17.76 -2.87
CA SER B 317 -0.31 -17.51 -2.75
C SER B 317 -0.61 -16.99 -1.36
N GLY B 318 -1.48 -15.99 -1.28
CA GLY B 318 -1.90 -15.42 -0.02
C GLY B 318 -3.37 -15.69 0.24
N SER B 319 -3.75 -15.74 1.51
CA SER B 319 -5.13 -15.98 1.89
C SER B 319 -5.34 -15.52 3.31
N PRO B 320 -6.46 -14.87 3.64
CA PRO B 320 -6.68 -14.41 5.01
C PRO B 320 -6.85 -15.58 5.96
N LEU B 321 -6.24 -15.46 7.15
CA LEU B 321 -6.48 -16.44 8.20
C LEU B 321 -7.93 -16.39 8.68
N ASP B 322 -8.50 -15.20 8.78
CA ASP B 322 -9.93 -15.01 8.97
C ASP B 322 -10.61 -15.29 7.63
N ILE B 323 -11.26 -16.46 7.52
CA ILE B 323 -11.82 -16.87 6.23
C ILE B 323 -13.03 -16.05 5.82
N THR B 324 -13.65 -15.33 6.76
CA THR B 324 -14.75 -14.44 6.44
C THR B 324 -14.28 -13.09 5.88
N ALA B 325 -12.98 -12.91 5.69
CA ALA B 325 -12.43 -11.69 5.12
C ALA B 325 -12.28 -11.77 3.60
N ILE B 326 -12.67 -12.89 2.99
CA ILE B 326 -12.63 -13.07 1.54
C ILE B 326 -13.83 -13.90 1.14
N ARG B 327 -14.39 -13.59 -0.03
CA ARG B 327 -15.66 -14.20 -0.41
C ARG B 327 -15.81 -14.18 -1.92
N GLY B 328 -16.59 -15.15 -2.42
CA GLY B 328 -16.99 -15.19 -3.82
C GLY B 328 -18.50 -15.06 -3.94
N SER B 329 -18.95 -14.96 -5.18
CA SER B 329 -20.37 -14.80 -5.48
C SER B 329 -20.73 -15.60 -6.72
N PHE B 330 -21.93 -16.19 -6.70
CA PHE B 330 -22.38 -17.07 -7.76
C PHE B 330 -23.76 -16.65 -8.25
N SER B 331 -24.05 -17.02 -9.49
CA SER B 331 -25.38 -16.91 -10.07
C SER B 331 -25.72 -18.24 -10.72
N VAL B 332 -26.89 -18.79 -10.38
CA VAL B 332 -27.33 -20.09 -10.88
C VAL B 332 -28.55 -19.87 -11.75
N ASN B 333 -28.42 -20.18 -13.03
CA ASN B 333 -29.52 -20.05 -13.99
C ASN B 333 -30.09 -21.44 -14.25
N TYR B 334 -31.38 -21.61 -14.00
CA TYR B 334 -32.02 -22.91 -14.18
C TYR B 334 -33.34 -22.76 -14.91
N ARG B 335 -33.55 -23.60 -15.92
CA ARG B 335 -34.71 -23.54 -16.79
C ARG B 335 -35.56 -24.79 -16.64
N GLY B 336 -36.87 -24.61 -16.58
CA GLY B 336 -37.81 -25.71 -16.48
C GLY B 336 -37.69 -26.55 -15.22
N LEU B 337 -37.26 -25.94 -14.11
CA LEU B 337 -37.05 -26.66 -12.87
C LEU B 337 -37.45 -25.78 -11.70
N ARG B 338 -37.89 -26.41 -10.61
CA ARG B 338 -38.17 -25.72 -9.36
C ARG B 338 -37.01 -25.90 -8.40
N LEU B 339 -36.64 -24.83 -7.71
CA LEU B 339 -35.49 -24.83 -6.81
C LEU B 339 -35.92 -25.06 -5.37
N SER B 340 -35.17 -25.91 -4.67
CA SER B 340 -35.31 -26.10 -3.24
C SER B 340 -33.92 -26.21 -2.63
N LEU B 341 -33.79 -25.74 -1.40
CA LEU B 341 -32.49 -25.59 -0.74
C LEU B 341 -32.38 -26.53 0.46
N SER B 342 -31.17 -27.03 0.68
CA SER B 342 -30.83 -27.80 1.87
C SER B 342 -30.01 -26.92 2.79
N GLU B 343 -30.52 -26.65 3.99
CA GLU B 343 -29.89 -25.70 4.90
C GLU B 343 -29.95 -26.25 6.32
N ILE B 344 -28.78 -26.48 6.91
CA ILE B 344 -28.66 -26.88 8.30
C ILE B 344 -27.63 -25.97 8.97
N THR B 345 -27.94 -25.50 10.16
CA THR B 345 -26.98 -24.73 10.93
C THR B 345 -26.09 -25.66 11.75
N ALA B 346 -24.90 -25.17 12.08
CA ALA B 346 -23.90 -25.98 12.76
C ALA B 346 -23.85 -25.64 14.24
N THR B 347 -23.41 -26.61 15.03
CA THR B 347 -23.14 -26.44 16.45
C THR B 347 -21.73 -26.92 16.74
N CYS B 348 -21.09 -26.30 17.72
CA CYS B 348 -19.73 -26.67 18.06
C CYS B 348 -19.42 -26.29 19.50
N THR B 349 -18.70 -27.17 20.20
CA THR B 349 -18.17 -26.90 21.52
C THR B 349 -16.67 -27.18 21.50
N GLY B 350 -15.91 -26.39 22.26
CA GLY B 350 -14.47 -26.49 22.18
C GLY B 350 -13.77 -26.14 23.48
N GLU B 351 -12.49 -26.50 23.52
CA GLU B 351 -11.60 -26.18 24.64
C GLU B 351 -10.21 -25.98 24.09
N VAL B 352 -9.54 -24.92 24.55
CA VAL B 352 -8.19 -24.61 24.13
C VAL B 352 -7.20 -25.44 24.94
N THR B 353 -6.22 -26.03 24.25
CA THR B 353 -5.23 -26.86 24.92
C THR B 353 -3.97 -26.07 25.27
N ASN B 354 -3.49 -25.23 24.36
CA ASN B 354 -2.25 -24.49 24.58
C ASN B 354 -2.33 -23.13 23.92
N VAL B 355 -1.70 -22.15 24.56
CA VAL B 355 -1.58 -20.79 24.05
C VAL B 355 -0.13 -20.37 24.20
N SER B 356 0.58 -20.29 23.07
CA SER B 356 2.00 -19.94 23.08
C SER B 356 2.27 -18.96 21.94
N GLY B 357 3.50 -18.45 21.90
CA GLY B 357 3.95 -17.58 20.83
C GLY B 357 4.39 -16.23 21.36
N CYS B 358 4.17 -15.20 20.54
CA CYS B 358 4.60 -13.84 20.83
C CYS B 358 3.39 -12.92 20.90
N TYR B 359 3.62 -11.73 21.46
CA TYR B 359 2.63 -10.67 21.50
C TYR B 359 3.21 -9.43 20.83
N SER B 360 2.30 -8.59 20.30
CA SER B 360 2.68 -7.38 19.57
C SER B 360 3.63 -7.72 18.42
N CYS B 361 3.40 -8.86 17.78
CA CYS B 361 4.24 -9.35 16.71
C CYS B 361 3.43 -9.52 15.43
N MET B 362 4.15 -9.68 14.32
CA MET B 362 3.50 -9.79 13.01
C MET B 362 2.71 -11.08 12.89
N THR B 363 3.23 -12.18 13.45
CA THR B 363 2.55 -13.46 13.35
C THR B 363 1.35 -13.55 14.30
N GLY B 364 1.52 -13.08 15.53
CA GLY B 364 0.51 -13.24 16.55
C GLY B 364 0.62 -14.58 17.26
N ALA B 365 0.00 -14.64 18.44
CA ALA B 365 0.05 -15.87 19.23
C ALA B 365 -0.68 -17.00 18.50
N LYS B 366 -0.28 -18.23 18.80
CA LYS B 366 -0.88 -19.42 18.22
C LYS B 366 -1.71 -20.12 19.28
N VAL B 367 -2.98 -20.36 18.97
CA VAL B 367 -3.95 -20.93 19.90
C VAL B 367 -4.38 -22.30 19.37
N SER B 368 -4.14 -23.34 20.17
CA SER B 368 -4.52 -24.70 19.83
C SER B 368 -5.84 -25.04 20.54
N ILE B 369 -6.82 -25.52 19.79
CA ILE B 369 -8.14 -25.82 20.33
C ILE B 369 -8.67 -27.10 19.72
N LYS B 370 -9.14 -28.01 20.56
CA LYS B 370 -9.91 -29.17 20.12
C LYS B 370 -11.38 -28.77 20.02
N LEU B 371 -12.04 -29.24 18.96
CA LEU B 371 -13.38 -28.77 18.65
C LEU B 371 -14.19 -29.89 18.05
N HIS B 372 -15.43 -30.04 18.53
CA HIS B 372 -16.39 -30.97 17.97
C HIS B 372 -17.45 -30.18 17.21
N SER B 373 -17.57 -30.43 15.92
CA SER B 373 -18.54 -29.76 15.07
C SER B 373 -19.50 -30.79 14.48
N SER B 374 -20.78 -30.43 14.41
CA SER B 374 -21.79 -31.32 13.85
C SER B 374 -21.71 -31.43 12.34
N LYS B 375 -20.95 -30.56 11.68
CA LYS B 375 -20.85 -30.55 10.22
C LYS B 375 -19.67 -29.67 9.82
N ASN B 376 -19.32 -29.74 8.54
CA ASN B 376 -18.40 -28.77 7.96
C ASN B 376 -18.99 -27.37 8.09
N SER B 377 -18.25 -26.45 8.69
CA SER B 377 -18.78 -25.12 8.92
C SER B 377 -17.64 -24.16 9.23
N THR B 378 -17.99 -22.97 9.69
CA THR B 378 -17.05 -21.93 10.06
C THR B 378 -17.17 -21.67 11.56
N ALA B 379 -16.05 -21.70 12.26
CA ALA B 379 -16.00 -21.42 13.69
C ALA B 379 -15.45 -20.02 13.93
N HIS B 380 -16.10 -19.29 14.83
CA HIS B 380 -15.68 -17.94 15.21
C HIS B 380 -15.15 -17.94 16.64
N VAL B 381 -14.03 -17.25 16.84
CA VAL B 381 -13.45 -17.08 18.17
C VAL B 381 -13.29 -15.58 18.41
N ARG B 382 -13.96 -15.07 19.43
CA ARG B 382 -13.96 -13.65 19.74
C ARG B 382 -13.34 -13.42 21.11
N CYS B 383 -12.25 -12.68 21.15
CA CYS B 383 -11.70 -12.16 22.39
C CYS B 383 -11.84 -10.65 22.39
N LYS B 384 -11.56 -10.03 23.54
CA LYS B 384 -11.49 -8.58 23.57
C LYS B 384 -10.19 -8.08 22.93
N GLY B 385 -9.22 -8.96 22.73
CA GLY B 385 -7.99 -8.59 22.08
C GLY B 385 -7.99 -8.80 20.57
N ASP B 386 -8.70 -9.81 20.10
CA ASP B 386 -8.73 -10.11 18.68
C ASP B 386 -9.92 -11.02 18.38
N GLU B 387 -10.20 -11.17 17.08
CA GLU B 387 -11.23 -12.08 16.59
C GLU B 387 -10.74 -12.72 15.30
N THR B 388 -11.15 -13.96 15.08
CA THR B 388 -10.81 -14.68 13.85
C THR B 388 -11.91 -15.68 13.53
N ALA B 389 -11.81 -16.28 12.35
CA ALA B 389 -12.75 -17.30 11.91
C ALA B 389 -11.99 -18.30 11.04
N PHE B 390 -12.32 -19.58 11.21
CA PHE B 390 -11.59 -20.64 10.52
C PHE B 390 -12.53 -21.79 10.19
N SER B 391 -12.19 -22.54 9.15
CA SER B 391 -13.00 -23.67 8.72
C SER B 391 -12.80 -24.85 9.64
N VAL B 392 -13.90 -25.50 10.00
CA VAL B 392 -13.88 -26.69 10.85
C VAL B 392 -14.54 -27.83 10.11
N LEU B 393 -14.15 -29.05 10.47
CA LEU B 393 -14.68 -30.26 9.87
C LEU B 393 -15.65 -30.95 10.83
N GLU B 394 -16.49 -31.81 10.28
CA GLU B 394 -17.42 -32.58 11.08
C GLU B 394 -16.67 -33.53 12.00
N GLY B 395 -17.03 -33.52 13.28
CA GLY B 395 -16.39 -34.36 14.26
C GLY B 395 -15.44 -33.61 15.17
N VAL B 396 -14.59 -34.37 15.84
CA VAL B 396 -13.63 -33.84 16.80
C VAL B 396 -12.27 -33.73 16.13
N HIS B 397 -11.76 -32.50 16.02
CA HIS B 397 -10.43 -32.25 15.47
C HIS B 397 -9.78 -31.12 16.25
N SER B 398 -8.46 -31.04 16.14
CA SER B 398 -7.68 -29.98 16.77
C SER B 398 -7.25 -28.97 15.72
N TYR B 399 -7.33 -27.69 16.08
CA TYR B 399 -7.01 -26.60 15.17
C TYR B 399 -6.07 -25.62 15.86
N THR B 400 -5.19 -25.01 15.07
CA THR B 400 -4.28 -23.97 15.55
C THR B 400 -4.59 -22.68 14.80
N VAL B 401 -5.01 -21.66 15.55
CA VAL B 401 -5.42 -20.39 14.99
C VAL B 401 -4.53 -19.28 15.56
N SER B 402 -4.48 -18.17 14.84
CA SER B 402 -3.64 -17.03 15.20
C SER B 402 -4.51 -15.90 15.73
N LEU B 403 -4.24 -15.46 16.95
CA LEU B 403 -4.87 -14.31 17.57
C LEU B 403 -3.79 -13.40 18.14
N SER B 404 -4.05 -12.09 18.10
CA SER B 404 -3.08 -11.10 18.50
C SER B 404 -3.34 -10.63 19.94
N PHE B 405 -2.26 -10.44 20.68
CA PHE B 405 -2.31 -9.89 22.03
C PHE B 405 -1.23 -8.82 22.15
N ASP B 406 -1.43 -7.89 23.07
CA ASP B 406 -0.48 -6.79 23.28
C ASP B 406 0.22 -6.87 24.63
N HIS B 407 -0.04 -7.90 25.43
CA HIS B 407 0.61 -8.07 26.73
C HIS B 407 1.21 -9.47 26.82
N ALA B 408 2.09 -9.65 27.79
CA ALA B 408 2.87 -10.88 27.90
C ALA B 408 2.05 -12.01 28.52
N VAL B 409 1.39 -11.75 29.64
CA VAL B 409 0.60 -12.75 30.34
C VAL B 409 -0.85 -12.66 29.85
N VAL B 410 -1.37 -13.75 29.32
CA VAL B 410 -2.72 -13.83 28.78
C VAL B 410 -3.58 -14.58 29.78
N ASP B 411 -4.68 -13.95 30.22
CA ASP B 411 -5.59 -14.54 31.21
C ASP B 411 -6.95 -13.87 31.00
N GLU B 412 -7.70 -14.37 30.02
CA GLU B 412 -8.94 -13.74 29.62
C GLU B 412 -9.89 -14.78 29.04
N GLN B 413 -11.16 -14.41 28.97
CA GLN B 413 -12.23 -15.26 28.45
C GLN B 413 -12.55 -14.88 27.02
N CYS B 414 -12.83 -15.89 26.20
CA CYS B 414 -13.19 -15.69 24.80
C CYS B 414 -14.37 -16.58 24.46
N GLN B 415 -15.07 -16.21 23.40
CA GLN B 415 -16.33 -16.83 23.01
C GLN B 415 -16.17 -17.57 21.68
N LEU B 416 -16.85 -18.71 21.58
CA LEU B 416 -16.84 -19.56 20.39
C LEU B 416 -18.25 -19.66 19.84
N ASN B 417 -18.38 -19.66 18.51
CA ASN B 417 -19.70 -19.66 17.89
C ASN B 417 -19.66 -20.41 16.57
N CYS B 418 -20.64 -21.30 16.37
CA CYS B 418 -20.94 -21.90 15.08
C CYS B 418 -22.44 -21.79 14.85
N GLY B 419 -22.84 -21.21 13.72
CA GLY B 419 -24.23 -21.11 13.34
C GLY B 419 -25.14 -20.51 14.39
N GLY B 420 -24.64 -19.54 15.15
CA GLY B 420 -25.43 -18.90 16.18
C GLY B 420 -25.44 -19.58 17.53
N HIS B 421 -24.68 -20.66 17.69
CA HIS B 421 -24.61 -21.37 18.96
C HIS B 421 -23.32 -20.94 19.66
N GLU B 422 -23.45 -20.09 20.67
CA GLU B 422 -22.31 -19.45 21.30
C GLU B 422 -21.99 -20.09 22.65
N SER B 423 -20.71 -20.37 22.87
CA SER B 423 -20.19 -20.84 24.14
C SER B 423 -18.97 -20.01 24.51
N GLN B 424 -18.22 -20.43 25.53
CA GLN B 424 -17.06 -19.69 25.99
C GLN B 424 -15.85 -20.61 26.15
N VAL B 425 -14.66 -20.03 25.97
CA VAL B 425 -13.38 -20.74 26.02
C VAL B 425 -12.41 -19.87 26.82
N THR B 426 -11.41 -20.52 27.41
CA THR B 426 -10.53 -19.91 28.41
C THR B 426 -9.07 -20.00 27.97
N LEU B 427 -8.56 -18.92 27.38
CA LEU B 427 -7.19 -18.87 26.86
C LEU B 427 -6.23 -18.48 27.99
N LYS B 428 -5.21 -19.30 28.20
CA LYS B 428 -4.21 -19.06 29.25
C LYS B 428 -2.84 -19.43 28.72
N GLY B 429 -1.91 -18.47 28.75
CA GLY B 429 -0.56 -18.75 28.28
C GLY B 429 0.36 -17.57 28.55
N ASN B 430 1.60 -17.73 28.11
CA ASN B 430 2.62 -16.70 28.26
C ASN B 430 3.28 -16.45 26.91
N LEU B 431 3.53 -15.17 26.61
CA LEU B 431 4.07 -14.75 25.33
C LEU B 431 5.33 -13.92 25.55
N ILE B 432 6.18 -13.87 24.52
CA ILE B 432 7.44 -13.14 24.58
C ILE B 432 7.42 -12.03 23.53
N PHE B 433 8.36 -11.10 23.66
CA PHE B 433 8.49 -9.96 22.76
C PHE B 433 9.71 -10.16 21.86
N LEU B 434 9.54 -9.85 20.58
CA LEU B 434 10.60 -10.09 19.59
C LEU B 434 11.54 -8.89 19.52
N ASP B 435 12.82 -9.17 19.32
CA ASP B 435 13.86 -8.15 19.21
C ASP B 435 13.95 -7.65 17.77
N VAL B 436 14.51 -6.45 17.63
CA VAL B 436 14.61 -5.80 16.32
C VAL B 436 15.92 -6.14 15.63
N CYS C 3 -28.07 -8.92 -25.65
CA CYS C 3 -27.34 -8.23 -24.61
C CYS C 3 -26.85 -9.24 -23.55
N ASP C 4 -26.29 -8.73 -22.46
CA ASP C 4 -25.63 -9.57 -21.48
C ASP C 4 -26.56 -9.91 -20.32
N GLU C 5 -26.21 -10.98 -19.61
CA GLU C 5 -26.98 -11.49 -18.48
C GLU C 5 -26.53 -10.75 -17.23
N MET C 6 -27.20 -9.63 -16.94
CA MET C 6 -26.78 -8.76 -15.85
C MET C 6 -27.76 -8.72 -14.69
N VAL C 7 -29.05 -8.94 -14.92
CA VAL C 7 -30.03 -8.97 -13.84
C VAL C 7 -29.99 -10.33 -13.18
N HIS C 8 -29.63 -10.37 -11.90
CA HIS C 8 -29.55 -11.61 -11.15
C HIS C 8 -30.57 -11.70 -10.03
N ALA C 9 -31.48 -10.75 -9.93
CA ALA C 9 -32.54 -10.80 -8.94
C ALA C 9 -33.64 -9.83 -9.37
N ASP C 10 -34.89 -10.28 -9.31
CA ASP C 10 -36.05 -9.44 -9.56
C ASP C 10 -37.10 -9.75 -8.51
N SER C 11 -37.74 -8.70 -8.00
CA SER C 11 -38.66 -8.88 -6.88
C SER C 11 -39.83 -7.91 -7.01
N LYS C 12 -40.95 -8.29 -6.40
CA LYS C 12 -42.11 -7.43 -6.25
C LYS C 12 -42.23 -7.07 -4.77
N LEU C 13 -42.18 -5.78 -4.46
CA LEU C 13 -42.10 -5.29 -3.10
C LEU C 13 -43.30 -4.40 -2.77
N VAL C 14 -43.63 -4.35 -1.49
CA VAL C 14 -44.67 -3.46 -0.97
C VAL C 14 -43.97 -2.41 -0.13
N SER C 15 -43.87 -1.19 -0.68
CA SER C 15 -43.22 -0.08 -0.02
C SER C 15 -44.28 0.90 0.49
N CYS C 16 -44.08 1.41 1.70
CA CYS C 16 -45.07 2.25 2.37
C CYS C 16 -44.40 3.50 2.92
N ARG C 17 -45.23 4.48 3.25
CA ARG C 17 -44.76 5.72 3.86
C ARG C 17 -45.38 5.93 5.25
N LYS C 24 -50.82 6.51 5.59
CA LYS C 24 -49.93 5.39 5.29
C LYS C 24 -50.23 4.81 3.91
N GLU C 25 -49.59 5.36 2.88
CA GLU C 25 -49.72 4.79 1.55
C GLU C 25 -48.90 3.51 1.46
N CYS C 26 -49.29 2.65 0.53
CA CYS C 26 -48.54 1.43 0.25
C CYS C 26 -48.75 1.07 -1.22
N VAL C 27 -47.66 0.81 -1.93
CA VAL C 27 -47.68 0.53 -3.36
C VAL C 27 -46.86 -0.73 -3.64
N THR C 28 -47.39 -1.60 -4.48
CA THR C 28 -46.63 -2.74 -4.98
C THR C 28 -45.70 -2.29 -6.09
N THR C 29 -44.41 -2.59 -5.94
CA THR C 29 -43.40 -2.12 -6.87
C THR C 29 -42.44 -3.24 -7.22
N GLY C 30 -41.83 -3.13 -8.40
CA GLY C 30 -40.82 -4.06 -8.84
C GLY C 30 -39.42 -3.47 -8.66
N ARG C 31 -38.46 -4.36 -8.40
CA ARG C 31 -37.10 -3.93 -8.13
C ARG C 31 -36.14 -5.02 -8.61
N ALA C 32 -35.26 -4.66 -9.54
CA ALA C 32 -34.27 -5.57 -10.08
C ALA C 32 -32.87 -5.18 -9.60
N LEU C 33 -32.04 -6.20 -9.40
CA LEU C 33 -30.69 -6.02 -8.87
C LEU C 33 -29.67 -6.51 -9.90
N LEU C 34 -28.71 -5.64 -10.24
CA LEU C 34 -27.62 -5.96 -11.16
C LEU C 34 -26.32 -5.91 -10.35
N PRO C 35 -25.91 -7.02 -9.72
CA PRO C 35 -24.86 -6.91 -8.69
C PRO C 35 -23.45 -6.78 -9.21
N ALA C 36 -23.17 -7.14 -10.46
CA ALA C 36 -21.77 -7.17 -10.94
C ALA C 36 -21.77 -6.86 -12.43
N VAL C 37 -21.52 -5.59 -12.76
CA VAL C 37 -21.46 -5.13 -14.14
C VAL C 37 -20.03 -4.68 -14.42
N ASN C 38 -19.32 -5.43 -15.25
CA ASN C 38 -17.99 -5.04 -15.67
C ASN C 38 -18.06 -3.93 -16.71
N PRO C 39 -17.02 -3.12 -16.85
CA PRO C 39 -17.00 -2.11 -17.90
C PRO C 39 -17.13 -2.74 -19.28
N GLY C 40 -17.99 -2.15 -20.10
CA GLY C 40 -18.30 -2.66 -21.42
C GLY C 40 -19.53 -3.55 -21.46
N GLN C 41 -19.86 -4.20 -20.34
CA GLN C 41 -21.05 -5.02 -20.29
C GLN C 41 -22.30 -4.16 -20.26
N GLU C 42 -23.39 -4.71 -20.79
CA GLU C 42 -24.62 -3.95 -20.99
C GLU C 42 -25.82 -4.80 -20.68
N ALA C 43 -26.76 -4.25 -19.91
CA ALA C 43 -28.03 -4.90 -19.63
C ALA C 43 -29.13 -4.24 -20.45
N CYS C 44 -30.04 -5.05 -20.97
CA CYS C 44 -31.18 -4.57 -21.75
C CYS C 44 -32.46 -5.01 -21.07
N LEU C 45 -33.19 -4.06 -20.51
CA LEU C 45 -34.41 -4.29 -19.76
C LEU C 45 -35.60 -3.80 -20.56
N HIS C 46 -36.63 -4.64 -20.67
CA HIS C 46 -37.86 -4.31 -21.38
C HIS C 46 -38.99 -4.19 -20.36
N PHE C 47 -39.76 -3.11 -20.47
CA PHE C 47 -40.88 -2.85 -19.56
C PHE C 47 -42.15 -2.74 -20.38
N THR C 48 -43.17 -3.51 -19.99
CA THR C 48 -44.43 -3.57 -20.72
C THR C 48 -45.57 -3.10 -19.82
N ALA C 49 -46.38 -2.19 -20.34
CA ALA C 49 -47.55 -1.71 -19.64
C ALA C 49 -48.71 -2.70 -19.80
N PRO C 50 -49.69 -2.66 -18.89
CA PRO C 50 -50.78 -3.64 -18.97
C PRO C 50 -51.57 -3.58 -20.27
N GLY C 51 -51.84 -2.37 -20.78
CA GLY C 51 -52.70 -2.25 -21.95
C GLY C 51 -52.02 -2.54 -23.27
N SER C 52 -50.74 -2.19 -23.40
CA SER C 52 -50.05 -2.31 -24.67
C SER C 52 -49.01 -3.42 -24.61
N PRO C 53 -48.95 -4.30 -25.61
CA PRO C 53 -47.85 -5.27 -25.68
C PRO C 53 -46.52 -4.64 -26.06
N ASP C 54 -46.52 -3.37 -26.46
CA ASP C 54 -45.28 -2.68 -26.75
C ASP C 54 -44.42 -2.61 -25.49
N SER C 55 -43.11 -2.65 -25.69
CA SER C 55 -42.14 -2.63 -24.60
C SER C 55 -41.24 -1.41 -24.72
N LYS C 56 -40.96 -0.78 -23.58
CA LYS C 56 -39.98 0.29 -23.51
C LYS C 56 -38.63 -0.30 -23.14
N CYS C 57 -37.62 -0.03 -23.97
CA CYS C 57 -36.31 -0.64 -23.81
C CYS C 57 -35.38 0.31 -23.07
N LEU C 58 -34.80 -0.18 -21.97
CA LEU C 58 -33.83 0.57 -21.18
C LEU C 58 -32.52 -0.21 -21.16
N LYS C 59 -31.43 0.47 -21.49
CA LYS C 59 -30.11 -0.12 -21.53
C LYS C 59 -29.24 0.50 -20.44
N ILE C 60 -28.57 -0.34 -19.67
CA ILE C 60 -27.72 0.07 -18.55
C ILE C 60 -26.32 -0.45 -18.81
N LYS C 61 -25.36 0.47 -18.88
CA LYS C 61 -23.99 0.13 -19.24
C LYS C 61 -23.02 0.87 -18.32
N VAL C 62 -21.98 0.15 -17.90
CA VAL C 62 -20.84 0.76 -17.22
C VAL C 62 -19.81 1.10 -18.30
N LYS C 63 -19.71 2.39 -18.64
CA LYS C 63 -18.74 2.78 -19.66
C LYS C 63 -17.31 2.64 -19.14
N ARG C 64 -17.06 3.06 -17.90
CA ARG C 64 -15.72 3.01 -17.35
C ARG C 64 -15.78 3.30 -15.85
N ILE C 65 -14.88 2.66 -15.10
CA ILE C 65 -14.69 2.94 -13.69
C ILE C 65 -13.24 3.36 -13.51
N ASN C 66 -13.02 4.61 -13.11
CA ASN C 66 -11.69 5.19 -13.04
C ASN C 66 -11.18 5.23 -11.61
N LEU C 67 -9.90 4.90 -11.44
CA LEU C 67 -9.22 5.06 -10.17
C LEU C 67 -8.62 6.46 -10.11
N LYS C 68 -9.00 7.22 -9.09
CA LYS C 68 -8.58 8.60 -8.94
C LYS C 68 -7.55 8.71 -7.82
N CYS C 69 -6.46 9.41 -8.10
CA CYS C 69 -5.42 9.62 -7.10
C CYS C 69 -5.91 10.57 -6.03
N LYS C 70 -6.02 10.07 -4.80
CA LYS C 70 -6.37 10.91 -3.65
C LYS C 70 -5.07 11.44 -3.06
N LYS C 71 -4.75 12.70 -3.35
CA LYS C 71 -3.43 13.24 -3.10
C LYS C 71 -3.23 13.58 -1.63
N SER C 72 -1.96 13.50 -1.21
CA SER C 72 -1.54 14.11 0.05
C SER C 72 -0.96 15.49 -0.26
N SER C 73 -0.18 16.07 0.66
CA SER C 73 0.34 17.42 0.44
C SER C 73 1.31 17.43 -0.73
N SER C 74 1.17 18.42 -1.61
CA SER C 74 2.03 18.56 -2.76
C SER C 74 3.30 19.34 -2.43
N TYR C 75 4.34 19.10 -3.22
CA TYR C 75 5.58 19.84 -3.11
C TYR C 75 6.24 19.91 -4.48
N PHE C 76 7.35 20.63 -4.55
CA PHE C 76 8.05 20.89 -5.80
C PHE C 76 9.47 20.35 -5.73
N VAL C 77 9.96 19.87 -6.86
CA VAL C 77 11.29 19.26 -6.95
C VAL C 77 12.09 19.95 -8.04
N PRO C 78 13.29 20.45 -7.75
CA PRO C 78 14.13 21.05 -8.77
C PRO C 78 15.01 20.02 -9.47
N ASP C 79 15.49 20.41 -10.65
CA ASP C 79 16.47 19.61 -11.40
C ASP C 79 17.85 20.02 -10.88
N ALA C 80 18.30 19.35 -9.84
CA ALA C 80 19.46 19.80 -9.07
C ALA C 80 20.77 19.31 -9.70
N ARG C 81 21.78 20.16 -9.65
CA ARG C 81 23.12 19.83 -10.10
C ARG C 81 24.10 20.09 -8.96
N SER C 82 25.00 19.15 -8.73
CA SER C 82 25.92 19.25 -7.60
C SER C 82 27.03 20.27 -7.90
N ARG C 83 27.45 20.98 -6.85
CA ARG C 83 28.48 22.00 -6.95
C ARG C 83 29.24 22.07 -5.63
N CYS C 84 30.54 22.36 -5.71
CA CYS C 84 31.31 22.64 -4.51
C CYS C 84 32.60 23.36 -4.87
N THR C 85 33.21 23.97 -3.86
CA THR C 85 34.44 24.74 -4.00
C THR C 85 35.16 24.73 -2.66
N SER C 86 36.40 25.21 -2.66
CA SER C 86 37.19 25.23 -1.44
C SER C 86 38.34 26.22 -1.58
N VAL C 87 38.72 26.83 -0.46
CA VAL C 87 39.86 27.73 -0.39
C VAL C 87 40.60 27.47 0.92
N ARG C 88 41.92 27.61 0.88
CA ARG C 88 42.78 27.34 2.02
C ARG C 88 43.57 28.60 2.38
N ARG C 89 43.60 28.93 3.67
CA ARG C 89 44.33 30.08 4.18
C ARG C 89 45.21 29.65 5.33
N CYS C 90 46.42 30.22 5.38
CA CYS C 90 47.35 29.88 6.44
C CYS C 90 46.84 30.37 7.79
N ARG C 91 47.49 29.92 8.87
CA ARG C 91 47.01 30.09 10.23
C ARG C 91 46.98 31.54 10.70
N TRP C 92 47.63 32.47 10.00
CA TRP C 92 47.58 33.88 10.36
C TRP C 92 47.00 34.74 9.25
N ALA C 93 46.35 34.14 8.26
CA ALA C 93 45.79 34.84 7.13
C ALA C 93 44.27 34.67 7.10
N GLY C 94 43.59 35.70 6.61
CA GLY C 94 42.16 35.68 6.42
C GLY C 94 41.43 35.50 7.74
N ASP C 95 40.27 34.86 7.65
CA ASP C 95 39.49 34.54 8.83
C ASP C 95 40.18 33.47 9.68
N CYS C 96 41.02 32.64 9.07
CA CYS C 96 41.74 31.60 9.78
C CYS C 96 42.76 32.18 10.75
N GLN C 97 42.30 32.73 11.87
CA GLN C 97 43.16 33.23 12.92
C GLN C 97 43.18 32.20 14.04
N SER C 98 44.29 31.45 14.13
CA SER C 98 44.46 30.38 15.12
C SER C 98 43.36 29.34 15.00
N GLY C 99 43.30 28.70 13.83
CA GLY C 99 42.34 27.65 13.60
C GLY C 99 41.05 28.16 12.98
N CYS C 100 40.08 27.25 12.93
CA CYS C 100 38.79 27.55 12.34
C CYS C 100 37.99 28.48 13.25
N PRO C 101 37.43 29.57 12.72
CA PRO C 101 36.65 30.48 13.57
C PRO C 101 35.33 29.85 13.98
N PRO C 102 34.84 30.14 15.18
CA PRO C 102 33.62 29.48 15.66
C PRO C 102 32.36 29.84 14.88
N HIS C 103 32.33 30.99 14.21
CA HIS C 103 31.12 31.43 13.53
C HIS C 103 30.87 30.71 12.20
N PHE C 104 31.88 30.04 11.65
CA PHE C 104 31.78 29.45 10.32
C PHE C 104 31.07 28.10 10.43
N THR C 105 29.75 28.15 10.40
CA THR C 105 28.94 26.93 10.48
C THR C 105 28.59 26.45 9.08
N SER C 106 27.46 25.74 8.96
CA SER C 106 27.06 25.15 7.69
C SER C 106 26.46 26.16 6.72
N ASN C 107 26.04 27.34 7.20
CA ASN C 107 25.43 28.36 6.35
C ASN C 107 26.33 29.58 6.17
N SER C 108 27.63 29.43 6.41
CA SER C 108 28.57 30.52 6.32
C SER C 108 29.25 30.55 4.95
N PHE C 109 29.56 31.75 4.49
CA PHE C 109 30.28 31.97 3.24
C PHE C 109 31.59 32.69 3.54
N SER C 110 32.61 32.39 2.74
CA SER C 110 33.91 33.02 2.86
C SER C 110 34.14 33.94 1.68
N ASP C 111 34.76 35.10 1.93
CA ASP C 111 35.05 36.06 0.87
C ASP C 111 36.17 35.60 -0.05
N ASP C 112 36.88 34.53 0.29
CA ASP C 112 38.00 34.04 -0.49
C ASP C 112 37.59 33.00 -1.54
N TRP C 113 36.29 32.76 -1.72
CA TRP C 113 35.87 31.78 -2.70
C TRP C 113 35.92 32.34 -4.12
N ALA C 114 35.62 33.63 -4.29
CA ALA C 114 35.64 34.42 -5.53
C ALA C 114 34.77 33.85 -6.67
N GLY C 115 34.10 32.72 -6.50
CA GLY C 115 33.24 32.20 -7.53
C GLY C 115 31.80 32.70 -7.36
N LYS C 116 31.07 32.75 -8.48
CA LYS C 116 29.68 33.19 -8.47
C LYS C 116 28.84 32.18 -7.69
N MET C 117 28.29 32.62 -6.55
CA MET C 117 27.54 31.74 -5.67
C MET C 117 26.28 32.44 -5.20
N ASP C 118 25.24 31.65 -4.94
CA ASP C 118 23.97 32.18 -4.44
C ASP C 118 24.01 32.17 -2.92
N ARG C 119 24.00 33.36 -2.32
CA ARG C 119 24.04 33.47 -0.87
C ARG C 119 22.79 32.92 -0.22
N ALA C 120 21.67 32.91 -0.95
CA ALA C 120 20.43 32.30 -0.47
C ALA C 120 20.25 30.87 -0.94
N GLY C 121 21.22 30.33 -1.67
CA GLY C 121 21.08 28.99 -2.21
C GLY C 121 21.27 27.90 -1.17
N LEU C 122 20.66 26.76 -1.45
CA LEU C 122 20.70 25.62 -0.55
C LEU C 122 22.05 24.92 -0.65
N GLY C 123 22.73 24.76 0.49
CA GLY C 123 24.02 24.11 0.48
C GLY C 123 24.50 23.82 1.89
N PHE C 124 25.74 23.36 1.97
CA PHE C 124 26.36 23.00 3.25
C PHE C 124 27.84 23.37 3.20
N SER C 125 28.25 24.28 4.07
CA SER C 125 29.63 24.73 4.14
C SER C 125 30.27 24.29 5.46
N GLY C 126 31.56 24.51 5.58
CA GLY C 126 32.28 24.16 6.79
C GLY C 126 33.74 24.51 6.69
N CYS C 127 34.38 24.57 7.85
CA CYS C 127 35.81 24.80 7.98
C CYS C 127 36.49 23.55 8.49
N SER C 128 37.66 23.25 7.93
CA SER C 128 38.40 22.06 8.28
C SER C 128 39.89 22.39 8.28
N ASP C 129 40.68 21.48 8.83
CA ASP C 129 42.13 21.66 8.92
C ASP C 129 42.81 21.07 7.69
N GLY C 130 43.71 21.85 7.10
CA GLY C 130 44.47 21.41 5.95
C GLY C 130 45.95 21.26 6.26
N CYS C 131 46.74 21.16 5.20
CA CYS C 131 48.19 21.06 5.35
C CYS C 131 48.74 22.32 6.01
N GLY C 132 49.84 22.15 6.75
CA GLY C 132 50.34 23.21 7.59
C GLY C 132 51.73 23.72 7.26
N GLY C 133 52.70 22.82 7.12
CA GLY C 133 54.10 23.19 6.94
C GLY C 133 54.44 24.07 5.75
N ALA C 134 55.69 24.54 5.68
CA ALA C 134 56.12 25.33 4.53
C ALA C 134 56.15 24.49 3.25
N ALA C 135 56.12 23.16 3.37
CA ALA C 135 56.07 22.31 2.20
C ALA C 135 54.78 22.52 1.40
N CYS C 136 53.74 23.08 2.02
CA CYS C 136 52.53 23.48 1.30
C CYS C 136 52.33 25.00 1.32
N GLY C 137 53.39 25.77 1.51
CA GLY C 137 53.32 27.21 1.36
C GLY C 137 52.62 27.98 2.46
N CYS C 138 53.11 27.88 3.70
CA CYS C 138 52.57 28.65 4.81
C CYS C 138 53.70 29.04 5.75
N PHE C 139 53.68 30.30 6.19
CA PHE C 139 54.63 30.77 7.19
C PHE C 139 54.51 29.94 8.46
N ASN C 140 53.29 29.76 8.94
CA ASN C 140 53.04 28.95 10.12
C ASN C 140 53.18 27.47 9.78
N ALA C 141 53.61 26.69 10.79
CA ALA C 141 53.83 25.26 10.62
C ALA C 141 52.65 24.41 11.10
N ALA C 142 51.74 24.98 11.88
CA ALA C 142 50.55 24.25 12.30
C ALA C 142 49.53 24.19 11.17
N PRO C 143 48.62 23.21 11.19
CA PRO C 143 47.66 23.06 10.10
C PRO C 143 46.84 24.32 9.86
N SER C 144 46.45 24.51 8.59
CA SER C 144 45.71 25.67 8.12
C SER C 144 44.22 25.40 8.13
N CYS C 145 43.46 26.30 7.53
CA CYS C 145 42.01 26.19 7.44
C CYS C 145 41.60 26.04 5.98
N ILE C 146 40.65 25.15 5.72
CA ILE C 146 40.08 24.95 4.40
C ILE C 146 38.59 25.29 4.47
N PHE C 147 38.22 26.41 3.86
CA PHE C 147 36.83 26.85 3.80
C PHE C 147 36.19 26.25 2.55
N TRP C 148 35.24 25.34 2.76
CA TRP C 148 34.60 24.61 1.67
C TRP C 148 33.09 24.75 1.79
N ARG C 149 32.40 24.43 0.69
CA ARG C 149 30.95 24.40 0.66
C ARG C 149 30.49 23.54 -0.50
N LYS C 150 29.59 22.61 -0.22
CA LYS C 150 28.89 21.85 -1.25
C LYS C 150 27.44 22.33 -1.31
N TRP C 151 26.93 22.50 -2.52
CA TRP C 151 25.57 23.00 -2.70
C TRP C 151 25.01 22.50 -4.01
N VAL C 152 23.72 22.75 -4.21
CA VAL C 152 23.00 22.36 -5.41
C VAL C 152 22.38 23.60 -6.04
N GLU C 153 22.35 23.62 -7.36
CA GLU C 153 21.74 24.70 -8.12
C GLU C 153 20.87 24.10 -9.20
N ASN C 154 19.95 24.92 -9.72
CA ASN C 154 19.00 24.48 -10.74
C ASN C 154 19.22 25.28 -12.02
N PRO C 155 20.14 24.87 -12.88
CA PRO C 155 20.19 25.42 -14.23
C PRO C 155 18.98 24.96 -15.03
N HIS C 156 18.67 25.72 -16.08
CA HIS C 156 17.51 25.49 -16.94
C HIS C 156 16.19 25.73 -16.21
N GLY C 157 16.24 25.84 -14.88
CA GLY C 157 15.06 26.14 -14.10
C GLY C 157 13.93 25.13 -14.26
N ILE C 158 14.26 23.85 -14.36
CA ILE C 158 13.25 22.81 -14.54
C ILE C 158 12.65 22.45 -13.18
N ILE C 159 11.32 22.42 -13.10
CA ILE C 159 10.60 22.18 -11.87
C ILE C 159 9.50 21.16 -12.12
N TRP C 160 9.34 20.21 -11.20
CA TRP C 160 8.23 19.27 -11.20
C TRP C 160 7.37 19.51 -9.96
N LYS C 161 6.06 19.41 -10.13
CA LYS C 161 5.13 19.39 -9.00
C LYS C 161 4.82 17.94 -8.69
N VAL C 162 5.08 17.54 -7.45
CA VAL C 162 4.94 16.15 -7.01
C VAL C 162 3.79 16.07 -6.03
N SER C 163 2.86 15.14 -6.29
CA SER C 163 1.71 14.92 -5.42
C SER C 163 1.60 13.42 -5.12
N PRO C 164 2.02 12.98 -3.93
CA PRO C 164 1.88 11.57 -3.60
C PRO C 164 0.43 11.15 -3.55
N CYS C 165 0.16 9.94 -4.05
CA CYS C 165 -1.19 9.38 -4.03
C CYS C 165 -1.33 8.56 -2.76
N ALA C 166 -1.95 9.15 -1.73
CA ALA C 166 -2.13 8.44 -0.47
C ALA C 166 -3.08 7.26 -0.63
N ALA C 167 -3.98 7.32 -1.61
CA ALA C 167 -4.94 6.24 -1.85
C ALA C 167 -5.56 6.44 -3.23
N TRP C 168 -6.35 5.45 -3.64
CA TRP C 168 -7.03 5.46 -4.93
C TRP C 168 -8.50 5.15 -4.72
N VAL C 169 -9.37 5.92 -5.37
CA VAL C 169 -10.81 5.80 -5.17
C VAL C 169 -11.50 5.55 -6.51
N PRO C 170 -12.40 4.58 -6.61
CA PRO C 170 -13.11 4.35 -7.87
C PRO C 170 -14.09 5.46 -8.17
N SER C 171 -14.11 5.89 -9.43
CA SER C 171 -15.06 6.88 -9.92
C SER C 171 -15.74 6.32 -11.16
N ALA C 172 -17.02 6.00 -11.04
CA ALA C 172 -17.75 5.30 -12.08
C ALA C 172 -18.34 6.27 -13.09
N VAL C 173 -18.38 5.83 -14.35
CA VAL C 173 -19.07 6.52 -15.42
C VAL C 173 -20.04 5.54 -16.05
N ILE C 174 -21.34 5.80 -15.93
CA ILE C 174 -22.36 4.90 -16.44
C ILE C 174 -23.03 5.53 -17.64
N GLU C 175 -23.58 4.66 -18.50
CA GLU C 175 -24.27 5.07 -19.71
C GLU C 175 -25.65 4.44 -19.72
N LEU C 176 -26.69 5.27 -19.76
CA LEU C 176 -28.08 4.82 -19.75
C LEU C 176 -28.76 5.25 -21.04
N THR C 177 -29.39 4.30 -21.72
CA THR C 177 -30.10 4.57 -22.97
C THR C 177 -31.60 4.48 -22.71
N MET C 178 -32.31 5.56 -23.01
CA MET C 178 -33.74 5.63 -22.77
C MET C 178 -34.51 4.91 -23.87
N PRO C 179 -35.78 4.56 -23.61
CA PRO C 179 -36.63 4.07 -24.70
C PRO C 179 -36.73 5.04 -25.86
N SER C 180 -36.62 6.35 -25.60
CA SER C 180 -36.66 7.34 -26.66
C SER C 180 -35.41 7.31 -27.53
N GLY C 181 -34.36 6.59 -27.13
CA GLY C 181 -33.09 6.61 -27.82
C GLY C 181 -32.07 7.55 -27.22
N GLU C 182 -32.49 8.45 -26.34
CA GLU C 182 -31.56 9.35 -25.68
C GLU C 182 -30.56 8.57 -24.84
N VAL C 183 -29.29 8.97 -24.92
CA VAL C 183 -28.20 8.35 -24.17
C VAL C 183 -27.69 9.35 -23.15
N ARG C 184 -27.65 8.94 -21.89
CA ARG C 184 -27.18 9.77 -20.78
C ARG C 184 -25.92 9.15 -20.19
N THR C 185 -24.79 9.82 -20.39
CA THR C 185 -23.50 9.40 -19.82
C THR C 185 -23.12 10.37 -18.73
N PHE C 186 -22.87 9.85 -17.52
CA PHE C 186 -22.61 10.69 -16.37
C PHE C 186 -21.99 9.87 -15.26
N HIS C 187 -21.30 10.57 -14.35
CA HIS C 187 -20.78 10.02 -13.11
C HIS C 187 -21.88 10.05 -12.06
N PRO C 188 -22.36 8.89 -11.64
CA PRO C 188 -23.54 8.85 -10.76
C PRO C 188 -23.17 9.06 -9.30
N MET C 189 -24.16 9.57 -8.56
CA MET C 189 -24.08 9.60 -7.11
C MET C 189 -24.58 8.25 -6.58
N SER C 190 -23.74 7.57 -5.80
CA SER C 190 -24.12 6.27 -5.26
C SER C 190 -25.25 6.41 -4.27
N GLY C 191 -26.26 5.55 -4.42
CA GLY C 191 -27.42 5.56 -3.54
C GLY C 191 -28.49 6.55 -3.91
N ILE C 192 -28.28 7.37 -4.93
CA ILE C 192 -29.23 8.40 -5.35
C ILE C 192 -29.94 7.89 -6.61
N PRO C 193 -31.27 7.79 -6.60
CA PRO C 193 -31.96 7.27 -7.78
C PRO C 193 -31.98 8.28 -8.92
N THR C 194 -31.81 7.78 -10.13
CA THR C 194 -31.89 8.59 -11.34
C THR C 194 -33.17 8.24 -12.08
N GLN C 195 -34.07 9.22 -12.19
CA GLN C 195 -35.31 9.01 -12.94
C GLN C 195 -35.00 8.97 -14.42
N VAL C 196 -35.23 7.82 -15.05
CA VAL C 196 -34.94 7.63 -16.47
C VAL C 196 -36.17 7.86 -17.33
N PHE C 197 -37.32 7.33 -16.93
CA PHE C 197 -38.59 7.62 -17.59
C PHE C 197 -39.72 7.26 -16.64
N LYS C 198 -40.96 7.34 -17.14
CA LYS C 198 -42.15 7.22 -16.30
C LYS C 198 -42.17 5.87 -15.57
N GLY C 199 -42.19 5.94 -14.23
CA GLY C 199 -42.29 4.77 -13.39
C GLY C 199 -41.01 4.02 -13.12
N VAL C 200 -39.90 4.41 -13.74
CA VAL C 200 -38.65 3.66 -13.64
C VAL C 200 -37.53 4.58 -13.17
N SER C 201 -36.70 4.08 -12.25
CA SER C 201 -35.52 4.79 -11.79
C SER C 201 -34.36 3.80 -11.72
N VAL C 202 -33.15 4.34 -11.82
CA VAL C 202 -31.92 3.54 -11.74
C VAL C 202 -31.05 4.11 -10.64
N THR C 203 -30.56 3.23 -9.77
CA THR C 203 -29.69 3.61 -8.66
C THR C 203 -28.38 2.85 -8.77
N TYR C 204 -27.27 3.59 -8.79
CA TYR C 204 -25.94 3.00 -8.75
C TYR C 204 -25.58 2.74 -7.29
N LEU C 205 -25.31 1.48 -6.96
CA LEU C 205 -25.11 1.08 -5.57
C LEU C 205 -23.65 1.11 -5.13
N GLY C 206 -22.70 1.26 -6.06
CA GLY C 206 -21.30 1.29 -5.68
C GLY C 206 -20.39 0.49 -6.59
N SER C 207 -19.08 0.58 -6.35
CA SER C 207 -18.10 -0.09 -7.19
C SER C 207 -17.26 -1.05 -6.34
N ASP C 208 -16.71 -2.05 -7.02
CA ASP C 208 -15.80 -3.01 -6.41
C ASP C 208 -14.62 -3.23 -7.34
N MET C 209 -13.41 -3.25 -6.79
CA MET C 209 -12.21 -3.57 -7.54
C MET C 209 -11.45 -4.67 -6.82
N GLU C 210 -11.06 -5.71 -7.57
CA GLU C 210 -10.39 -6.85 -6.97
C GLU C 210 -8.90 -6.62 -6.75
N VAL C 211 -8.32 -5.62 -7.40
CA VAL C 211 -6.90 -5.32 -7.22
C VAL C 211 -6.71 -4.60 -5.88
N SER C 212 -5.75 -5.09 -5.10
CA SER C 212 -5.53 -4.56 -3.76
C SER C 212 -4.03 -4.46 -3.49
N GLY C 213 -3.69 -3.66 -2.47
CA GLY C 213 -2.30 -3.51 -2.07
C GLY C 213 -1.41 -2.84 -3.09
N LEU C 214 -1.95 -1.88 -3.84
CA LEU C 214 -1.15 -1.20 -4.86
C LEU C 214 0.02 -0.48 -4.23
N THR C 215 1.19 -0.59 -4.88
CA THR C 215 2.39 0.06 -4.37
C THR C 215 2.22 1.58 -4.38
N ASP C 216 3.03 2.25 -3.56
CA ASP C 216 2.92 3.69 -3.39
C ASP C 216 3.40 4.41 -4.65
N LEU C 217 2.57 5.32 -5.15
CA LEU C 217 2.86 6.07 -6.37
C LEU C 217 2.59 7.55 -6.14
N CYS C 218 3.21 8.38 -6.99
CA CYS C 218 3.08 9.82 -6.88
C CYS C 218 2.87 10.42 -8.26
N GLU C 219 2.01 11.42 -8.34
CA GLU C 219 1.80 12.16 -9.58
C GLU C 219 2.91 13.19 -9.75
N ILE C 220 3.62 13.10 -10.86
CA ILE C 220 4.76 13.98 -11.15
C ILE C 220 4.44 14.75 -12.42
N GLU C 221 4.52 16.09 -12.34
CA GLU C 221 4.15 16.97 -13.43
C GLU C 221 5.20 18.06 -13.58
N GLU C 222 5.84 18.12 -14.74
CA GLU C 222 6.74 19.22 -15.03
C GLU C 222 5.93 20.48 -15.33
N LEU C 223 6.35 21.61 -14.75
CA LEU C 223 5.50 22.79 -14.72
C LEU C 223 5.45 23.57 -16.02
N LYS C 224 6.41 23.38 -16.93
CA LYS C 224 6.38 24.09 -18.20
C LYS C 224 6.39 23.18 -19.41
N SER C 225 6.51 21.88 -19.24
CA SER C 225 6.21 20.92 -20.31
C SER C 225 4.89 20.21 -20.11
N LYS C 226 4.32 20.25 -18.90
CA LYS C 226 3.04 19.67 -18.54
C LYS C 226 3.00 18.15 -18.70
N LYS C 227 4.13 17.52 -18.98
CA LYS C 227 4.16 16.07 -19.10
C LYS C 227 3.95 15.42 -17.74
N LEU C 228 3.32 14.25 -17.74
CA LEU C 228 2.90 13.58 -16.53
C LEU C 228 3.64 12.26 -16.36
N ALA C 229 3.89 11.91 -15.10
CA ALA C 229 4.54 10.66 -14.74
C ALA C 229 3.98 10.18 -13.41
N LEU C 230 4.15 8.87 -13.16
CA LEU C 230 3.61 8.23 -11.96
C LEU C 230 4.67 7.25 -11.45
N ALA C 231 5.23 7.55 -10.27
CA ALA C 231 6.38 6.82 -9.77
C ALA C 231 6.43 6.97 -8.26
N PRO C 232 7.21 6.13 -7.57
CA PRO C 232 7.36 6.30 -6.13
C PRO C 232 8.11 7.58 -5.79
N CYS C 233 7.79 8.13 -4.62
CA CYS C 233 8.40 9.38 -4.18
C CYS C 233 8.30 9.48 -2.67
N ASN C 234 8.96 10.49 -2.12
CA ASN C 234 8.86 10.80 -0.69
C ASN C 234 7.56 11.54 -0.41
N GLN C 235 7.07 11.35 0.82
CA GLN C 235 5.98 12.20 1.30
C GLN C 235 6.49 13.63 1.45
N ALA C 236 5.54 14.57 1.55
CA ALA C 236 5.91 15.95 1.77
C ALA C 236 6.65 16.11 3.09
N GLY C 237 7.80 16.76 3.05
CA GLY C 237 8.62 16.94 4.22
C GLY C 237 9.61 15.83 4.50
N MET C 238 9.48 14.69 3.82
CA MET C 238 10.41 13.59 3.99
C MET C 238 11.54 13.67 2.97
N GLY C 239 12.71 13.18 3.35
CA GLY C 239 13.88 13.24 2.48
C GLY C 239 14.69 11.97 2.44
N VAL C 240 14.04 10.83 2.22
CA VAL C 240 14.77 9.57 2.07
C VAL C 240 15.63 9.64 0.82
N VAL C 241 16.93 9.42 0.98
CA VAL C 241 17.85 9.47 -0.15
C VAL C 241 17.59 8.30 -1.07
N GLY C 242 17.48 8.58 -2.37
CA GLY C 242 17.24 7.56 -3.37
C GLY C 242 15.89 7.62 -4.05
N LYS C 243 15.05 8.59 -3.68
CA LYS C 243 13.72 8.72 -4.26
C LYS C 243 13.48 10.18 -4.65
N VAL C 244 12.53 10.37 -5.57
CA VAL C 244 12.09 11.72 -5.91
C VAL C 244 11.59 12.41 -4.66
N GLY C 245 12.04 13.65 -4.45
CA GLY C 245 11.73 14.37 -3.24
C GLY C 245 12.84 14.42 -2.21
N GLU C 246 13.96 13.74 -2.45
CA GLU C 246 15.12 13.88 -1.57
C GLU C 246 15.55 15.35 -1.49
N ILE C 247 15.40 16.07 -2.59
CA ILE C 247 15.45 17.54 -2.61
C ILE C 247 14.06 18.01 -2.99
N GLN C 248 13.42 18.79 -2.11
CA GLN C 248 12.08 19.26 -2.38
C GLN C 248 11.91 20.65 -1.81
N CYS C 249 11.01 21.42 -2.43
CA CYS C 249 10.77 22.80 -2.06
C CYS C 249 9.27 23.02 -1.90
N SER C 250 8.91 23.97 -1.03
CA SER C 250 7.52 24.25 -0.72
C SER C 250 6.85 25.20 -1.70
N SER C 251 7.58 25.67 -2.72
CA SER C 251 6.99 26.56 -3.71
C SER C 251 7.77 26.44 -5.02
N GLU C 252 7.14 26.93 -6.09
CA GLU C 252 7.79 26.89 -7.40
C GLU C 252 8.98 27.85 -7.47
N GLU C 253 8.84 29.03 -6.87
CA GLU C 253 9.91 30.01 -6.91
C GLU C 253 11.11 29.55 -6.10
N SER C 254 10.88 28.91 -4.95
CA SER C 254 11.99 28.37 -4.18
C SER C 254 12.71 27.27 -4.95
N ALA C 255 11.96 26.45 -5.69
CA ALA C 255 12.60 25.38 -6.45
C ALA C 255 13.27 25.89 -7.71
N ARG C 256 12.94 27.12 -8.15
CA ARG C 256 13.53 27.65 -9.37
C ARG C 256 15.03 27.85 -9.22
N THR C 257 15.47 28.31 -8.04
CA THR C 257 16.88 28.53 -7.76
C THR C 257 17.37 27.72 -6.56
N ILE C 258 16.52 26.86 -6.00
CA ILE C 258 16.85 26.06 -4.82
C ILE C 258 17.33 26.97 -3.69
N LYS C 259 16.41 27.72 -3.10
CA LYS C 259 16.74 28.64 -2.02
C LYS C 259 16.65 27.94 -0.67
N LYS C 260 17.39 28.49 0.30
CA LYS C 260 17.39 27.92 1.65
C LYS C 260 16.03 28.02 2.30
N ASP C 261 15.33 29.14 2.10
CA ASP C 261 14.11 29.43 2.85
C ASP C 261 12.97 28.48 2.52
N GLY C 262 12.97 27.85 1.35
CA GLY C 262 11.84 27.04 0.95
C GLY C 262 12.14 25.58 0.65
N CYS C 263 13.41 25.23 0.56
CA CYS C 263 13.81 23.87 0.18
C CYS C 263 14.51 23.17 1.34
N ILE C 264 14.47 21.84 1.28
CA ILE C 264 15.13 20.97 2.24
C ILE C 264 15.84 19.86 1.48
N TRP C 265 16.87 19.30 2.10
CA TRP C 265 17.63 18.21 1.49
C TRP C 265 18.45 17.50 2.54
N ASN C 266 19.09 16.41 2.11
CA ASN C 266 20.13 15.73 2.87
C ASN C 266 21.46 16.10 2.26
N ALA C 267 22.32 16.77 3.05
CA ALA C 267 23.58 17.28 2.53
C ALA C 267 24.49 16.17 2.02
N ASP C 268 24.27 14.92 2.44
CA ASP C 268 25.06 13.81 1.95
C ASP C 268 24.73 13.44 0.51
N LEU C 269 23.80 14.16 -0.14
CA LEU C 269 23.54 13.93 -1.55
C LEU C 269 24.70 14.39 -2.43
N VAL C 270 25.61 15.20 -1.89
CA VAL C 270 26.81 15.62 -2.59
C VAL C 270 28.01 15.18 -1.75
N GLY C 271 28.88 14.38 -2.34
CA GLY C 271 30.09 13.93 -1.66
C GLY C 271 31.23 14.88 -1.95
N ILE C 272 31.96 15.26 -0.89
CA ILE C 272 33.11 16.14 -1.01
C ILE C 272 34.22 15.64 -0.09
N GLU C 273 35.40 15.43 -0.67
CA GLU C 273 36.62 15.22 0.10
C GLU C 273 37.38 16.54 0.15
N LEU C 274 38.48 16.56 0.89
CA LEU C 274 39.31 17.76 1.00
C LEU C 274 40.77 17.38 0.72
N ARG C 275 41.22 17.68 -0.49
CA ARG C 275 42.64 17.53 -0.83
C ARG C 275 43.42 18.74 -0.32
N VAL C 276 44.71 18.79 -0.67
CA VAL C 276 45.57 19.86 -0.17
C VAL C 276 45.09 21.21 -0.68
N ASP C 277 44.74 21.30 -1.96
CA ASP C 277 44.45 22.59 -2.56
C ASP C 277 43.27 22.56 -3.54
N ASP C 278 42.35 21.62 -3.40
CA ASP C 278 41.15 21.60 -4.25
C ASP C 278 40.10 20.73 -3.58
N ALA C 279 39.07 20.39 -4.36
CA ALA C 279 38.00 19.49 -3.92
C ALA C 279 37.34 18.89 -5.15
N VAL C 280 37.07 17.60 -5.10
CA VAL C 280 36.33 16.91 -6.16
C VAL C 280 34.90 16.73 -5.69
N CYS C 281 33.95 16.91 -6.60
CA CYS C 281 32.52 16.84 -6.29
C CYS C 281 31.92 15.61 -6.93
N TYR C 282 31.20 14.83 -6.14
CA TYR C 282 30.60 13.58 -6.58
C TYR C 282 29.09 13.68 -6.38
N SER C 283 28.37 13.87 -7.48
CA SER C 283 26.92 13.95 -7.41
C SER C 283 26.34 12.58 -7.07
N LYS C 284 25.54 12.54 -6.01
CA LYS C 284 24.78 11.34 -5.63
C LYS C 284 23.29 11.58 -5.73
N ILE C 285 22.87 12.55 -6.54
CA ILE C 285 21.48 12.92 -6.66
C ILE C 285 20.79 12.01 -7.67
N THR C 286 19.59 11.56 -7.33
CA THR C 286 18.79 10.75 -8.24
C THR C 286 18.13 11.64 -9.28
N SER C 287 18.32 11.29 -10.55
CA SER C 287 17.78 12.09 -11.64
C SER C 287 16.26 12.00 -11.67
N VAL C 288 15.59 13.12 -11.39
CA VAL C 288 14.14 13.16 -11.49
C VAL C 288 13.70 13.07 -12.95
N GLU C 289 14.50 13.62 -13.86
CA GLU C 289 14.19 13.54 -15.29
C GLU C 289 14.19 12.09 -15.76
N ALA C 290 15.12 11.27 -15.27
CA ALA C 290 15.17 9.87 -15.67
C ALA C 290 13.97 9.11 -15.14
N VAL C 291 13.51 9.43 -13.93
CA VAL C 291 12.33 8.78 -13.38
C VAL C 291 11.08 9.19 -14.15
N ALA C 292 10.98 10.48 -14.52
CA ALA C 292 9.83 10.95 -15.26
C ALA C 292 9.76 10.33 -16.66
N ASN C 293 10.91 10.07 -17.28
CA ASN C 293 10.92 9.43 -18.58
C ASN C 293 10.46 7.98 -18.50
N TYR C 294 10.98 7.24 -17.50
CA TYR C 294 10.65 5.83 -17.39
C TYR C 294 9.21 5.60 -16.92
N SER C 295 8.68 6.50 -16.09
CA SER C 295 7.34 6.38 -15.54
C SER C 295 6.33 7.29 -16.23
N ALA C 296 6.62 7.70 -17.47
CA ALA C 296 5.77 8.66 -18.14
C ALA C 296 4.38 8.09 -18.44
N ILE C 297 3.37 8.92 -18.25
CA ILE C 297 1.98 8.57 -18.59
C ILE C 297 1.84 8.55 -20.10
N PRO C 298 1.18 7.55 -20.70
CA PRO C 298 0.54 6.39 -20.07
C PRO C 298 1.52 5.29 -19.68
N THR C 299 1.22 4.57 -18.60
CA THR C 299 2.08 3.51 -18.12
C THR C 299 1.22 2.47 -17.41
N THR C 300 1.78 1.27 -17.27
CA THR C 300 1.10 0.14 -16.66
C THR C 300 1.86 -0.30 -15.42
N ILE C 301 1.16 -0.36 -14.28
CA ILE C 301 1.73 -0.76 -13.01
C ILE C 301 0.75 -1.68 -12.30
N GLY C 302 1.20 -2.88 -11.96
CA GLY C 302 0.39 -3.80 -11.17
C GLY C 302 -0.90 -4.21 -11.85
N GLY C 303 -0.87 -4.39 -13.16
CA GLY C 303 -2.07 -4.69 -13.93
C GLY C 303 -3.03 -3.53 -14.11
N LEU C 304 -2.66 -2.34 -13.65
CA LEU C 304 -3.50 -1.15 -13.79
C LEU C 304 -2.92 -0.25 -14.88
N ARG C 305 -3.77 0.19 -15.79
CA ARG C 305 -3.37 1.12 -16.83
C ARG C 305 -3.67 2.54 -16.37
N PHE C 306 -2.64 3.37 -16.28
CA PHE C 306 -2.77 4.76 -15.84
C PHE C 306 -2.56 5.69 -17.03
N GLU C 307 -3.57 6.50 -17.33
CA GLU C 307 -3.57 7.39 -18.48
C GLU C 307 -4.07 8.77 -18.06
N ARG C 308 -3.93 9.72 -18.97
CA ARG C 308 -4.43 11.08 -18.75
C ARG C 308 -5.94 11.07 -18.65
N SER C 309 -6.48 11.91 -17.77
CA SER C 309 -7.88 11.86 -17.41
C SER C 309 -8.71 12.80 -18.28
N HIS C 310 -9.97 12.43 -18.47
CA HIS C 310 -10.92 13.24 -19.22
C HIS C 310 -11.77 14.14 -18.32
N ASP C 311 -11.69 14.00 -17.01
CA ASP C 311 -12.42 14.83 -16.08
C ASP C 311 -11.45 15.77 -15.35
N SER C 312 -11.97 16.53 -14.40
CA SER C 312 -11.18 17.53 -13.69
C SER C 312 -10.78 17.11 -12.28
N GLN C 313 -11.36 16.03 -11.74
CA GLN C 313 -11.04 15.61 -10.38
C GLN C 313 -9.79 14.75 -10.36
N GLY C 314 -8.69 15.26 -10.92
CA GLY C 314 -7.46 14.50 -11.01
C GLY C 314 -7.05 14.34 -12.46
N LYS C 315 -5.78 14.65 -12.74
CA LYS C 315 -5.27 14.58 -14.10
C LYS C 315 -4.92 13.16 -14.53
N ILE C 316 -4.92 12.20 -13.61
CA ILE C 316 -4.59 10.81 -13.89
C ILE C 316 -5.75 9.94 -13.46
N SER C 317 -6.13 8.99 -14.32
CA SER C 317 -7.13 8.00 -14.01
C SER C 317 -6.57 6.61 -14.31
N GLY C 318 -6.88 5.66 -13.44
CA GLY C 318 -6.42 4.30 -13.61
C GLY C 318 -7.55 3.30 -13.79
N SER C 319 -7.25 2.15 -14.38
CA SER C 319 -8.24 1.09 -14.56
C SER C 319 -7.50 -0.21 -14.84
N PRO C 320 -7.96 -1.34 -14.32
CA PRO C 320 -7.26 -2.61 -14.56
C PRO C 320 -7.38 -3.05 -16.01
N LEU C 321 -6.32 -3.69 -16.50
CA LEU C 321 -6.36 -4.25 -17.85
C LEU C 321 -7.31 -5.44 -17.93
N ASP C 322 -7.38 -6.23 -16.87
CA ASP C 322 -8.38 -7.28 -16.75
C ASP C 322 -9.71 -6.61 -16.46
N ILE C 323 -10.58 -6.54 -17.46
CA ILE C 323 -11.82 -5.77 -17.34
C ILE C 323 -12.77 -6.37 -16.32
N THR C 324 -12.60 -7.65 -15.98
CA THR C 324 -13.42 -8.30 -14.97
C THR C 324 -12.91 -8.07 -13.55
N ALA C 325 -11.81 -7.33 -13.38
CA ALA C 325 -11.27 -7.04 -12.06
C ALA C 325 -11.89 -5.80 -11.42
N ILE C 326 -12.92 -5.23 -12.05
CA ILE C 326 -13.61 -4.06 -11.51
C ILE C 326 -15.05 -4.11 -11.99
N ARG C 327 -15.98 -3.76 -11.11
CA ARG C 327 -17.40 -3.97 -11.40
C ARG C 327 -18.23 -2.91 -10.70
N GLY C 328 -19.42 -2.67 -11.26
CA GLY C 328 -20.42 -1.82 -10.64
C GLY C 328 -21.68 -2.62 -10.33
N SER C 329 -22.55 -2.01 -9.54
CA SER C 329 -23.81 -2.63 -9.16
C SER C 329 -24.94 -1.62 -9.32
N PHE C 330 -26.12 -2.12 -9.67
CA PHE C 330 -27.27 -1.28 -9.95
C PHE C 330 -28.51 -1.83 -9.28
N SER C 331 -29.44 -0.93 -8.98
CA SER C 331 -30.79 -1.27 -8.55
C SER C 331 -31.77 -0.50 -9.43
N VAL C 332 -32.72 -1.22 -10.04
CA VAL C 332 -33.71 -0.63 -10.92
C VAL C 332 -35.07 -0.77 -10.24
N ASN C 333 -35.70 0.37 -9.99
CA ASN C 333 -37.04 0.41 -9.37
C ASN C 333 -38.05 0.78 -10.45
N TYR C 334 -39.07 -0.06 -10.61
CA TYR C 334 -40.08 0.13 -11.63
C TYR C 334 -41.45 -0.21 -11.07
N ARG C 335 -42.42 0.66 -11.32
CA ARG C 335 -43.79 0.51 -10.82
C ARG C 335 -44.77 0.57 -11.98
N GLY C 336 -45.77 -0.31 -11.94
CA GLY C 336 -46.77 -0.35 -12.99
C GLY C 336 -46.30 -0.97 -14.29
N LEU C 337 -45.26 -1.80 -14.25
CA LEU C 337 -44.67 -2.38 -15.45
C LEU C 337 -44.22 -3.80 -15.17
N ARG C 338 -44.09 -4.58 -16.24
CA ARG C 338 -43.63 -5.96 -16.17
C ARG C 338 -42.28 -6.06 -16.86
N LEU C 339 -41.31 -6.69 -16.19
CA LEU C 339 -39.93 -6.71 -16.66
C LEU C 339 -39.64 -7.97 -17.46
N SER C 340 -38.95 -7.79 -18.59
CA SER C 340 -38.38 -8.89 -19.35
C SER C 340 -36.97 -8.50 -19.79
N LEU C 341 -36.15 -9.50 -20.05
CA LEU C 341 -34.72 -9.30 -20.29
C LEU C 341 -34.33 -9.80 -21.67
N SER C 342 -33.45 -9.05 -22.33
CA SER C 342 -32.84 -9.44 -23.60
C SER C 342 -31.45 -9.97 -23.31
N GLU C 343 -31.25 -11.28 -23.47
CA GLU C 343 -30.01 -11.93 -23.10
C GLU C 343 -29.60 -12.92 -24.18
N ILE C 344 -28.34 -12.86 -24.57
CA ILE C 344 -27.75 -13.85 -25.48
C ILE C 344 -26.26 -13.93 -25.19
N THR C 345 -25.72 -15.14 -25.19
CA THR C 345 -24.29 -15.31 -25.03
C THR C 345 -23.57 -15.02 -26.34
N ALA C 346 -22.29 -14.70 -26.22
CA ALA C 346 -21.47 -14.35 -27.36
C ALA C 346 -20.56 -15.50 -27.77
N THR C 347 -20.12 -15.45 -29.03
CA THR C 347 -19.16 -16.40 -29.57
C THR C 347 -18.03 -15.63 -30.23
N CYS C 348 -16.83 -16.21 -30.20
CA CYS C 348 -15.68 -15.54 -30.77
C CYS C 348 -14.59 -16.56 -31.11
N THR C 349 -13.93 -16.33 -32.23
CA THR C 349 -12.74 -17.07 -32.62
C THR C 349 -11.62 -16.08 -32.86
N GLY C 350 -10.39 -16.49 -32.58
CA GLY C 350 -9.27 -15.57 -32.56
C GLY C 350 -8.00 -16.17 -33.13
N GLU C 351 -7.16 -15.28 -33.66
CA GLU C 351 -5.80 -15.59 -34.08
C GLU C 351 -4.89 -14.50 -33.55
N VAL C 352 -3.75 -14.89 -32.99
CA VAL C 352 -2.76 -13.94 -32.47
C VAL C 352 -1.70 -13.74 -33.54
N THR C 353 -1.41 -12.47 -33.85
CA THR C 353 -0.50 -12.14 -34.95
C THR C 353 0.95 -12.05 -34.49
N ASN C 354 1.21 -11.40 -33.36
CA ASN C 354 2.59 -11.21 -32.90
C ASN C 354 2.62 -11.16 -31.38
N VAL C 355 3.72 -11.63 -30.81
CA VAL C 355 3.97 -11.61 -29.37
C VAL C 355 5.37 -11.03 -29.17
N SER C 356 5.43 -9.78 -28.71
CA SER C 356 6.70 -9.10 -28.50
C SER C 356 6.66 -8.34 -27.19
N GLY C 357 7.80 -7.80 -26.80
CA GLY C 357 7.93 -7.00 -25.59
C GLY C 357 8.96 -7.58 -24.64
N CYS C 358 8.70 -7.44 -23.34
CA CYS C 358 9.60 -7.88 -22.30
C CYS C 358 8.94 -8.95 -21.43
N TYR C 359 9.78 -9.69 -20.72
CA TYR C 359 9.33 -10.66 -19.73
C TYR C 359 9.86 -10.28 -18.36
N SER C 360 9.13 -10.68 -17.32
CA SER C 360 9.47 -10.34 -15.94
C SER C 360 9.63 -8.83 -15.77
N CYS C 361 8.74 -8.07 -16.40
CA CYS C 361 8.79 -6.63 -16.39
C CYS C 361 7.48 -6.05 -15.87
N MET C 362 7.50 -4.75 -15.58
CA MET C 362 6.33 -4.09 -15.04
C MET C 362 5.20 -3.99 -16.07
N THR C 363 5.55 -3.77 -17.33
CA THR C 363 4.54 -3.59 -18.37
C THR C 363 3.91 -4.91 -18.79
N GLY C 364 4.72 -5.96 -18.91
CA GLY C 364 4.25 -7.23 -19.44
C GLY C 364 4.33 -7.27 -20.95
N ALA C 365 4.34 -8.48 -21.48
CA ALA C 365 4.42 -8.67 -22.92
C ALA C 365 3.16 -8.15 -23.61
N LYS C 366 3.30 -7.83 -24.89
CA LYS C 366 2.21 -7.29 -25.70
C LYS C 366 1.80 -8.34 -26.72
N VAL C 367 0.60 -8.90 -26.56
CA VAL C 367 0.06 -9.91 -27.46
C VAL C 367 -0.96 -9.25 -28.38
N SER C 368 -0.71 -9.32 -29.68
CA SER C 368 -1.63 -8.81 -30.69
C SER C 368 -2.53 -9.94 -31.16
N ILE C 369 -3.83 -9.69 -31.21
CA ILE C 369 -4.82 -10.71 -31.56
C ILE C 369 -5.93 -10.06 -32.37
N LYS C 370 -6.26 -10.65 -33.52
CA LYS C 370 -7.45 -10.30 -34.26
C LYS C 370 -8.56 -11.25 -33.88
N LEU C 371 -9.77 -10.72 -33.73
CA LEU C 371 -10.86 -11.48 -33.14
C LEU C 371 -12.18 -11.09 -33.79
N HIS C 372 -12.99 -12.09 -34.14
CA HIS C 372 -14.34 -11.89 -34.63
C HIS C 372 -15.32 -12.31 -33.54
N SER C 373 -16.17 -11.38 -33.12
CA SER C 373 -17.16 -11.64 -32.09
C SER C 373 -18.56 -11.40 -32.66
N SER C 374 -19.52 -12.22 -32.21
CA SER C 374 -20.89 -12.07 -32.69
C SER C 374 -21.56 -10.82 -32.17
N LYS C 375 -21.00 -10.17 -31.15
CA LYS C 375 -21.58 -9.00 -30.53
C LYS C 375 -20.53 -8.34 -29.66
N ASN C 376 -20.84 -7.15 -29.16
CA ASN C 376 -20.03 -6.55 -28.10
C ASN C 376 -20.04 -7.46 -26.89
N SER C 377 -18.85 -7.83 -26.42
CA SER C 377 -18.76 -8.79 -25.32
C SER C 377 -17.39 -8.65 -24.67
N THR C 378 -17.06 -9.62 -23.82
CA THR C 378 -15.79 -9.67 -23.11
C THR C 378 -15.10 -10.98 -23.44
N ALA C 379 -13.87 -10.89 -23.93
CA ALA C 379 -13.07 -12.06 -24.27
C ALA C 379 -12.09 -12.38 -23.14
N HIS C 380 -11.92 -13.66 -22.87
CA HIS C 380 -11.00 -14.14 -21.85
C HIS C 380 -9.87 -14.92 -22.51
N VAL C 381 -8.64 -14.63 -22.08
CA VAL C 381 -7.44 -15.33 -22.54
C VAL C 381 -6.71 -15.82 -21.31
N ARG C 382 -6.44 -17.14 -21.26
CA ARG C 382 -5.84 -17.77 -20.09
C ARG C 382 -4.67 -18.63 -20.52
N CYS C 383 -3.48 -18.27 -20.04
CA CYS C 383 -2.28 -19.09 -20.17
C CYS C 383 -1.90 -19.64 -18.81
N LYS C 384 -0.96 -20.57 -18.79
CA LYS C 384 -0.42 -21.04 -17.54
C LYS C 384 0.37 -19.96 -16.81
N GLY C 385 0.86 -18.95 -17.53
CA GLY C 385 1.62 -17.88 -16.92
C GLY C 385 0.77 -16.72 -16.43
N ASP C 386 -0.31 -16.40 -17.14
CA ASP C 386 -1.12 -15.25 -16.79
C ASP C 386 -2.47 -15.36 -17.50
N GLU C 387 -3.41 -14.54 -17.05
CA GLU C 387 -4.74 -14.47 -17.65
C GLU C 387 -5.19 -13.01 -17.68
N THR C 388 -6.11 -12.71 -18.59
CA THR C 388 -6.67 -11.37 -18.70
C THR C 388 -8.02 -11.46 -19.40
N ALA C 389 -8.77 -10.36 -19.32
CA ALA C 389 -10.06 -10.24 -19.99
C ALA C 389 -10.20 -8.82 -20.51
N PHE C 390 -10.73 -8.70 -21.74
CA PHE C 390 -10.83 -7.41 -22.40
C PHE C 390 -12.11 -7.35 -23.21
N SER C 391 -12.61 -6.13 -23.42
CA SER C 391 -13.82 -5.92 -24.19
C SER C 391 -13.53 -6.03 -25.67
N VAL C 392 -14.45 -6.66 -26.40
CA VAL C 392 -14.33 -6.84 -27.83
C VAL C 392 -15.59 -6.31 -28.50
N LEU C 393 -15.46 -5.94 -29.76
CA LEU C 393 -16.56 -5.39 -30.55
C LEU C 393 -17.10 -6.43 -31.52
N GLU C 394 -18.35 -6.23 -31.92
CA GLU C 394 -18.95 -7.08 -32.93
C GLU C 394 -18.21 -6.90 -34.26
N GLY C 395 -18.04 -8.01 -34.97
CA GLY C 395 -17.26 -8.02 -36.19
C GLY C 395 -15.81 -8.41 -35.95
N VAL C 396 -15.00 -8.14 -36.96
CA VAL C 396 -13.58 -8.48 -36.94
C VAL C 396 -12.78 -7.24 -36.56
N HIS C 397 -12.05 -7.33 -35.45
CA HIS C 397 -11.18 -6.26 -35.00
C HIS C 397 -9.94 -6.87 -34.35
N SER C 398 -8.86 -6.09 -34.34
CA SER C 398 -7.60 -6.51 -33.74
C SER C 398 -7.41 -5.81 -32.40
N TYR C 399 -6.85 -6.55 -31.43
CA TYR C 399 -6.66 -6.04 -30.08
C TYR C 399 -5.25 -6.37 -29.61
N THR C 400 -4.72 -5.51 -28.74
CA THR C 400 -3.40 -5.68 -28.15
C THR C 400 -3.56 -5.76 -26.63
N VAL C 401 -3.35 -6.95 -26.08
CA VAL C 401 -3.54 -7.19 -24.66
C VAL C 401 -2.17 -7.42 -24.01
N SER C 402 -2.12 -7.23 -22.70
CA SER C 402 -0.89 -7.36 -21.93
C SER C 402 -0.92 -8.64 -21.11
N LEU C 403 0.04 -9.52 -21.35
CA LEU C 403 0.21 -10.74 -20.59
C LEU C 403 1.64 -10.83 -20.09
N SER C 404 1.82 -11.35 -18.89
CA SER C 404 3.13 -11.40 -18.25
C SER C 404 3.76 -12.77 -18.44
N PHE C 405 5.06 -12.78 -18.67
CA PHE C 405 5.83 -14.01 -18.79
C PHE C 405 7.12 -13.86 -17.99
N ASP C 406 7.71 -15.01 -17.64
CA ASP C 406 8.95 -15.03 -16.86
C ASP C 406 10.10 -15.68 -17.61
N HIS C 407 9.95 -15.93 -18.91
CA HIS C 407 11.01 -16.54 -19.70
C HIS C 407 11.10 -15.81 -21.04
N ALA C 408 12.25 -15.98 -21.71
CA ALA C 408 12.53 -15.22 -22.92
C ALA C 408 11.79 -15.77 -24.13
N VAL C 409 11.89 -17.07 -24.38
CA VAL C 409 11.28 -17.70 -25.56
C VAL C 409 9.90 -18.22 -25.19
N VAL C 410 8.88 -17.69 -25.85
CA VAL C 410 7.49 -18.03 -25.57
C VAL C 410 6.97 -18.90 -26.72
N ASP C 411 6.49 -20.10 -26.37
CA ASP C 411 5.91 -21.02 -27.35
C ASP C 411 4.97 -21.95 -26.58
N GLU C 412 3.74 -21.50 -26.40
CA GLU C 412 2.76 -22.23 -25.61
C GLU C 412 1.36 -21.97 -26.16
N GLN C 413 0.41 -22.74 -25.68
CA GLN C 413 -0.99 -22.65 -26.10
C GLN C 413 -1.84 -22.11 -24.96
N CYS C 414 -2.77 -21.22 -25.30
CA CYS C 414 -3.66 -20.61 -24.32
C CYS C 414 -5.10 -20.69 -24.83
N GLN C 415 -6.04 -20.56 -23.89
CA GLN C 415 -7.45 -20.71 -24.19
C GLN C 415 -8.12 -19.35 -24.37
N LEU C 416 -9.07 -19.29 -25.30
CA LEU C 416 -9.87 -18.10 -25.58
C LEU C 416 -11.34 -18.43 -25.36
N ASN C 417 -12.07 -17.51 -24.72
CA ASN C 417 -13.45 -17.81 -24.36
C ASN C 417 -14.30 -16.55 -24.43
N CYS C 418 -15.44 -16.67 -25.10
CA CYS C 418 -16.51 -15.68 -25.04
C CYS C 418 -17.81 -16.42 -24.73
N GLY C 419 -18.45 -16.04 -23.62
CA GLY C 419 -19.75 -16.58 -23.26
C GLY C 419 -19.85 -18.09 -23.18
N GLY C 420 -18.75 -18.76 -22.81
CA GLY C 420 -18.75 -20.19 -22.65
C GLY C 420 -18.32 -20.99 -23.86
N HIS C 421 -17.94 -20.33 -24.95
CA HIS C 421 -17.47 -21.00 -26.16
C HIS C 421 -15.94 -20.89 -26.19
N GLU C 422 -15.26 -22.00 -25.90
CA GLU C 422 -13.83 -22.01 -25.69
C GLU C 422 -13.09 -22.40 -26.97
N SER C 423 -12.01 -21.66 -27.26
CA SER C 423 -11.12 -21.90 -28.39
C SER C 423 -9.69 -21.83 -27.90
N GLN C 424 -8.74 -21.96 -28.82
CA GLN C 424 -7.32 -21.94 -28.48
C GLN C 424 -6.55 -21.09 -29.48
N VAL C 425 -5.49 -20.45 -28.99
CA VAL C 425 -4.62 -19.60 -29.79
C VAL C 425 -3.17 -19.95 -29.49
N THR C 426 -2.27 -19.51 -30.36
CA THR C 426 -0.87 -19.93 -30.35
C THR C 426 0.03 -18.72 -30.13
N LEU C 427 0.72 -18.68 -28.99
CA LEU C 427 1.64 -17.60 -28.66
C LEU C 427 3.06 -18.05 -28.98
N LYS C 428 3.67 -17.41 -29.99
CA LYS C 428 5.05 -17.68 -30.37
C LYS C 428 5.78 -16.35 -30.49
N GLY C 429 6.80 -16.16 -29.66
CA GLY C 429 7.56 -14.93 -29.71
C GLY C 429 8.74 -14.97 -28.78
N ASN C 430 9.53 -13.90 -28.82
CA ASN C 430 10.70 -13.75 -27.97
C ASN C 430 10.64 -12.43 -27.21
N LEU C 431 10.99 -12.47 -25.93
CA LEU C 431 10.91 -11.32 -25.05
C LEU C 431 12.30 -10.98 -24.52
N ILE C 432 12.48 -9.72 -24.15
CA ILE C 432 13.76 -9.22 -23.66
C ILE C 432 13.64 -8.91 -22.17
N PHE C 433 14.79 -8.68 -21.55
CA PHE C 433 14.87 -8.27 -20.15
C PHE C 433 15.40 -6.84 -20.08
N LEU C 434 14.77 -6.03 -19.23
CA LEU C 434 15.11 -4.62 -19.12
C LEU C 434 16.23 -4.41 -18.10
N ASP C 435 17.01 -3.36 -18.33
CA ASP C 435 18.14 -3.05 -17.46
C ASP C 435 17.67 -2.25 -16.25
N VAL C 436 18.51 -2.24 -15.22
CA VAL C 436 18.20 -1.52 -13.99
C VAL C 436 19.14 -0.35 -13.80
C1 NAG D . -32.04 9.71 13.45
C2 NAG D . -33.08 8.83 14.14
C3 NAG D . -33.05 9.07 15.64
C4 NAG D . -31.64 8.89 16.19
C5 NAG D . -30.67 9.77 15.42
C6 NAG D . -29.22 9.55 15.82
C7 NAG D . -35.20 8.11 13.13
C8 NAG D . -34.63 6.71 13.17
N2 NAG D . -34.40 9.08 13.61
O3 NAG D . -33.94 8.15 16.29
O4 NAG D . -31.60 9.23 17.57
O5 NAG D . -30.75 9.48 14.01
O6 NAG D . -28.53 8.77 14.86
O7 NAG D . -36.32 8.34 12.69
C1 NAG E . -16.49 -31.96 4.65
C2 NAG E . -17.22 -32.70 3.53
C3 NAG E . -16.37 -33.86 3.03
C4 NAG E . -14.98 -33.37 2.62
C5 NAG E . -14.34 -32.61 3.78
C6 NAG E . -13.03 -31.97 3.40
C7 NAG E . -19.65 -32.99 3.29
C8 NAG E . -19.52 -32.24 2.01
N2 NAG E . -18.51 -33.19 3.98
O3 NAG E . -17.01 -34.47 1.91
O4 NAG E . -14.15 -34.46 2.25
O5 NAG E . -15.21 -31.54 4.19
O6 NAG E . -13.21 -30.69 2.80
O7 NAG E . -20.73 -33.42 3.70
CL CL F . -6.17 -2.19 -1.12
C1 NAG G . -21.11 -1.95 -29.61
C2 NAG G . -22.49 -1.32 -29.77
C3 NAG G . -22.44 -0.17 -30.77
C4 NAG G . -21.37 0.84 -30.36
C5 NAG G . -20.03 0.14 -30.16
C6 NAG G . -18.96 1.05 -29.61
C7 NAG G . -24.64 -2.48 -29.55
C8 NAG G . -24.91 -1.58 -28.38
N2 NAG G . -23.48 -2.31 -30.17
O3 NAG G . -23.72 0.47 -30.81
O4 NAG G . -21.24 1.83 -31.37
O5 NAG G . -20.17 -0.94 -29.22
O6 NAG G . -19.13 1.28 -28.22
O7 NAG G . -25.46 -3.32 -29.92
#